data_8GDV
#
_entry.id   8GDV
#
_cell.length_a   133.172
_cell.length_b   133.172
_cell.length_c   205.250
_cell.angle_alpha   90.00
_cell.angle_beta   90.00
_cell.angle_gamma   90.00
#
_symmetry.space_group_name_H-M   'P 41 21 2'
#
loop_
_entity.id
_entity.type
_entity.pdbx_description
1 polymer 'Gag polyprotein'
2 polymer 'Cleavage and polyadenylation specificity factor subunit 6'
3 non-polymer 'INOSITOL HEXAKISPHOSPHATE'
#
loop_
_entity_poly.entity_id
_entity_poly.type
_entity_poly.pdbx_seq_one_letter_code
_entity_poly.pdbx_strand_id
1 'polypeptide(L)'
;PIVQNLQGQMVHQCISPRTLNAWVKVVEEKAFSPEVIPMFSALSCGATPQDLNTMLNTVGGHQAAIQMLKETINEEAAEW
DRLHPVHAGPIAPGQMREPRGSDIAGTTSTLQEQIGWMTHNPPIPVGEIYKRWIILGLNKIVRMYSPTSILDIRQGPKEP
FRDYVDRFYKTLRAEQASQEVKNAATETLLVQNANPDCKTILKALGPGATLEEMMTACQGVGGPGHKARVL
;
A,B,C,D,E,F
2 'polypeptide(L)' PVLFPGQPFGQPPLG M,N,O,P,Q,R
#
loop_
_chem_comp.id
_chem_comp.type
_chem_comp.name
_chem_comp.formula
IHP non-polymer 'INOSITOL HEXAKISPHOSPHATE' 'C6 H18 O24 P6'
#
# COMPACT_ATOMS: atom_id res chain seq x y z
N PRO A 1 -1.32 19.77 -5.85
CA PRO A 1 -2.63 20.41 -5.97
C PRO A 1 -2.92 21.40 -4.85
N ILE A 2 -4.04 22.09 -4.96
CA ILE A 2 -4.48 23.07 -3.96
C ILE A 2 -5.61 22.44 -3.16
N VAL A 3 -5.35 22.15 -1.88
CA VAL A 3 -6.31 21.48 -1.03
C VAL A 3 -6.60 22.36 0.19
N GLN A 4 -7.68 22.03 0.92
CA GLN A 4 -8.09 22.83 2.10
C GLN A 4 -7.55 22.22 3.39
N GLN A 9 -8.14 26.32 5.29
CA GLN A 9 -7.60 27.24 4.31
C GLN A 9 -7.03 26.51 3.08
N MET A 10 -7.19 27.11 1.91
CA MET A 10 -6.69 26.54 0.66
C MET A 10 -5.19 26.74 0.60
N VAL A 11 -4.42 25.64 0.67
CA VAL A 11 -2.97 25.68 0.63
C VAL A 11 -2.48 24.70 -0.42
N HIS A 12 -1.29 24.97 -0.97
CA HIS A 12 -0.68 24.08 -1.94
C HIS A 12 -0.09 22.85 -1.26
N GLN A 13 -0.11 21.74 -1.99
CA GLN A 13 0.46 20.49 -1.52
C GLN A 13 1.18 19.81 -2.67
N CYS A 14 2.31 19.19 -2.36
CA CYS A 14 3.08 18.48 -3.38
C CYS A 14 2.25 17.32 -3.93
N ILE A 15 2.34 17.10 -5.25
CA ILE A 15 1.66 15.98 -5.84
C ILE A 15 2.20 14.68 -5.26
N SER A 16 1.30 13.78 -4.90
CA SER A 16 1.68 12.64 -4.08
C SER A 16 2.28 11.52 -4.92
N PRO A 17 3.22 10.77 -4.35
CA PRO A 17 3.77 9.61 -5.07
C PRO A 17 2.72 8.60 -5.46
N ARG A 18 1.65 8.46 -4.67
CA ARG A 18 0.57 7.56 -5.06
C ARG A 18 -0.15 8.06 -6.31
N THR A 19 -0.39 9.36 -6.39
CA THR A 19 -1.04 9.91 -7.57
C THR A 19 -0.14 9.83 -8.80
N LEU A 20 1.16 10.11 -8.61
CA LEU A 20 2.10 9.97 -9.71
C LEU A 20 2.10 8.56 -10.26
N ASN A 21 2.37 7.58 -9.39
CA ASN A 21 2.47 6.20 -9.85
C ASN A 21 1.14 5.70 -10.40
N ALA A 22 0.01 6.16 -9.84
CA ALA A 22 -1.28 5.76 -10.37
C ALA A 22 -1.51 6.32 -11.76
N TRP A 23 -0.97 7.49 -12.06
CA TRP A 23 -1.10 8.06 -13.39
C TRP A 23 -0.14 7.44 -14.38
N VAL A 24 1.10 7.15 -13.94
CA VAL A 24 2.05 6.51 -14.83
C VAL A 24 1.60 5.10 -15.16
N LYS A 25 1.01 4.40 -14.18
CA LYS A 25 0.56 3.03 -14.39
C LYS A 25 -0.68 2.97 -15.27
N VAL A 26 -1.61 3.91 -15.11
CA VAL A 26 -2.82 3.89 -15.93
C VAL A 26 -2.53 4.29 -17.37
N VAL A 27 -1.41 4.98 -17.63
CA VAL A 27 -1.02 5.25 -19.01
C VAL A 27 -0.24 4.06 -19.58
N GLU A 28 0.57 3.41 -18.76
CA GLU A 28 1.31 2.25 -19.21
C GLU A 28 0.37 1.09 -19.55
N GLU A 29 -0.65 0.87 -18.72
CA GLU A 29 -1.56 -0.26 -18.90
C GLU A 29 -2.60 0.03 -19.98
N LYS A 30 -3.31 1.15 -19.87
CA LYS A 30 -4.46 1.43 -20.72
C LYS A 30 -4.14 2.33 -21.91
N ALA A 31 -2.88 2.75 -22.06
CA ALA A 31 -2.46 3.61 -23.17
C ALA A 31 -3.45 4.77 -23.20
N PHE A 32 -4.09 4.99 -24.34
CA PHE A 32 -5.10 6.02 -24.50
C PHE A 32 -6.51 5.48 -24.75
N SER A 33 -6.98 4.66 -23.82
CA SER A 33 -8.36 4.21 -23.82
C SER A 33 -9.26 5.32 -23.32
N PRO A 34 -10.56 5.27 -23.63
CA PRO A 34 -11.45 6.36 -23.22
C PRO A 34 -11.49 6.58 -21.73
N GLU A 35 -11.33 5.54 -20.91
CA GLU A 35 -11.40 5.70 -19.46
C GLU A 35 -10.13 6.29 -18.87
N VAL A 36 -9.08 6.51 -19.68
CA VAL A 36 -7.91 7.19 -19.17
C VAL A 36 -8.19 8.67 -18.96
N ILE A 37 -9.07 9.24 -19.78
CA ILE A 37 -9.39 10.66 -19.64
C ILE A 37 -10.02 10.98 -18.30
N PRO A 38 -11.08 10.29 -17.85
CA PRO A 38 -11.59 10.57 -16.50
C PRO A 38 -10.66 10.12 -15.40
N MET A 39 -9.73 9.19 -15.69
CA MET A 39 -8.71 8.84 -14.69
C MET A 39 -7.67 9.94 -14.57
N PHE A 40 -7.36 10.63 -15.67
CA PHE A 40 -6.49 11.80 -15.58
C PHE A 40 -7.16 12.94 -14.83
N SER A 41 -8.43 13.21 -15.16
CA SER A 41 -9.12 14.31 -14.51
C SER A 41 -9.34 14.05 -13.03
N ALA A 42 -9.49 12.78 -12.64
CA ALA A 42 -9.66 12.46 -11.23
C ALA A 42 -8.35 12.60 -10.47
N LEU A 43 -7.24 12.13 -11.06
CA LEU A 43 -5.94 12.25 -10.41
C LEU A 43 -5.43 13.68 -10.42
N SER A 44 -5.95 14.55 -11.29
CA SER A 44 -5.57 15.95 -11.36
C SER A 44 -6.58 16.84 -10.65
N CYS A 45 -7.26 16.32 -9.64
CA CYS A 45 -8.28 17.07 -8.94
C CYS A 45 -7.63 18.16 -8.09
N GLY A 46 -7.91 19.42 -8.43
CA GLY A 46 -7.32 20.53 -7.71
C GLY A 46 -5.90 20.84 -8.11
N ALA A 47 -5.42 20.31 -9.23
CA ALA A 47 -4.03 20.46 -9.62
C ALA A 47 -3.75 21.84 -10.20
N THR A 48 -2.59 22.37 -9.86
CA THR A 48 -2.10 23.58 -10.50
C THR A 48 -1.60 23.26 -11.90
N PRO A 49 -1.46 24.26 -12.77
CA PRO A 49 -0.85 23.99 -14.08
C PRO A 49 0.53 23.36 -13.98
N GLN A 50 1.27 23.64 -12.90
CA GLN A 50 2.55 22.98 -12.69
C GLN A 50 2.36 21.49 -12.42
N ASP A 51 1.39 21.15 -11.56
CA ASP A 51 1.11 19.74 -11.29
C ASP A 51 0.62 19.03 -12.53
N LEU A 52 -0.15 19.73 -13.37
CA LEU A 52 -0.60 19.16 -14.64
C LEU A 52 0.59 18.87 -15.55
N ASN A 53 1.50 19.85 -15.67
CA ASN A 53 2.69 19.62 -16.49
C ASN A 53 3.51 18.47 -15.94
N THR A 54 3.55 18.31 -14.62
CA THR A 54 4.30 17.20 -14.04
C THR A 54 3.69 15.86 -14.43
N MET A 55 2.36 15.76 -14.46
CA MET A 55 1.71 14.52 -14.83
C MET A 55 1.98 14.16 -16.28
N LEU A 56 1.97 15.15 -17.17
CA LEU A 56 2.24 14.89 -18.58
C LEU A 56 3.73 14.63 -18.84
N ASN A 57 4.62 15.29 -18.11
CA ASN A 57 6.04 15.04 -18.30
C ASN A 57 6.45 13.66 -17.80
N THR A 58 5.76 13.13 -16.78
CA THR A 58 6.04 11.79 -16.29
C THR A 58 5.59 10.70 -17.25
N VAL A 59 4.82 11.04 -18.27
CA VAL A 59 4.39 10.06 -19.26
C VAL A 59 5.58 9.74 -20.16
N GLY A 60 6.08 8.50 -20.06
CA GLY A 60 7.13 8.04 -20.95
C GLY A 60 6.54 7.38 -22.17
N GLY A 61 7.16 7.63 -23.32
CA GLY A 61 6.63 7.12 -24.55
C GLY A 61 5.37 7.86 -24.97
N HIS A 62 4.68 7.27 -25.94
CA HIS A 62 3.48 7.87 -26.53
C HIS A 62 3.75 9.31 -26.98
N GLN A 63 4.98 9.56 -27.45
CA GLN A 63 5.39 10.92 -27.75
C GLN A 63 4.65 11.52 -28.94
N ALA A 64 4.11 10.67 -29.84
CA ALA A 64 3.24 11.18 -30.88
C ALA A 64 1.98 11.77 -30.28
N ALA A 65 1.41 11.10 -29.28
CA ALA A 65 0.23 11.63 -28.60
C ALA A 65 0.59 12.83 -27.73
N ILE A 66 1.75 12.78 -27.07
CA ILE A 66 2.17 13.93 -26.27
C ILE A 66 2.37 15.16 -27.15
N GLN A 67 2.89 14.96 -28.36
CA GLN A 67 3.09 16.10 -29.25
C GLN A 67 1.77 16.63 -29.78
N MET A 68 0.80 15.74 -30.04
CA MET A 68 -0.53 16.20 -30.43
C MET A 68 -1.19 16.97 -29.30
N LEU A 69 -0.97 16.54 -28.06
CA LEU A 69 -1.50 17.26 -26.91
C LEU A 69 -0.90 18.66 -26.81
N LYS A 70 0.41 18.78 -27.05
CA LYS A 70 1.06 20.08 -27.02
C LYS A 70 0.47 21.02 -28.07
N GLU A 71 0.30 20.51 -29.30
CA GLU A 71 -0.25 21.33 -30.37
C GLU A 71 -1.70 21.71 -30.10
N THR A 72 -2.43 20.87 -29.36
CA THR A 72 -3.78 21.25 -28.94
C THR A 72 -3.73 22.33 -27.87
N ILE A 73 -2.78 22.22 -26.93
CA ILE A 73 -2.60 23.26 -25.93
C ILE A 73 -2.19 24.57 -26.60
N ASN A 74 -1.36 24.49 -27.64
CA ASN A 74 -0.99 25.68 -28.39
C ASN A 74 -2.20 26.33 -29.05
N GLU A 75 -3.09 25.52 -29.62
CA GLU A 75 -4.28 26.09 -30.26
C GLU A 75 -5.18 26.77 -29.24
N GLU A 76 -5.47 26.09 -28.13
CA GLU A 76 -6.38 26.66 -27.14
C GLU A 76 -5.77 27.84 -26.40
N ALA A 77 -4.46 27.84 -26.20
CA ALA A 77 -3.81 29.00 -25.63
C ALA A 77 -3.83 30.17 -26.61
N ALA A 78 -3.58 29.89 -27.88
CA ALA A 78 -3.67 30.93 -28.91
C ALA A 78 -5.08 31.48 -29.03
N GLU A 79 -6.09 30.63 -28.81
CA GLU A 79 -7.46 31.12 -28.79
C GLU A 79 -7.74 31.92 -27.53
N TRP A 80 -7.10 31.57 -26.42
CA TRP A 80 -7.27 32.33 -25.19
C TRP A 80 -6.64 33.71 -25.31
N ASP A 81 -5.50 33.81 -25.99
CA ASP A 81 -4.86 35.10 -26.20
C ASP A 81 -5.63 35.97 -27.20
N ARG A 82 -6.45 35.36 -28.05
CA ARG A 82 -7.33 36.12 -28.93
C ARG A 82 -8.54 36.67 -28.16
N LEU A 83 -9.10 35.87 -27.25
CA LEU A 83 -10.27 36.32 -26.50
C LEU A 83 -9.88 37.25 -25.36
N HIS A 84 -8.67 37.12 -24.82
CA HIS A 84 -8.22 37.90 -23.67
C HIS A 84 -6.95 38.65 -24.02
N PRO A 85 -7.05 39.71 -24.83
CA PRO A 85 -5.86 40.49 -25.19
C PRO A 85 -5.31 41.29 -24.00
N PRO A 99 -4.24 36.44 -16.67
CA PRO A 99 -3.30 35.41 -17.14
C PRO A 99 -3.36 35.20 -18.64
N ARG A 100 -2.21 35.22 -19.29
CA ARG A 100 -2.15 34.87 -20.71
C ARG A 100 -2.16 33.35 -20.88
N GLY A 101 -2.41 32.91 -22.11
CA GLY A 101 -2.49 31.48 -22.38
C GLY A 101 -1.24 30.74 -21.94
N SER A 102 -0.06 31.37 -22.13
CA SER A 102 1.17 30.72 -21.71
C SER A 102 1.29 30.67 -20.20
N ASP A 103 0.64 31.59 -19.49
CA ASP A 103 0.61 31.51 -18.04
C ASP A 103 -0.30 30.38 -17.56
N ILE A 104 -1.40 30.14 -18.29
CA ILE A 104 -2.30 29.05 -17.93
C ILE A 104 -1.62 27.71 -18.15
N ALA A 105 -0.84 27.59 -19.23
CA ALA A 105 -0.11 26.37 -19.52
C ALA A 105 1.04 26.11 -18.55
N GLY A 106 1.35 27.07 -17.68
CA GLY A 106 2.41 26.88 -16.71
C GLY A 106 3.81 27.14 -17.23
N THR A 107 3.94 27.64 -18.46
CA THR A 107 5.26 27.90 -19.03
C THR A 107 5.81 29.27 -18.66
N THR A 108 4.94 30.29 -18.61
CA THR A 108 5.36 31.65 -18.31
C THR A 108 4.83 32.15 -16.97
N SER A 109 4.32 31.26 -16.12
CA SER A 109 3.82 31.62 -14.81
C SER A 109 4.52 30.81 -13.75
N THR A 110 4.86 31.46 -12.63
CA THR A 110 5.46 30.74 -11.52
C THR A 110 4.38 30.01 -10.73
N LEU A 111 4.82 29.10 -9.86
CA LEU A 111 3.87 28.40 -9.00
C LEU A 111 3.14 29.38 -8.09
N GLN A 112 3.84 30.41 -7.61
CA GLN A 112 3.19 31.42 -6.78
C GLN A 112 2.12 32.17 -7.57
N GLU A 113 2.40 32.49 -8.83
CA GLU A 113 1.41 33.18 -9.66
C GLU A 113 0.20 32.29 -9.93
N GLN A 114 0.43 30.99 -10.15
CA GLN A 114 -0.68 30.08 -10.37
C GLN A 114 -1.52 29.91 -9.12
N ILE A 115 -0.88 29.80 -7.95
CA ILE A 115 -1.62 29.71 -6.70
C ILE A 115 -2.44 30.97 -6.48
N GLY A 116 -1.87 32.13 -6.83
CA GLY A 116 -2.60 33.37 -6.68
C GLY A 116 -3.86 33.42 -7.54
N TRP A 117 -3.76 33.01 -8.80
CA TRP A 117 -4.92 33.00 -9.67
C TRP A 117 -6.00 32.04 -9.16
N MET A 118 -5.59 30.90 -8.62
CA MET A 118 -6.56 29.91 -8.19
C MET A 118 -7.16 30.24 -6.82
N THR A 119 -6.34 30.81 -5.93
CA THR A 119 -6.80 31.17 -4.59
C THR A 119 -7.44 32.55 -4.51
N HIS A 120 -7.51 33.27 -5.63
CA HIS A 120 -8.10 34.60 -5.63
C HIS A 120 -9.59 34.53 -5.33
N ASN A 121 -10.15 35.67 -4.92
CA ASN A 121 -11.58 35.82 -4.69
C ASN A 121 -12.03 37.13 -5.32
N PRO A 122 -12.64 37.11 -6.52
CA PRO A 122 -13.01 35.90 -7.29
C PRO A 122 -11.82 35.20 -7.95
N PRO A 123 -11.88 33.88 -8.04
CA PRO A 123 -10.75 33.11 -8.53
C PRO A 123 -10.67 33.08 -10.05
N ILE A 124 -9.49 32.74 -10.54
CA ILE A 124 -9.26 32.40 -11.94
C ILE A 124 -8.69 30.98 -11.96
N PRO A 125 -9.53 29.97 -12.17
CA PRO A 125 -9.06 28.58 -12.04
C PRO A 125 -8.15 28.16 -13.19
N VAL A 126 -6.94 28.70 -13.25
CA VAL A 126 -6.02 28.36 -14.33
C VAL A 126 -5.73 26.86 -14.32
N GLY A 127 -5.77 26.23 -13.15
CA GLY A 127 -5.65 24.78 -13.13
C GLY A 127 -6.73 24.11 -13.94
N GLU A 128 -7.98 24.53 -13.76
CA GLU A 128 -9.09 23.94 -14.48
C GLU A 128 -9.14 24.40 -15.93
N ILE A 129 -8.63 25.60 -16.23
CA ILE A 129 -8.60 26.05 -17.61
C ILE A 129 -7.55 25.27 -18.39
N TYR A 130 -6.40 25.00 -17.77
CA TYR A 130 -5.35 24.24 -18.45
C TYR A 130 -5.72 22.78 -18.54
N LYS A 131 -6.39 22.24 -17.51
CA LYS A 131 -6.88 20.87 -17.58
C LYS A 131 -7.93 20.71 -18.65
N ARG A 132 -8.72 21.76 -18.91
CA ARG A 132 -9.71 21.69 -19.98
C ARG A 132 -9.03 21.60 -21.34
N TRP A 133 -7.87 22.24 -21.51
CA TRP A 133 -7.11 22.08 -22.74
C TRP A 133 -6.50 20.69 -22.84
N ILE A 134 -5.99 20.17 -21.74
CA ILE A 134 -5.40 18.83 -21.75
C ILE A 134 -6.45 17.78 -22.06
N ILE A 135 -7.61 17.88 -21.42
CA ILE A 135 -8.68 16.92 -21.65
C ILE A 135 -9.14 16.95 -23.11
N LEU A 136 -9.25 18.15 -23.68
CA LEU A 136 -9.65 18.26 -25.08
C LEU A 136 -8.65 17.58 -26.00
N GLY A 137 -7.35 17.75 -25.74
CA GLY A 137 -6.35 17.09 -26.56
C GLY A 137 -6.38 15.58 -26.40
N LEU A 138 -6.60 15.11 -25.16
CA LEU A 138 -6.68 13.67 -24.94
C LEU A 138 -7.88 13.07 -25.64
N ASN A 139 -8.98 13.82 -25.79
CA ASN A 139 -10.11 13.32 -26.55
C ASN A 139 -9.74 13.13 -28.02
N LYS A 140 -8.98 14.07 -28.59
CA LYS A 140 -8.52 13.90 -29.97
C LYS A 140 -7.55 12.73 -30.10
N ILE A 141 -6.78 12.45 -29.06
CA ILE A 141 -5.87 11.31 -29.09
C ILE A 141 -6.65 10.01 -29.00
N VAL A 142 -7.61 9.93 -28.07
CA VAL A 142 -8.41 8.72 -27.91
C VAL A 142 -9.20 8.43 -29.18
N ARG A 143 -9.75 9.47 -29.80
N ARG A 143 -9.73 9.48 -29.82
CA ARG A 143 -10.47 9.27 -31.06
CA ARG A 143 -10.47 9.29 -31.06
C ARG A 143 -9.55 8.73 -32.14
C ARG A 143 -9.57 8.78 -32.18
N MET A 144 -8.32 9.24 -32.20
CA MET A 144 -7.39 8.78 -33.24
C MET A 144 -6.97 7.34 -33.01
N TYR A 145 -6.66 7.00 -31.76
CA TYR A 145 -6.16 5.68 -31.39
C TYR A 145 -7.26 4.63 -31.33
N SER A 146 -8.49 4.98 -31.69
CA SER A 146 -9.59 4.02 -31.70
C SER A 146 -9.33 2.98 -32.78
N PRO A 147 -9.08 1.72 -32.44
CA PRO A 147 -8.64 0.75 -33.45
C PRO A 147 -9.72 0.45 -34.47
N THR A 148 -10.89 -0.01 -34.01
CA THR A 148 -11.93 -0.51 -34.89
C THR A 148 -13.07 0.49 -35.01
N SER A 149 -13.85 0.32 -36.07
CA SER A 149 -15.02 1.14 -36.32
C SER A 149 -16.27 0.45 -35.78
N ILE A 150 -17.31 1.26 -35.54
CA ILE A 150 -18.56 0.70 -35.06
C ILE A 150 -19.23 -0.14 -36.13
N LEU A 151 -18.83 0.09 -37.39
CA LEU A 151 -19.46 -0.64 -38.51
C LEU A 151 -18.68 -1.92 -38.74
N ASP A 152 -17.95 -2.36 -37.73
CA ASP A 152 -17.13 -3.60 -37.85
C ASP A 152 -17.29 -4.40 -36.57
N ILE A 153 -18.25 -4.01 -35.72
CA ILE A 153 -18.50 -4.76 -34.46
C ILE A 153 -19.73 -5.62 -34.65
N ARG A 154 -19.59 -6.77 -35.29
CA ARG A 154 -20.68 -7.73 -35.41
C ARG A 154 -20.47 -8.84 -34.39
N GLN A 155 -21.54 -9.53 -34.00
CA GLN A 155 -21.45 -10.48 -32.84
C GLN A 155 -20.68 -11.77 -33.08
N GLY A 156 -20.90 -12.45 -34.18
CA GLY A 156 -20.33 -13.77 -34.34
C GLY A 156 -21.07 -15.02 -33.95
N PRO A 157 -20.45 -16.17 -34.19
CA PRO A 157 -21.16 -17.44 -34.02
C PRO A 157 -21.66 -17.67 -32.60
N LYS A 158 -20.74 -17.80 -31.65
CA LYS A 158 -21.09 -18.16 -30.28
C LYS A 158 -20.57 -17.15 -29.27
N GLU A 159 -20.43 -15.89 -29.69
CA GLU A 159 -20.11 -14.85 -28.73
C GLU A 159 -21.36 -14.48 -27.94
N PRO A 160 -21.30 -14.47 -26.61
CA PRO A 160 -22.46 -14.06 -25.83
C PRO A 160 -22.88 -12.64 -26.18
N PHE A 161 -24.19 -12.39 -26.14
CA PHE A 161 -24.70 -11.07 -26.49
C PHE A 161 -24.13 -10.00 -25.57
N ARG A 162 -23.93 -10.33 -24.30
CA ARG A 162 -23.31 -9.38 -23.37
C ARG A 162 -21.95 -8.94 -23.88
N ASP A 163 -21.10 -9.91 -24.25
CA ASP A 163 -19.78 -9.59 -24.76
C ASP A 163 -19.85 -8.76 -26.04
N TYR A 164 -20.87 -9.01 -26.87
CA TYR A 164 -21.01 -8.26 -28.11
C TYR A 164 -21.45 -6.83 -27.84
N VAL A 165 -22.40 -6.63 -26.93
CA VAL A 165 -22.83 -5.27 -26.60
C VAL A 165 -21.72 -4.53 -25.86
N ASP A 166 -20.94 -5.23 -25.04
CA ASP A 166 -19.79 -4.62 -24.40
C ASP A 166 -18.83 -4.07 -25.44
N ARG A 167 -18.43 -4.90 -26.41
CA ARG A 167 -17.54 -4.43 -27.47
C ARG A 167 -18.19 -3.33 -28.30
N PHE A 168 -19.51 -3.39 -28.48
CA PHE A 168 -20.19 -2.39 -29.30
C PHE A 168 -20.07 -1.00 -28.70
N TYR A 169 -20.58 -0.83 -27.48
CA TYR A 169 -20.53 0.48 -26.83
C TYR A 169 -19.12 0.87 -26.42
N LYS A 170 -18.21 -0.09 -26.27
CA LYS A 170 -16.81 0.25 -26.05
C LYS A 170 -16.19 0.85 -27.31
N THR A 171 -16.54 0.30 -28.47
CA THR A 171 -16.09 0.89 -29.73
C THR A 171 -16.84 2.18 -30.03
N LEU A 172 -18.11 2.26 -29.61
CA LEU A 172 -18.87 3.50 -29.77
C LEU A 172 -18.31 4.60 -28.88
N ARG A 173 -17.91 4.26 -27.66
CA ARG A 173 -17.38 5.26 -26.74
C ARG A 173 -16.10 5.87 -27.27
N ALA A 174 -15.24 5.06 -27.87
CA ALA A 174 -13.93 5.55 -28.29
C ALA A 174 -14.03 6.41 -29.54
N GLU A 175 -14.88 6.02 -30.49
CA GLU A 175 -14.94 6.74 -31.75
C GLU A 175 -15.57 8.12 -31.62
N GLN A 176 -16.32 8.37 -30.55
CA GLN A 176 -16.78 9.71 -30.18
C GLN A 176 -17.57 10.39 -31.30
N ALA A 177 -18.43 9.62 -31.97
CA ALA A 177 -19.32 10.22 -32.95
C ALA A 177 -20.28 11.19 -32.27
N SER A 178 -20.90 12.06 -33.08
CA SER A 178 -21.88 12.98 -32.54
C SER A 178 -23.03 12.21 -31.90
N GLN A 179 -23.68 12.86 -30.92
CA GLN A 179 -24.71 12.17 -30.16
C GLN A 179 -25.86 11.71 -31.05
N GLU A 180 -26.14 12.46 -32.12
CA GLU A 180 -27.16 12.02 -33.07
C GLU A 180 -26.76 10.72 -33.76
N VAL A 181 -25.46 10.57 -34.07
CA VAL A 181 -24.98 9.34 -34.67
C VAL A 181 -24.98 8.20 -33.67
N LYS A 182 -24.56 8.48 -32.42
CA LYS A 182 -24.52 7.44 -31.40
C LYS A 182 -25.90 6.87 -31.13
N ASN A 183 -26.89 7.74 -30.89
CA ASN A 183 -28.24 7.28 -30.63
C ASN A 183 -28.76 6.41 -31.77
N ALA A 184 -28.59 6.87 -33.01
CA ALA A 184 -29.11 6.12 -34.16
C ALA A 184 -28.32 4.84 -34.38
N ALA A 185 -27.01 4.87 -34.17
CA ALA A 185 -26.20 3.66 -34.32
C ALA A 185 -26.58 2.61 -33.29
N THR A 186 -27.06 3.02 -32.13
CA THR A 186 -27.49 2.07 -31.11
C THR A 186 -28.81 1.42 -31.47
N GLU A 187 -29.81 2.23 -31.83
CA GLU A 187 -31.13 1.68 -32.13
C GLU A 187 -31.10 0.80 -33.38
N THR A 188 -30.20 1.08 -34.33
CA THR A 188 -30.19 0.38 -35.61
C THR A 188 -29.05 -0.62 -35.72
N LEU A 189 -27.80 -0.15 -35.61
CA LEU A 189 -26.66 -1.02 -35.93
C LEU A 189 -26.45 -2.11 -34.88
N LEU A 190 -26.92 -1.91 -33.66
CA LEU A 190 -26.73 -2.93 -32.63
C LEU A 190 -27.50 -4.21 -32.94
N VAL A 191 -28.80 -4.07 -33.21
CA VAL A 191 -29.61 -5.23 -33.57
C VAL A 191 -29.27 -5.72 -34.97
N GLN A 192 -28.86 -4.82 -35.86
CA GLN A 192 -28.54 -5.21 -37.23
C GLN A 192 -27.33 -6.14 -37.28
N ASN A 193 -26.37 -5.97 -36.38
CA ASN A 193 -25.13 -6.72 -36.40
C ASN A 193 -25.11 -7.89 -35.43
N ALA A 194 -26.22 -8.17 -34.76
CA ALA A 194 -26.30 -9.34 -33.91
C ALA A 194 -26.49 -10.61 -34.76
N ASN A 195 -26.04 -11.74 -34.22
CA ASN A 195 -26.18 -13.00 -34.93
C ASN A 195 -27.66 -13.35 -35.07
N PRO A 196 -28.02 -14.09 -36.13
CA PRO A 196 -29.45 -14.38 -36.37
C PRO A 196 -30.13 -15.09 -35.20
N ASP A 197 -29.38 -15.78 -34.34
CA ASP A 197 -29.97 -16.37 -33.14
C ASP A 197 -30.60 -15.28 -32.27
N CYS A 198 -29.82 -14.25 -31.93
CA CYS A 198 -30.33 -13.13 -31.16
C CYS A 198 -31.10 -12.13 -32.00
N LYS A 199 -30.64 -11.91 -33.24
CA LYS A 199 -31.24 -10.88 -34.09
C LYS A 199 -32.73 -11.12 -34.30
N THR A 200 -33.13 -12.39 -34.41
CA THR A 200 -34.55 -12.68 -34.61
C THR A 200 -35.35 -12.51 -33.33
N ILE A 201 -34.72 -12.70 -32.17
CA ILE A 201 -35.44 -12.54 -30.91
C ILE A 201 -35.65 -11.06 -30.60
N LEU A 202 -34.64 -10.22 -30.87
CA LEU A 202 -34.80 -8.79 -30.69
C LEU A 202 -35.89 -8.23 -31.60
N LYS A 203 -35.92 -8.69 -32.86
CA LYS A 203 -36.90 -8.24 -33.84
C LYS A 203 -36.86 -6.72 -34.02
N GLY A 206 -39.80 -6.47 -31.30
CA GLY A 206 -40.55 -5.23 -31.25
C GLY A 206 -39.67 -4.00 -31.15
N PRO A 207 -40.02 -2.94 -31.89
CA PRO A 207 -39.18 -1.74 -31.89
C PRO A 207 -39.31 -0.95 -30.60
N GLY A 208 -38.31 -0.11 -30.35
CA GLY A 208 -38.30 0.73 -29.17
C GLY A 208 -38.07 -0.03 -27.88
N ALA A 209 -37.16 -1.00 -27.89
CA ALA A 209 -36.81 -1.75 -26.69
C ALA A 209 -35.60 -1.12 -26.01
N THR A 210 -35.51 -1.34 -24.71
CA THR A 210 -34.35 -0.87 -23.96
C THR A 210 -33.28 -1.96 -23.93
N LEU A 211 -32.07 -1.56 -23.52
CA LEU A 211 -30.94 -2.49 -23.56
C LEU A 211 -31.14 -3.67 -22.61
N GLU A 212 -31.78 -3.45 -21.46
CA GLU A 212 -32.03 -4.56 -20.56
C GLU A 212 -33.09 -5.50 -21.11
N GLU A 213 -34.05 -4.98 -21.88
CA GLU A 213 -34.98 -5.85 -22.60
C GLU A 213 -34.26 -6.59 -23.72
N MET A 214 -33.29 -5.94 -24.36
CA MET A 214 -32.58 -6.56 -25.47
C MET A 214 -31.66 -7.67 -24.98
N THR A 216 -31.91 -10.00 -23.16
CA THR A 216 -32.92 -10.80 -22.44
C THR A 216 -32.17 -12.00 -21.90
N ALA A 217 -31.27 -12.55 -22.70
CA ALA A 217 -30.45 -13.71 -22.31
C ALA A 217 -29.66 -14.06 -23.56
N CYS A 218 -30.08 -13.48 -24.68
CA CYS A 218 -29.43 -13.76 -25.97
C CYS A 218 -29.85 -12.67 -26.94
N PRO B 1 -15.45 13.40 -2.34
CA PRO B 1 -16.59 13.29 -1.44
C PRO B 1 -16.69 14.45 -0.47
N ILE B 2 -17.73 14.48 0.36
CA ILE B 2 -17.91 15.47 1.41
C ILE B 2 -17.62 14.79 2.74
N VAL B 3 -16.55 15.22 3.42
CA VAL B 3 -16.16 14.65 4.69
C VAL B 3 -16.10 15.77 5.74
N GLN B 4 -16.19 15.37 7.00
CA GLN B 4 -16.14 16.30 8.12
C GLN B 4 -14.70 16.47 8.59
N ASN B 5 -14.28 17.71 8.76
CA ASN B 5 -12.96 18.02 9.28
C ASN B 5 -12.97 18.02 10.81
N LEU B 6 -11.80 18.24 11.41
CA LEU B 6 -11.66 18.23 12.86
C LEU B 6 -12.46 19.36 13.50
N MET B 10 -18.00 19.90 7.69
CA MET B 10 -18.25 19.31 6.39
C MET B 10 -17.59 20.13 5.28
N VAL B 11 -16.64 19.52 4.57
CA VAL B 11 -15.89 20.18 3.51
C VAL B 11 -15.66 19.18 2.39
N HIS B 12 -15.65 19.67 1.15
CA HIS B 12 -15.39 18.80 0.01
C HIS B 12 -13.95 18.33 -0.01
N GLN B 13 -13.74 17.16 -0.59
CA GLN B 13 -12.42 16.58 -0.70
C GLN B 13 -12.33 15.87 -2.05
N CYS B 14 -11.15 15.90 -2.66
CA CYS B 14 -10.96 15.19 -3.91
C CYS B 14 -11.09 13.69 -3.67
N ILE B 15 -11.65 12.98 -4.64
CA ILE B 15 -11.73 11.52 -4.54
C ILE B 15 -10.32 10.95 -4.55
N SER B 16 -10.06 10.02 -3.63
CA SER B 16 -8.71 9.53 -3.38
C SER B 16 -8.27 8.55 -4.45
N PRO B 17 -6.98 8.56 -4.80
CA PRO B 17 -6.47 7.54 -5.73
C PRO B 17 -6.67 6.12 -5.23
N ARG B 18 -6.51 5.90 -3.93
CA ARG B 18 -6.80 4.59 -3.36
C ARG B 18 -8.24 4.18 -3.65
N THR B 19 -9.18 5.10 -3.43
CA THR B 19 -10.57 4.84 -3.77
C THR B 19 -10.75 4.63 -5.27
N LEU B 20 -10.06 5.44 -6.08
CA LEU B 20 -10.16 5.28 -7.53
C LEU B 20 -9.65 3.93 -7.98
N ASN B 21 -8.43 3.56 -7.57
CA ASN B 21 -7.84 2.31 -8.03
C ASN B 21 -8.59 1.11 -7.49
N ALA B 22 -9.05 1.17 -6.23
CA ALA B 22 -9.80 0.05 -5.68
C ALA B 22 -11.09 -0.19 -6.47
N TRP B 23 -11.76 0.89 -6.88
CA TRP B 23 -13.00 0.73 -7.64
C TRP B 23 -12.72 0.17 -9.03
N VAL B 24 -11.71 0.69 -9.71
CA VAL B 24 -11.42 0.17 -11.05
C VAL B 24 -10.95 -1.28 -10.97
N LYS B 25 -10.27 -1.66 -9.89
N LYS B 25 -10.29 -1.65 -9.88
CA LYS B 25 -9.80 -3.03 -9.78
CA LYS B 25 -9.79 -3.02 -9.74
C LYS B 25 -10.91 -3.99 -9.36
C LYS B 25 -10.89 -3.99 -9.35
N VAL B 26 -11.87 -3.53 -8.55
CA VAL B 26 -12.98 -4.39 -8.16
C VAL B 26 -13.91 -4.64 -9.33
N VAL B 27 -14.06 -3.65 -10.22
CA VAL B 27 -14.83 -3.87 -11.45
C VAL B 27 -14.06 -4.75 -12.41
N GLU B 28 -12.73 -4.59 -12.46
CA GLU B 28 -11.92 -5.44 -13.33
C GLU B 28 -11.94 -6.90 -12.86
N GLU B 29 -11.86 -7.11 -11.55
CA GLU B 29 -11.78 -8.48 -11.04
C GLU B 29 -13.15 -9.15 -10.97
N LYS B 30 -14.09 -8.52 -10.29
CA LYS B 30 -15.38 -9.13 -10.00
C LYS B 30 -16.48 -8.73 -10.99
N ALA B 31 -16.14 -7.92 -12.00
CA ALA B 31 -17.09 -7.50 -13.02
C ALA B 31 -18.33 -7.02 -12.28
N PHE B 32 -19.47 -7.63 -12.57
CA PHE B 32 -20.72 -7.32 -11.88
C PHE B 32 -21.27 -8.48 -11.08
N SER B 33 -20.47 -9.00 -10.16
CA SER B 33 -20.96 -9.96 -9.19
C SER B 33 -21.82 -9.22 -8.17
N PRO B 34 -22.66 -9.94 -7.42
CA PRO B 34 -23.52 -9.25 -6.43
C PRO B 34 -22.74 -8.45 -5.40
N GLU B 35 -21.52 -8.86 -5.06
CA GLU B 35 -20.76 -8.16 -4.02
C GLU B 35 -20.02 -6.94 -4.54
N VAL B 36 -20.22 -6.56 -5.81
CA VAL B 36 -19.67 -5.30 -6.30
C VAL B 36 -20.57 -4.12 -5.97
N ILE B 37 -21.83 -4.38 -5.61
CA ILE B 37 -22.79 -3.34 -5.26
C ILE B 37 -22.42 -2.70 -3.93
N PRO B 38 -22.24 -3.45 -2.83
CA PRO B 38 -21.84 -2.79 -1.58
C PRO B 38 -20.45 -2.20 -1.63
N MET B 39 -19.55 -2.79 -2.43
CA MET B 39 -18.22 -2.22 -2.59
C MET B 39 -18.30 -0.84 -3.24
N PHE B 40 -19.18 -0.68 -4.23
CA PHE B 40 -19.41 0.63 -4.82
C PHE B 40 -19.99 1.60 -3.79
N SER B 41 -20.97 1.14 -3.00
CA SER B 41 -21.60 2.01 -2.02
C SER B 41 -20.61 2.44 -0.94
N ALA B 42 -19.70 1.54 -0.54
CA ALA B 42 -18.74 1.87 0.50
C ALA B 42 -17.63 2.77 -0.02
N LEU B 43 -17.21 2.56 -1.27
CA LEU B 43 -16.19 3.41 -1.86
C LEU B 43 -16.75 4.78 -2.22
N SER B 44 -18.03 4.84 -2.57
CA SER B 44 -18.71 6.10 -2.86
C SER B 44 -19.30 6.75 -1.62
N CYS B 45 -18.78 6.42 -0.43
CA CYS B 45 -19.33 6.94 0.81
C CYS B 45 -19.12 8.44 0.89
N GLY B 46 -20.21 9.19 1.00
CA GLY B 46 -20.12 10.64 1.04
C GLY B 46 -19.83 11.29 -0.29
N ALA B 47 -20.01 10.57 -1.39
CA ALA B 47 -19.61 11.06 -2.70
C ALA B 47 -20.66 11.99 -3.27
N THR B 48 -20.18 13.06 -3.91
CA THR B 48 -21.05 13.96 -4.65
C THR B 48 -21.45 13.32 -5.97
N PRO B 49 -22.48 13.84 -6.64
CA PRO B 49 -22.79 13.36 -8.00
C PRO B 49 -21.61 13.50 -8.96
N GLN B 50 -20.76 14.49 -8.76
CA GLN B 50 -19.56 14.59 -9.60
C GLN B 50 -18.62 13.42 -9.33
N ASP B 51 -18.39 13.09 -8.06
CA ASP B 51 -17.52 11.95 -7.72
C ASP B 51 -18.15 10.63 -8.15
N LEU B 52 -19.48 10.54 -8.17
CA LEU B 52 -20.12 9.33 -8.68
C LEU B 52 -19.92 9.20 -10.18
N ASN B 53 -20.13 10.29 -10.93
CA ASN B 53 -19.88 10.26 -12.36
C ASN B 53 -18.44 9.87 -12.66
N THR B 54 -17.49 10.37 -11.85
CA THR B 54 -16.09 10.02 -12.05
C THR B 54 -15.85 8.53 -11.88
N MET B 55 -16.49 7.92 -10.86
CA MET B 55 -16.29 6.50 -10.64
C MET B 55 -16.84 5.67 -11.79
N LEU B 56 -17.97 6.07 -12.36
CA LEU B 56 -18.55 5.35 -13.49
C LEU B 56 -17.79 5.62 -14.78
N ASN B 57 -17.23 6.83 -14.93
CA ASN B 57 -16.49 7.16 -16.14
C ASN B 57 -15.13 6.47 -16.18
N THR B 58 -14.50 6.27 -15.01
CA THR B 58 -13.23 5.57 -14.96
C THR B 58 -13.36 4.09 -15.27
N VAL B 59 -14.57 3.56 -15.31
CA VAL B 59 -14.80 2.15 -15.63
C VAL B 59 -14.58 1.96 -17.12
N GLY B 60 -13.52 1.23 -17.48
CA GLY B 60 -13.31 0.84 -18.86
C GLY B 60 -14.01 -0.47 -19.16
N GLY B 61 -14.51 -0.58 -20.38
CA GLY B 61 -15.24 -1.77 -20.76
C GLY B 61 -16.57 -1.86 -20.00
N HIS B 62 -17.20 -3.04 -20.10
CA HIS B 62 -18.53 -3.27 -19.55
C HIS B 62 -19.53 -2.24 -20.04
N GLN B 63 -19.28 -1.63 -21.19
CA GLN B 63 -20.09 -0.54 -21.66
C GLN B 63 -21.53 -0.96 -21.96
N ALA B 64 -21.82 -2.26 -22.01
CA ALA B 64 -23.21 -2.70 -22.01
C ALA B 64 -23.87 -2.34 -20.69
N ALA B 65 -23.24 -2.72 -19.59
CA ALA B 65 -23.75 -2.37 -18.27
C ALA B 65 -23.75 -0.86 -18.06
N ILE B 66 -22.74 -0.17 -18.60
CA ILE B 66 -22.68 1.28 -18.46
C ILE B 66 -23.87 1.92 -19.14
N GLN B 67 -24.27 1.41 -20.30
CA GLN B 67 -25.41 1.97 -21.01
C GLN B 67 -26.73 1.67 -20.30
N MET B 68 -26.91 0.42 -19.86
CA MET B 68 -28.07 0.08 -19.04
C MET B 68 -28.13 0.94 -17.79
N LEU B 69 -26.97 1.22 -17.18
CA LEU B 69 -26.93 2.09 -16.02
C LEU B 69 -27.37 3.50 -16.39
N LYS B 70 -27.00 3.97 -17.58
CA LYS B 70 -27.41 5.29 -18.01
C LYS B 70 -28.92 5.34 -18.24
N GLU B 71 -29.46 4.36 -18.95
CA GLU B 71 -30.89 4.34 -19.23
C GLU B 71 -31.70 4.20 -17.95
N THR B 72 -31.16 3.49 -16.94
CA THR B 72 -31.83 3.44 -15.65
C THR B 72 -31.83 4.81 -14.97
N ILE B 73 -30.70 5.52 -15.04
CA ILE B 73 -30.63 6.87 -14.49
C ILE B 73 -31.63 7.79 -15.18
N ASN B 74 -31.79 7.62 -16.50
CA ASN B 74 -32.75 8.44 -17.23
C ASN B 74 -34.17 8.21 -16.74
N GLU B 75 -34.51 6.95 -16.43
CA GLU B 75 -35.85 6.65 -15.93
C GLU B 75 -36.05 7.24 -14.54
N GLU B 76 -35.04 7.12 -13.68
CA GLU B 76 -35.16 7.66 -12.33
C GLU B 76 -35.13 9.18 -12.32
N ALA B 77 -34.36 9.79 -13.23
CA ALA B 77 -34.35 11.25 -13.33
C ALA B 77 -35.66 11.77 -13.93
N ALA B 78 -36.20 11.05 -14.91
CA ALA B 78 -37.52 11.42 -15.45
C ALA B 78 -38.61 11.26 -14.40
N GLU B 79 -38.50 10.20 -13.58
CA GLU B 79 -39.47 10.01 -12.50
C GLU B 79 -39.31 11.08 -11.42
N TRP B 80 -38.08 11.53 -11.17
CA TRP B 80 -37.86 12.61 -10.23
C TRP B 80 -38.44 13.93 -10.72
N ASP B 81 -38.40 14.17 -12.03
CA ASP B 81 -39.02 15.37 -12.60
C ASP B 81 -40.54 15.29 -12.59
N ARG B 82 -41.11 14.09 -12.56
CA ARG B 82 -42.56 13.97 -12.48
C ARG B 82 -43.07 14.28 -11.08
N LEU B 83 -42.39 13.73 -10.06
CA LEU B 83 -42.81 13.95 -8.68
C LEU B 83 -42.43 15.33 -8.16
N HIS B 84 -41.40 15.96 -8.74
CA HIS B 84 -40.92 17.27 -8.31
C HIS B 84 -40.94 18.23 -9.50
N PRO B 85 -42.12 18.75 -9.87
CA PRO B 85 -42.23 19.71 -10.98
C PRO B 85 -41.66 21.09 -10.64
N ARG B 97 -32.74 26.77 -5.30
CA ARG B 97 -33.35 26.08 -6.43
C ARG B 97 -33.47 24.59 -6.17
N GLU B 98 -34.68 24.06 -6.29
CA GLU B 98 -34.90 22.64 -6.08
C GLU B 98 -34.21 21.85 -7.18
N PRO B 99 -33.42 20.82 -6.85
CA PRO B 99 -32.63 20.14 -7.88
C PRO B 99 -33.51 19.27 -8.77
N ARG B 100 -33.42 19.50 -10.07
CA ARG B 100 -34.10 18.63 -11.02
C ARG B 100 -33.29 17.35 -11.21
N GLY B 101 -33.90 16.39 -11.93
CA GLY B 101 -33.26 15.10 -12.12
C GLY B 101 -31.89 15.20 -12.78
N SER B 102 -31.75 16.12 -13.74
CA SER B 102 -30.46 16.30 -14.40
C SER B 102 -29.44 16.92 -13.45
N ASP B 103 -29.89 17.76 -12.50
CA ASP B 103 -28.97 18.31 -11.51
C ASP B 103 -28.48 17.23 -10.55
N ILE B 104 -29.35 16.27 -10.21
CA ILE B 104 -28.94 15.20 -9.30
C ILE B 104 -27.95 14.27 -9.99
N ALA B 105 -28.16 13.99 -11.28
CA ALA B 105 -27.22 13.19 -12.05
C ALA B 105 -25.90 13.91 -12.29
N GLY B 106 -25.80 15.18 -11.92
CA GLY B 106 -24.58 15.95 -12.08
C GLY B 106 -24.38 16.55 -13.44
N THR B 107 -25.34 16.38 -14.37
CA THR B 107 -25.15 16.84 -15.73
C THR B 107 -25.43 18.33 -15.91
N THR B 108 -26.39 18.87 -15.16
CA THR B 108 -26.76 20.28 -15.27
C THR B 108 -26.44 21.07 -14.01
N SER B 109 -25.62 20.52 -13.11
CA SER B 109 -25.31 21.16 -11.85
C SER B 109 -23.79 21.26 -11.69
N THR B 110 -23.33 22.40 -11.18
CA THR B 110 -21.92 22.58 -10.89
C THR B 110 -21.57 21.93 -9.55
N LEU B 111 -20.27 21.80 -9.29
CA LEU B 111 -19.83 21.20 -8.03
C LEU B 111 -20.24 22.07 -6.85
N GLN B 112 -20.14 23.40 -7.00
CA GLN B 112 -20.63 24.29 -5.95
C GLN B 112 -22.11 24.08 -5.70
N GLU B 113 -22.89 23.88 -6.77
CA GLU B 113 -24.32 23.66 -6.59
C GLU B 113 -24.59 22.36 -5.86
N GLN B 114 -23.90 21.28 -6.24
CA GLN B 114 -24.11 20.00 -5.57
C GLN B 114 -23.66 20.05 -4.11
N ILE B 115 -22.54 20.74 -3.85
CA ILE B 115 -22.08 20.88 -2.47
C ILE B 115 -23.07 21.70 -1.66
N GLY B 116 -23.64 22.75 -2.27
CA GLY B 116 -24.62 23.56 -1.56
C GLY B 116 -25.87 22.79 -1.19
N TRP B 117 -26.29 21.85 -2.05
CA TRP B 117 -27.45 21.02 -1.74
C TRP B 117 -27.14 20.02 -0.64
N MET B 118 -25.95 19.42 -0.67
CA MET B 118 -25.61 18.41 0.32
C MET B 118 -25.27 19.01 1.68
N THR B 119 -24.74 20.23 1.72
CA THR B 119 -24.38 20.89 2.97
C THR B 119 -25.50 21.76 3.52
N HIS B 120 -26.61 21.89 2.79
CA HIS B 120 -27.74 22.70 3.24
C HIS B 120 -28.26 22.18 4.58
N ASN B 121 -28.91 23.06 5.33
CA ASN B 121 -29.60 22.70 6.57
C ASN B 121 -31.01 23.26 6.49
N PRO B 122 -32.02 22.42 6.17
CA PRO B 122 -31.95 20.97 5.95
C PRO B 122 -31.32 20.59 4.61
N PRO B 123 -30.67 19.42 4.56
CA PRO B 123 -29.94 19.02 3.35
C PRO B 123 -30.79 18.31 2.30
N ILE B 124 -30.35 18.44 1.06
CA ILE B 124 -30.90 17.66 -0.05
C ILE B 124 -29.79 16.73 -0.52
N PRO B 125 -29.70 15.52 0.00
CA PRO B 125 -28.53 14.67 -0.28
C PRO B 125 -28.50 14.17 -1.72
N VAL B 126 -28.23 15.06 -2.67
CA VAL B 126 -28.19 14.68 -4.08
C VAL B 126 -27.17 13.59 -4.34
N GLY B 127 -26.16 13.47 -3.47
CA GLY B 127 -25.21 12.38 -3.62
C GLY B 127 -25.83 11.03 -3.29
N GLU B 128 -26.67 10.99 -2.25
CA GLU B 128 -27.33 9.73 -1.90
C GLU B 128 -28.53 9.44 -2.79
N ILE B 129 -29.16 10.48 -3.34
CA ILE B 129 -30.26 10.26 -4.28
C ILE B 129 -29.72 9.76 -5.62
N TYR B 130 -28.61 10.32 -6.08
CA TYR B 130 -28.00 9.86 -7.32
C TYR B 130 -27.34 8.51 -7.13
N LYS B 131 -26.78 8.24 -5.94
CA LYS B 131 -26.24 6.92 -5.68
C LYS B 131 -27.35 5.87 -5.61
N ARG B 132 -28.54 6.27 -5.15
CA ARG B 132 -29.68 5.35 -5.16
C ARG B 132 -30.01 4.91 -6.58
N TRP B 133 -29.99 5.85 -7.52
CA TRP B 133 -30.28 5.50 -8.92
C TRP B 133 -29.19 4.61 -9.49
N ILE B 134 -27.93 4.85 -9.12
CA ILE B 134 -26.83 4.05 -9.63
C ILE B 134 -26.92 2.63 -9.09
N ILE B 135 -27.09 2.49 -7.77
CA ILE B 135 -27.21 1.16 -7.18
C ILE B 135 -28.41 0.41 -7.74
N LEU B 136 -29.48 1.14 -8.08
CA LEU B 136 -30.66 0.50 -8.66
C LEU B 136 -30.33 -0.10 -10.02
N GLY B 137 -29.74 0.71 -10.92
CA GLY B 137 -29.33 0.19 -12.21
C GLY B 137 -28.30 -0.92 -12.11
N LEU B 138 -27.43 -0.85 -11.09
CA LEU B 138 -26.43 -1.90 -10.91
C LEU B 138 -27.09 -3.21 -10.50
N ASN B 139 -28.15 -3.14 -9.69
CA ASN B 139 -28.87 -4.35 -9.32
C ASN B 139 -29.54 -4.99 -10.52
N LYS B 140 -30.08 -4.17 -11.43
CA LYS B 140 -30.60 -4.72 -12.68
C LYS B 140 -29.48 -5.38 -13.50
N ILE B 141 -28.31 -4.76 -13.54
CA ILE B 141 -27.19 -5.30 -14.30
C ILE B 141 -26.77 -6.65 -13.73
N VAL B 142 -26.60 -6.72 -12.41
CA VAL B 142 -26.22 -7.98 -11.78
C VAL B 142 -27.27 -9.05 -12.05
N ARG B 143 -28.55 -8.66 -12.07
CA ARG B 143 -29.61 -9.62 -12.37
C ARG B 143 -29.51 -10.10 -13.80
N MET B 144 -29.18 -9.21 -14.74
CA MET B 144 -29.02 -9.61 -16.13
C MET B 144 -27.80 -10.52 -16.30
N TYR B 145 -26.69 -10.18 -15.62
CA TYR B 145 -25.46 -10.93 -15.74
C TYR B 145 -25.46 -12.24 -14.96
N SER B 146 -26.58 -12.60 -14.33
CA SER B 146 -26.68 -13.91 -13.70
C SER B 146 -26.64 -14.97 -14.78
N PRO B 147 -25.66 -15.88 -14.77
CA PRO B 147 -25.54 -16.82 -15.90
C PRO B 147 -26.72 -17.79 -16.01
N THR B 148 -27.16 -18.37 -14.89
CA THR B 148 -28.26 -19.31 -14.89
C THR B 148 -29.46 -18.72 -14.17
N SER B 149 -30.63 -19.33 -14.41
CA SER B 149 -31.84 -19.00 -13.70
C SER B 149 -31.97 -19.89 -12.47
N ILE B 150 -32.73 -19.41 -11.47
CA ILE B 150 -32.92 -20.21 -10.28
C ILE B 150 -33.78 -21.43 -10.56
N LEU B 151 -34.65 -21.36 -11.56
CA LEU B 151 -35.45 -22.50 -11.96
C LEU B 151 -34.61 -23.60 -12.59
N ASP B 152 -33.44 -23.26 -13.13
CA ASP B 152 -32.53 -24.21 -13.75
C ASP B 152 -31.42 -24.65 -12.80
N ILE B 153 -31.60 -24.43 -11.50
CA ILE B 153 -30.61 -24.79 -10.49
C ILE B 153 -31.11 -26.04 -9.78
N ARG B 154 -30.55 -27.18 -10.15
CA ARG B 154 -30.88 -28.47 -9.54
C ARG B 154 -29.63 -29.14 -9.00
N GLN B 155 -29.80 -30.00 -8.01
CA GLN B 155 -28.68 -30.67 -7.37
C GLN B 155 -28.10 -31.78 -8.24
N PRO B 157 -26.07 -35.30 -9.25
CA PRO B 157 -26.17 -36.68 -8.79
C PRO B 157 -25.53 -36.88 -7.42
N LYS B 158 -24.21 -36.72 -7.36
CA LYS B 158 -23.47 -36.79 -6.10
C LYS B 158 -22.91 -35.44 -5.69
N GLU B 159 -23.52 -34.35 -6.14
CA GLU B 159 -23.10 -33.03 -5.72
C GLU B 159 -23.50 -32.82 -4.25
N PRO B 160 -22.58 -32.35 -3.40
CA PRO B 160 -22.93 -32.15 -1.99
C PRO B 160 -24.04 -31.12 -1.83
N PHE B 161 -24.88 -31.33 -0.80
CA PHE B 161 -25.98 -30.40 -0.54
C PHE B 161 -25.46 -29.02 -0.16
N ARG B 162 -24.23 -28.94 0.38
CA ARG B 162 -23.64 -27.64 0.65
C ARG B 162 -23.38 -26.87 -0.62
N ASP B 163 -22.73 -27.51 -1.60
CA ASP B 163 -22.43 -26.85 -2.86
C ASP B 163 -23.69 -26.47 -3.62
N TYR B 164 -24.74 -27.30 -3.52
CA TYR B 164 -26.01 -26.99 -4.19
C TYR B 164 -26.68 -25.77 -3.57
N VAL B 165 -26.68 -25.67 -2.23
CA VAL B 165 -27.26 -24.51 -1.58
C VAL B 165 -26.45 -23.26 -1.87
N ASP B 166 -25.12 -23.40 -1.93
CA ASP B 166 -24.26 -22.27 -2.30
C ASP B 166 -24.65 -21.74 -3.67
N ARG B 167 -24.80 -22.62 -4.66
CA ARG B 167 -25.18 -22.19 -6.00
C ARG B 167 -26.61 -21.68 -6.04
N PHE B 168 -27.49 -22.23 -5.21
CA PHE B 168 -28.88 -21.81 -5.19
C PHE B 168 -29.01 -20.36 -4.74
N TYR B 169 -28.54 -20.06 -3.53
CA TYR B 169 -28.66 -18.71 -3.01
C TYR B 169 -27.73 -17.73 -3.71
N LYS B 170 -26.69 -18.20 -4.40
CA LYS B 170 -25.89 -17.30 -5.23
C LYS B 170 -26.66 -16.92 -6.50
N THR B 171 -27.40 -17.87 -7.08
CA THR B 171 -28.24 -17.55 -8.23
C THR B 171 -29.47 -16.77 -7.79
N LEU B 172 -30.00 -17.07 -6.59
CA LEU B 172 -31.11 -16.30 -6.05
C LEU B 172 -30.69 -14.88 -5.73
N ARG B 173 -29.49 -14.70 -5.17
CA ARG B 173 -29.02 -13.36 -4.82
C ARG B 173 -28.87 -12.50 -6.07
N ALA B 174 -28.40 -13.09 -7.17
CA ALA B 174 -28.23 -12.32 -8.39
C ALA B 174 -29.56 -12.08 -9.10
N GLU B 175 -30.41 -13.10 -9.16
CA GLU B 175 -31.67 -12.95 -9.90
C GLU B 175 -32.61 -11.95 -9.23
N GLN B 176 -32.66 -11.98 -7.90
CA GLN B 176 -33.53 -11.14 -7.04
C GLN B 176 -34.68 -10.42 -7.75
N ALA B 185 -40.34 -18.40 -4.55
CA ALA B 185 -40.50 -19.78 -4.10
C ALA B 185 -39.18 -20.33 -3.57
N THR B 186 -38.55 -19.57 -2.67
CA THR B 186 -37.25 -19.97 -2.14
C THR B 186 -37.35 -21.28 -1.37
N GLU B 187 -38.27 -21.36 -0.42
CA GLU B 187 -38.37 -22.56 0.41
C GLU B 187 -38.92 -23.74 -0.38
N THR B 188 -39.71 -23.49 -1.43
CA THR B 188 -40.29 -24.58 -2.20
C THR B 188 -39.33 -25.11 -3.26
N LEU B 189 -38.75 -24.22 -4.06
CA LEU B 189 -37.88 -24.66 -5.15
C LEU B 189 -36.58 -25.26 -4.64
N LEU B 190 -36.14 -24.89 -3.44
CA LEU B 190 -34.90 -25.42 -2.90
C LEU B 190 -35.01 -26.92 -2.64
N VAL B 191 -36.06 -27.34 -1.94
CA VAL B 191 -36.28 -28.77 -1.71
C VAL B 191 -36.80 -29.46 -2.96
N GLN B 192 -37.40 -28.71 -3.88
CA GLN B 192 -37.94 -29.31 -5.09
C GLN B 192 -36.85 -29.73 -6.05
N ASN B 193 -35.72 -29.01 -6.07
CA ASN B 193 -34.66 -29.26 -7.04
C ASN B 193 -33.51 -30.08 -6.46
N ALA B 194 -33.62 -30.55 -5.23
CA ALA B 194 -32.59 -31.42 -4.67
C ALA B 194 -32.71 -32.83 -5.26
N ASN B 195 -31.60 -33.56 -5.22
CA ASN B 195 -31.63 -34.93 -5.69
C ASN B 195 -32.52 -35.78 -4.79
N PRO B 196 -33.10 -36.87 -5.32
CA PRO B 196 -34.04 -37.67 -4.53
C PRO B 196 -33.49 -38.14 -3.18
N ASP B 197 -32.16 -38.18 -3.05
CA ASP B 197 -31.55 -38.53 -1.77
C ASP B 197 -31.83 -37.46 -0.72
N CYS B 198 -31.53 -36.20 -1.03
CA CYS B 198 -31.76 -35.10 -0.10
C CYS B 198 -33.17 -34.53 -0.19
N LYS B 199 -33.81 -34.67 -1.34
CA LYS B 199 -35.17 -34.13 -1.50
C LYS B 199 -36.16 -34.87 -0.62
N THR B 200 -36.00 -36.18 -0.48
CA THR B 200 -36.89 -36.95 0.39
C THR B 200 -36.70 -36.56 1.85
N ILE B 201 -35.46 -36.31 2.27
CA ILE B 201 -35.20 -35.90 3.64
C ILE B 201 -35.75 -34.50 3.89
N LEU B 202 -35.51 -33.58 2.96
CA LEU B 202 -35.98 -32.20 3.13
C LEU B 202 -37.51 -32.13 3.14
N LYS B 203 -38.15 -32.88 2.25
CA LYS B 203 -39.61 -32.89 2.22
C LYS B 203 -40.20 -33.46 3.50
N ALA B 204 -39.49 -34.39 4.15
CA ALA B 204 -39.95 -34.91 5.42
C ALA B 204 -39.96 -33.83 6.50
N LEU B 205 -38.93 -33.00 6.53
CA LEU B 205 -38.83 -31.93 7.50
C LEU B 205 -39.88 -30.86 7.27
N THR B 210 -35.07 -24.80 9.57
CA THR B 210 -34.04 -23.82 9.25
C THR B 210 -33.02 -24.42 8.29
N LEU B 211 -32.29 -23.56 7.57
CA LEU B 211 -31.28 -24.04 6.64
C LEU B 211 -30.15 -24.76 7.37
N GLU B 212 -29.86 -24.37 8.61
CA GLU B 212 -28.89 -25.11 9.41
C GLU B 212 -29.36 -26.54 9.65
N GLU B 213 -30.64 -26.71 9.97
CA GLU B 213 -31.19 -28.05 10.13
C GLU B 213 -31.27 -28.78 8.80
N MET B 214 -31.55 -28.07 7.71
CA MET B 214 -31.64 -28.71 6.41
C MET B 214 -30.29 -29.20 5.91
N MET B 215 -29.20 -28.49 6.25
CA MET B 215 -27.88 -28.90 5.78
C MET B 215 -27.29 -30.00 6.65
N THR B 216 -27.55 -29.97 7.96
CA THR B 216 -27.11 -31.07 8.82
C THR B 216 -27.91 -32.35 8.55
N ALA B 217 -29.08 -32.25 7.95
CA ALA B 217 -29.90 -33.42 7.63
C ALA B 217 -29.50 -34.08 6.32
N CYS B 218 -28.64 -33.45 5.53
CA CYS B 218 -28.18 -33.99 4.26
C CYS B 218 -26.66 -33.93 4.17
N GLN B 219 -25.99 -34.29 5.27
CA GLN B 219 -24.53 -34.24 5.34
C GLN B 219 -23.91 -35.57 4.92
N PRO C 1 -16.69 3.19 10.20
CA PRO C 1 -16.84 2.99 11.65
C PRO C 1 -16.96 4.30 12.39
N ILE C 2 -17.14 4.23 13.71
CA ILE C 2 -17.15 5.41 14.57
C ILE C 2 -15.81 5.49 15.28
N VAL C 3 -15.08 6.58 15.06
CA VAL C 3 -13.73 6.73 15.56
C VAL C 3 -13.58 8.13 16.15
N GLN C 4 -12.73 8.26 17.16
CA GLN C 4 -12.40 9.54 17.75
C GLN C 4 -11.34 10.24 16.91
N ASN C 5 -11.63 11.46 16.47
CA ASN C 5 -10.72 12.22 15.64
C ASN C 5 -9.63 12.87 16.49
N LEU C 6 -8.70 13.56 15.83
CA LEU C 6 -7.67 14.29 16.55
C LEU C 6 -8.26 15.36 17.46
N GLN C 7 -9.38 15.95 17.07
CA GLN C 7 -10.08 16.93 17.90
C GLN C 7 -10.66 16.31 19.17
N GLY C 8 -10.78 14.99 19.24
CA GLY C 8 -11.29 14.33 20.44
C GLY C 8 -12.77 14.04 20.45
N GLN C 9 -13.45 14.16 19.31
CA GLN C 9 -14.87 13.87 19.21
C GLN C 9 -15.10 12.56 18.45
N MET C 10 -16.09 11.80 18.88
CA MET C 10 -16.47 10.56 18.21
C MET C 10 -17.28 10.91 16.96
N VAL C 11 -16.70 10.65 15.78
CA VAL C 11 -17.34 10.97 14.52
C VAL C 11 -17.32 9.74 13.63
N HIS C 12 -18.27 9.71 12.69
CA HIS C 12 -18.34 8.62 11.73
C HIS C 12 -17.30 8.80 10.63
N GLN C 13 -16.79 7.67 10.14
CA GLN C 13 -15.88 7.67 9.00
C GLN C 13 -16.24 6.51 8.09
N CYS C 14 -16.04 6.73 6.79
CA CYS C 14 -16.33 5.69 5.82
C CYS C 14 -15.44 4.48 6.04
N ILE C 15 -15.99 3.30 5.83
CA ILE C 15 -15.20 2.08 5.96
C ILE C 15 -14.12 2.11 4.89
N SER C 16 -12.89 1.79 5.29
CA SER C 16 -11.75 2.03 4.42
C SER C 16 -11.58 0.93 3.38
N PRO C 17 -11.09 1.29 2.18
CA PRO C 17 -10.81 0.25 1.18
C PRO C 17 -9.84 -0.80 1.66
N ARG C 18 -8.90 -0.43 2.53
CA ARG C 18 -7.98 -1.42 3.08
C ARG C 18 -8.71 -2.41 3.99
N THR C 19 -9.72 -1.93 4.72
CA THR C 19 -10.50 -2.82 5.57
C THR C 19 -11.43 -3.70 4.73
N LEU C 20 -12.03 -3.14 3.69
CA LEU C 20 -12.91 -3.92 2.82
C LEU C 20 -12.16 -5.05 2.14
N ASN C 21 -11.08 -4.71 1.42
CA ASN C 21 -10.31 -5.74 0.72
C ASN C 21 -9.72 -6.76 1.68
N ALA C 22 -9.29 -6.31 2.86
CA ALA C 22 -8.74 -7.24 3.85
C ALA C 22 -9.79 -8.28 4.26
N TRP C 23 -11.03 -7.84 4.47
CA TRP C 23 -12.08 -8.78 4.83
C TRP C 23 -12.44 -9.70 3.68
N VAL C 24 -12.56 -9.15 2.46
CA VAL C 24 -12.91 -9.97 1.32
C VAL C 24 -11.84 -11.03 1.08
N LYS C 25 -10.57 -10.65 1.23
CA LYS C 25 -9.49 -11.60 0.97
C LYS C 25 -9.37 -12.64 2.08
N VAL C 26 -9.69 -12.28 3.33
CA VAL C 26 -9.65 -13.25 4.41
C VAL C 26 -10.76 -14.29 4.24
N VAL C 27 -11.93 -13.87 3.75
CA VAL C 27 -13.00 -14.82 3.48
C VAL C 27 -12.64 -15.71 2.29
N GLU C 28 -12.05 -15.11 1.26
CA GLU C 28 -11.69 -15.88 0.06
C GLU C 28 -10.60 -16.91 0.39
N GLU C 29 -9.61 -16.52 1.18
CA GLU C 29 -8.51 -17.43 1.48
C GLU C 29 -8.90 -18.47 2.52
N LYS C 30 -9.45 -18.03 3.64
CA LYS C 30 -9.84 -18.91 4.74
C LYS C 30 -11.36 -19.01 4.76
N PHE C 32 -14.21 -19.67 6.10
CA PHE C 32 -14.68 -19.89 7.47
C PHE C 32 -13.85 -20.83 8.36
N SER C 33 -12.59 -20.48 8.54
CA SER C 33 -11.76 -21.10 9.54
C SER C 33 -12.06 -20.47 10.90
N PRO C 34 -11.62 -21.09 12.00
CA PRO C 34 -11.81 -20.46 13.32
C PRO C 34 -11.16 -19.09 13.46
N GLU C 35 -10.01 -18.87 12.83
CA GLU C 35 -9.33 -17.58 12.94
C GLU C 35 -9.95 -16.51 12.07
N VAL C 36 -11.02 -16.82 11.33
CA VAL C 36 -11.72 -15.77 10.59
C VAL C 36 -12.65 -14.99 11.50
N ILE C 37 -13.09 -15.59 12.61
CA ILE C 37 -13.97 -14.93 13.57
C ILE C 37 -13.27 -13.70 14.16
N PRO C 38 -12.09 -13.83 14.79
CA PRO C 38 -11.47 -12.62 15.35
C PRO C 38 -10.98 -11.65 14.28
N MET C 39 -10.66 -12.13 13.08
CA MET C 39 -10.33 -11.22 11.99
C MET C 39 -11.54 -10.39 11.57
N PHE C 40 -12.73 -10.95 11.65
CA PHE C 40 -13.93 -10.15 11.38
C PHE C 40 -14.19 -9.16 12.50
N SER C 41 -13.99 -9.58 13.75
CA SER C 41 -14.20 -8.67 14.87
C SER C 41 -13.20 -7.52 14.85
N ALA C 42 -11.95 -7.80 14.47
CA ALA C 42 -10.93 -6.76 14.46
C ALA C 42 -11.15 -5.78 13.32
N LEU C 43 -11.46 -6.28 12.12
CA LEU C 43 -11.73 -5.39 10.99
C LEU C 43 -13.01 -4.61 11.18
N SER C 44 -13.95 -5.11 11.97
CA SER C 44 -15.19 -4.44 12.27
C SER C 44 -15.11 -3.60 13.53
N CYS C 45 -13.90 -3.18 13.92
CA CYS C 45 -13.73 -2.43 15.15
C CYS C 45 -14.43 -1.09 15.06
N GLY C 46 -15.36 -0.85 15.98
CA GLY C 46 -16.14 0.39 15.99
C GLY C 46 -17.10 0.53 14.83
N ALA C 47 -17.41 -0.54 14.12
CA ALA C 47 -18.24 -0.44 12.93
C ALA C 47 -19.69 -0.22 13.30
N THR C 48 -20.37 0.62 12.53
CA THR C 48 -21.80 0.77 12.63
C THR C 48 -22.49 -0.39 11.93
N PRO C 49 -23.72 -0.71 12.31
CA PRO C 49 -24.46 -1.77 11.59
C PRO C 49 -24.49 -1.60 10.08
N GLN C 50 -24.42 -0.36 9.60
CA GLN C 50 -24.31 -0.15 8.16
C GLN C 50 -22.97 -0.67 7.62
N ASP C 51 -21.89 -0.47 8.37
CA ASP C 51 -20.60 -1.00 7.95
C ASP C 51 -20.55 -2.52 8.05
N LEU C 52 -21.15 -3.08 9.10
CA LEU C 52 -21.23 -4.54 9.21
C LEU C 52 -22.00 -5.12 8.04
N ASN C 53 -23.16 -4.53 7.71
CA ASN C 53 -23.91 -4.98 6.55
C ASN C 53 -23.09 -4.86 5.28
N THR C 54 -22.27 -3.82 5.18
CA THR C 54 -21.41 -3.67 4.01
C THR C 54 -20.35 -4.77 3.96
N MET C 55 -19.77 -5.12 5.10
CA MET C 55 -18.76 -6.17 5.14
C MET C 55 -19.35 -7.52 4.76
N LEU C 56 -20.58 -7.80 5.19
CA LEU C 56 -21.19 -9.08 4.87
C LEU C 56 -21.68 -9.11 3.42
N ASN C 57 -22.18 -7.98 2.91
CA ASN C 57 -22.64 -7.96 1.53
C ASN C 57 -21.48 -8.06 0.54
N THR C 58 -20.30 -7.61 0.93
CA THR C 58 -19.13 -7.70 0.06
C THR C 58 -18.58 -9.11 -0.05
N VAL C 59 -19.10 -10.06 0.71
CA VAL C 59 -18.65 -11.44 0.64
C VAL C 59 -19.33 -12.10 -0.55
N GLY C 60 -18.54 -12.44 -1.56
CA GLY C 60 -19.05 -13.19 -2.71
C GLY C 60 -18.91 -14.68 -2.48
N GLY C 61 -19.91 -15.43 -2.93
CA GLY C 61 -19.92 -16.85 -2.66
C GLY C 61 -20.24 -17.13 -1.20
N HIS C 62 -20.08 -18.40 -0.82
CA HIS C 62 -20.38 -18.86 0.53
C HIS C 62 -21.81 -18.52 0.94
N GLN C 63 -22.73 -18.51 -0.04
CA GLN C 63 -24.08 -18.03 0.23
C GLN C 63 -24.85 -18.92 1.19
N ALA C 64 -24.46 -20.19 1.32
CA ALA C 64 -25.07 -21.03 2.35
C ALA C 64 -24.73 -20.51 3.73
N ALA C 65 -23.47 -20.18 3.96
CA ALA C 65 -23.07 -19.60 5.24
C ALA C 65 -23.72 -18.23 5.44
N ILE C 66 -23.78 -17.41 4.38
CA ILE C 66 -24.44 -16.11 4.49
C ILE C 66 -25.91 -16.29 4.85
N GLN C 67 -26.59 -17.26 4.24
CA GLN C 67 -27.99 -17.48 4.56
C GLN C 67 -28.17 -18.02 5.96
N MET C 68 -27.30 -18.94 6.39
CA MET C 68 -27.35 -19.38 7.78
C MET C 68 -27.00 -18.24 8.73
N LEU C 69 -26.12 -17.33 8.29
CA LEU C 69 -25.86 -16.13 9.08
C LEU C 69 -27.08 -15.24 9.15
N LYS C 70 -27.81 -15.10 8.03
CA LYS C 70 -29.04 -14.31 8.04
C LYS C 70 -30.06 -14.89 9.01
N GLU C 71 -30.26 -16.20 8.96
CA GLU C 71 -31.27 -16.83 9.81
C GLU C 71 -30.90 -16.73 11.29
N THR C 72 -29.60 -16.72 11.60
CA THR C 72 -29.19 -16.50 12.98
C THR C 72 -29.50 -15.07 13.42
N ILE C 73 -29.24 -14.10 12.55
CA ILE C 73 -29.59 -12.72 12.85
C ILE C 73 -31.08 -12.58 13.06
N ASN C 74 -31.88 -13.27 12.25
CA ASN C 74 -33.33 -13.26 12.46
C ASN C 74 -33.68 -13.79 13.84
N GLU C 75 -33.03 -14.87 14.28
CA GLU C 75 -33.34 -15.44 15.59
C GLU C 75 -32.94 -14.48 16.69
N GLU C 76 -31.75 -13.88 16.60
CA GLU C 76 -31.32 -12.96 17.65
C GLU C 76 -32.13 -11.67 17.63
N ALA C 77 -32.51 -11.20 16.45
CA ALA C 77 -33.35 -10.01 16.37
C ALA C 77 -34.74 -10.28 16.91
N ALA C 78 -35.32 -11.45 16.59
CA ALA C 78 -36.59 -11.84 17.17
C ALA C 78 -36.48 -12.02 18.67
N GLU C 79 -35.31 -12.44 19.16
CA GLU C 79 -35.11 -12.52 20.61
C GLU C 79 -34.94 -11.15 21.23
N TRP C 80 -34.34 -10.21 20.50
CA TRP C 80 -34.21 -8.85 21.03
C TRP C 80 -35.58 -8.17 21.11
N ASP C 81 -36.43 -8.39 20.12
CA ASP C 81 -37.80 -7.86 20.17
C ASP C 81 -38.60 -8.47 21.30
N ARG C 82 -38.35 -9.75 21.60
CA ARG C 82 -38.97 -10.36 22.78
C ARG C 82 -38.54 -9.66 24.06
N LEU C 83 -37.22 -9.51 24.25
CA LEU C 83 -36.72 -8.94 25.49
C LEU C 83 -37.05 -7.45 25.61
N HIS C 84 -37.22 -6.76 24.49
CA HIS C 84 -37.41 -5.31 24.48
C HIS C 84 -38.65 -4.97 23.65
N PRO C 85 -39.84 -5.10 24.24
CA PRO C 85 -41.10 -4.75 23.55
C PRO C 85 -41.33 -3.25 23.45
N GLU C 98 -35.85 3.55 21.98
CA GLU C 98 -35.22 2.24 22.10
C GLU C 98 -35.15 1.55 20.74
N PRO C 99 -33.94 1.12 20.35
CA PRO C 99 -33.76 0.49 19.02
C PRO C 99 -34.35 -0.91 19.00
N ARG C 100 -35.28 -1.14 18.07
CA ARG C 100 -35.81 -2.47 17.90
C ARG C 100 -34.79 -3.35 17.18
N GLY C 101 -35.06 -4.66 17.19
CA GLY C 101 -34.10 -5.60 16.63
C GLY C 101 -33.80 -5.33 15.18
N SER C 102 -34.79 -4.88 14.41
CA SER C 102 -34.55 -4.56 13.02
C SER C 102 -33.70 -3.30 12.87
N ASP C 103 -33.74 -2.41 13.85
CA ASP C 103 -32.89 -1.22 13.82
C ASP C 103 -31.44 -1.56 14.09
N ILE C 104 -31.19 -2.50 15.02
CA ILE C 104 -29.82 -2.92 15.31
C ILE C 104 -29.22 -3.63 14.10
N ALA C 105 -30.04 -4.37 13.35
CA ALA C 105 -29.58 -5.03 12.13
C ALA C 105 -29.35 -4.05 10.99
N GLY C 106 -29.74 -2.79 11.14
CA GLY C 106 -29.51 -1.79 10.13
C GLY C 106 -30.47 -1.79 8.97
N THR C 107 -31.52 -2.61 9.03
CA THR C 107 -32.47 -2.69 7.91
C THR C 107 -33.54 -1.60 8.01
N THR C 108 -33.97 -1.25 9.23
CA THR C 108 -34.99 -0.23 9.44
C THR C 108 -34.45 1.00 10.15
N SER C 109 -33.14 1.19 10.14
CA SER C 109 -32.49 2.30 10.83
C SER C 109 -31.58 3.04 9.88
N THR C 110 -31.69 4.37 9.88
CA THR C 110 -30.79 5.20 9.09
C THR C 110 -29.42 5.29 9.76
N LEU C 111 -28.43 5.71 8.98
CA LEU C 111 -27.09 5.86 9.53
C LEU C 111 -27.08 6.88 10.65
N GLN C 112 -27.91 7.93 10.53
CA GLN C 112 -27.99 8.94 11.57
C GLN C 112 -28.51 8.36 12.87
N GLU C 113 -29.52 7.49 12.79
CA GLU C 113 -30.07 6.87 13.99
C GLU C 113 -29.07 5.91 14.62
N GLN C 114 -28.32 5.16 13.81
CA GLN C 114 -27.31 4.26 14.36
C GLN C 114 -26.20 5.04 15.05
N ILE C 115 -25.75 6.14 14.44
CA ILE C 115 -24.74 6.98 15.07
C ILE C 115 -25.27 7.56 16.38
N GLY C 116 -26.54 7.98 16.38
CA GLY C 116 -27.11 8.58 17.57
C GLY C 116 -27.19 7.61 18.74
N TRP C 117 -27.48 6.34 18.47
CA TRP C 117 -27.48 5.34 19.53
C TRP C 117 -26.08 5.06 20.05
N MET C 118 -25.10 4.99 19.14
CA MET C 118 -23.74 4.64 19.55
C MET C 118 -23.05 5.80 20.25
N THR C 119 -23.26 7.02 19.76
CA THR C 119 -22.62 8.20 20.37
C THR C 119 -23.41 8.74 21.57
N HIS C 120 -24.54 8.13 21.90
CA HIS C 120 -25.34 8.57 23.04
C HIS C 120 -24.54 8.45 24.33
N ASN C 121 -24.96 9.22 25.33
CA ASN C 121 -24.37 9.18 26.67
C ASN C 121 -25.50 9.12 27.68
N PRO C 122 -25.84 7.94 28.22
CA PRO C 122 -25.17 6.64 27.98
C PRO C 122 -25.46 6.04 26.62
N PRO C 123 -24.50 5.29 26.07
CA PRO C 123 -24.65 4.79 24.70
C PRO C 123 -25.44 3.48 24.64
N ILE C 124 -26.02 3.26 23.46
CA ILE C 124 -26.59 1.97 23.08
C ILE C 124 -25.75 1.43 21.94
N PRO C 125 -24.72 0.63 22.22
CA PRO C 125 -23.79 0.22 21.15
C PRO C 125 -24.41 -0.76 20.18
N VAL C 126 -25.31 -0.27 19.32
CA VAL C 126 -25.95 -1.13 18.32
C VAL C 126 -24.92 -1.74 17.38
N GLY C 127 -23.74 -1.11 17.23
CA GLY C 127 -22.69 -1.72 16.44
C GLY C 127 -22.15 -2.98 17.08
N GLU C 128 -21.98 -2.97 18.40
CA GLU C 128 -21.47 -4.14 19.11
C GLU C 128 -22.55 -5.17 19.38
N ILE C 129 -23.82 -4.75 19.46
CA ILE C 129 -24.91 -5.71 19.60
C ILE C 129 -25.11 -6.47 18.30
N TYR C 130 -25.05 -5.76 17.16
CA TYR C 130 -25.22 -6.42 15.87
C TYR C 130 -24.01 -7.27 15.53
N LYS C 131 -22.82 -6.82 15.91
CA LYS C 131 -21.62 -7.63 15.72
C LYS C 131 -21.70 -8.90 16.55
N ARG C 132 -22.34 -8.83 17.72
N ARG C 132 -22.34 -8.84 17.72
CA ARG C 132 -22.49 -10.02 18.55
CA ARG C 132 -22.47 -10.04 18.55
C ARG C 132 -23.32 -11.09 17.86
C ARG C 132 -23.33 -11.09 17.86
N TRP C 133 -24.37 -10.67 17.15
CA TRP C 133 -25.22 -11.62 16.42
C TRP C 133 -24.46 -12.21 15.24
N ILE C 134 -23.68 -11.39 14.55
CA ILE C 134 -22.90 -11.89 13.42
C ILE C 134 -21.85 -12.89 13.89
N ILE C 135 -21.11 -12.53 14.95
CA ILE C 135 -20.09 -13.43 15.48
C ILE C 135 -20.72 -14.74 15.93
N LEU C 136 -21.94 -14.68 16.48
CA LEU C 136 -22.62 -15.89 16.90
C LEU C 136 -22.98 -16.77 15.71
N GLY C 137 -23.54 -16.17 14.65
CA GLY C 137 -23.86 -16.93 13.46
C GLY C 137 -22.64 -17.47 12.76
N LEU C 138 -21.53 -16.72 12.81
CA LEU C 138 -20.29 -17.21 12.21
C LEU C 138 -19.69 -18.35 13.01
N ASN C 139 -19.93 -18.39 14.32
CA ASN C 139 -19.48 -19.52 15.12
C ASN C 139 -20.27 -20.78 14.81
N LYS C 140 -21.57 -20.63 14.47
CA LYS C 140 -22.34 -21.77 14.02
C LYS C 140 -21.87 -22.27 12.65
N ILE C 141 -21.35 -21.37 11.82
CA ILE C 141 -20.88 -21.76 10.50
C ILE C 141 -19.56 -22.51 10.59
N VAL C 142 -18.61 -22.00 11.39
CA VAL C 142 -17.33 -22.69 11.52
C VAL C 142 -17.47 -23.99 12.29
N ARG C 143 -18.45 -24.08 13.19
CA ARG C 143 -18.74 -25.35 13.86
C ARG C 143 -19.28 -26.38 12.87
N MET C 144 -20.08 -25.92 11.91
CA MET C 144 -20.66 -26.83 10.92
C MET C 144 -19.61 -27.28 9.91
N TYR C 145 -18.77 -26.36 9.44
CA TYR C 145 -17.77 -26.66 8.43
C TYR C 145 -16.54 -27.37 8.99
N SER C 146 -16.51 -27.67 10.28
CA SER C 146 -15.39 -28.42 10.85
C SER C 146 -15.34 -29.81 10.21
N PRO C 147 -14.26 -30.16 9.52
CA PRO C 147 -14.26 -31.41 8.76
C PRO C 147 -14.24 -32.65 9.64
N THR C 148 -13.29 -32.73 10.56
CA THR C 148 -13.07 -33.92 11.36
C THR C 148 -13.47 -33.67 12.82
N SER C 149 -13.75 -34.77 13.52
CA SER C 149 -14.05 -34.72 14.94
C SER C 149 -12.76 -34.90 15.75
N ILE C 150 -12.83 -34.48 17.02
CA ILE C 150 -11.69 -34.63 17.91
C ILE C 150 -11.44 -36.10 18.26
N LEU C 151 -12.48 -36.94 18.17
CA LEU C 151 -12.31 -38.37 18.39
C LEU C 151 -11.58 -39.06 17.24
N ASP C 152 -11.65 -38.50 16.03
CA ASP C 152 -10.99 -39.07 14.87
C ASP C 152 -9.57 -38.53 14.67
N ILE C 153 -8.99 -37.92 15.70
CA ILE C 153 -7.64 -37.36 15.63
C ILE C 153 -6.74 -38.29 16.41
N ARG C 154 -6.02 -39.15 15.69
CA ARG C 154 -5.01 -40.02 16.28
C ARG C 154 -3.65 -39.69 15.65
N GLN C 155 -2.60 -39.80 16.46
CA GLN C 155 -1.25 -39.49 15.96
C GLN C 155 -0.88 -40.45 14.84
N GLY C 156 -0.31 -39.90 13.78
CA GLY C 156 0.07 -40.69 12.62
C GLY C 156 1.14 -41.71 12.94
N PRO C 157 1.55 -42.48 11.92
CA PRO C 157 2.57 -43.50 12.14
C PRO C 157 3.88 -42.93 12.67
N LYS C 158 4.53 -42.11 11.87
CA LYS C 158 5.71 -41.35 12.28
C LYS C 158 5.42 -39.86 12.21
N GLU C 159 4.17 -39.48 12.46
CA GLU C 159 3.81 -38.07 12.53
C GLU C 159 4.39 -37.48 13.81
N PRO C 160 5.12 -36.36 13.74
CA PRO C 160 5.71 -35.78 14.95
C PRO C 160 4.63 -35.42 15.96
N PHE C 161 5.00 -35.52 17.24
CA PHE C 161 4.04 -35.18 18.29
C PHE C 161 3.61 -33.73 18.19
N ARG C 162 4.49 -32.86 17.68
CA ARG C 162 4.11 -31.46 17.48
CA ARG C 162 4.12 -31.47 17.47
C ARG C 162 2.99 -31.35 16.45
N ASP C 163 3.13 -32.01 15.30
CA ASP C 163 2.11 -31.96 14.26
C ASP C 163 0.81 -32.62 14.71
N TYR C 164 0.90 -33.67 15.53
CA TYR C 164 -0.31 -34.29 16.06
C TYR C 164 -1.03 -33.36 17.03
N VAL C 165 -0.29 -32.71 17.92
CA VAL C 165 -0.92 -31.77 18.85
C VAL C 165 -1.47 -30.56 18.09
N ASP C 166 -0.77 -30.12 17.05
CA ASP C 166 -1.30 -29.04 16.20
C ASP C 166 -2.63 -29.43 15.58
N ARG C 167 -2.75 -30.67 15.09
CA ARG C 167 -4.01 -31.11 14.51
C ARG C 167 -5.06 -31.39 15.58
N PHE C 168 -4.63 -31.72 16.79
CA PHE C 168 -5.58 -31.98 17.86
C PHE C 168 -6.33 -30.71 18.24
N TYR C 169 -5.61 -29.69 18.72
CA TYR C 169 -6.26 -28.47 19.19
C TYR C 169 -6.84 -27.64 18.06
N LYS C 170 -6.35 -27.80 16.83
CA LYS C 170 -7.00 -27.16 15.70
C LYS C 170 -8.37 -27.76 15.44
N THR C 171 -8.49 -29.09 15.54
CA THR C 171 -9.79 -29.73 15.47
C THR C 171 -10.62 -29.40 16.71
N LEU C 172 -9.98 -29.30 17.86
CA LEU C 172 -10.69 -28.93 19.08
C LEU C 172 -11.20 -27.50 19.01
N ARG C 173 -10.40 -26.59 18.46
CA ARG C 173 -10.81 -25.19 18.34
C ARG C 173 -12.01 -25.06 17.41
N ALA C 174 -11.99 -25.76 16.28
CA ALA C 174 -13.12 -25.71 15.36
C ALA C 174 -14.36 -26.32 16.00
N GLU C 175 -14.23 -27.50 16.62
CA GLU C 175 -15.35 -28.13 17.31
C GLU C 175 -15.43 -27.58 18.74
N GLN C 176 -16.01 -26.40 18.83
CA GLN C 176 -16.17 -25.72 20.12
C GLN C 176 -17.10 -26.53 21.03
N SER C 178 -18.54 -27.92 24.68
CA SER C 178 -18.53 -27.04 25.83
C SER C 178 -17.14 -27.07 26.46
N GLN C 179 -16.98 -26.30 27.53
CA GLN C 179 -15.68 -26.19 28.18
C GLN C 179 -15.37 -27.41 29.04
N GLU C 180 -16.38 -27.96 29.71
CA GLU C 180 -16.18 -29.22 30.42
C GLU C 180 -15.81 -30.35 29.46
N VAL C 181 -16.23 -30.23 28.20
CA VAL C 181 -15.87 -31.20 27.18
C VAL C 181 -14.42 -31.00 26.72
N LYS C 182 -14.03 -29.74 26.50
CA LYS C 182 -12.67 -29.47 26.02
C LYS C 182 -11.62 -29.86 27.05
N ASN C 183 -11.82 -29.47 28.31
CA ASN C 183 -10.83 -29.79 29.35
C ASN C 183 -10.71 -31.29 29.56
N ALA C 184 -11.84 -32.02 29.49
CA ALA C 184 -11.81 -33.47 29.67
C ALA C 184 -11.20 -34.16 28.45
N ALA C 185 -11.51 -33.66 27.25
CA ALA C 185 -10.93 -34.22 26.03
C ALA C 185 -9.44 -33.95 25.95
N THR C 186 -8.98 -32.83 26.53
CA THR C 186 -7.55 -32.52 26.51
C THR C 186 -6.76 -33.48 27.39
N GLU C 187 -7.19 -33.65 28.65
CA GLU C 187 -6.42 -34.47 29.57
C GLU C 187 -6.49 -35.95 29.21
N THR C 188 -7.58 -36.39 28.58
CA THR C 188 -7.78 -37.81 28.28
C THR C 188 -7.43 -38.15 26.83
N LEU C 189 -8.12 -37.56 25.87
CA LEU C 189 -8.02 -38.00 24.48
C LEU C 189 -6.65 -37.72 23.87
N LEU C 190 -5.97 -36.66 24.32
CA LEU C 190 -4.70 -36.30 23.70
C LEU C 190 -3.65 -37.39 23.90
N VAL C 191 -3.46 -37.83 25.14
CA VAL C 191 -2.51 -38.91 25.41
C VAL C 191 -3.07 -40.24 24.93
N GLN C 192 -4.39 -40.40 24.94
CA GLN C 192 -5.00 -41.67 24.57
C GLN C 192 -4.87 -41.95 23.07
N ASN C 193 -4.88 -40.91 22.24
CA ASN C 193 -4.82 -41.07 20.79
C ASN C 193 -3.41 -40.94 20.24
N ALA C 194 -2.40 -40.76 21.09
CA ALA C 194 -1.04 -40.68 20.62
C ALA C 194 -0.52 -42.07 20.23
N ASN C 195 0.55 -42.08 19.43
CA ASN C 195 1.18 -43.33 19.07
C ASN C 195 1.78 -44.00 20.30
N PRO C 196 1.78 -45.34 20.34
CA PRO C 196 2.31 -46.04 21.53
C PRO C 196 3.73 -45.66 21.91
N ASP C 197 4.51 -45.20 20.94
CA ASP C 197 5.94 -44.94 21.30
C ASP C 197 6.00 -43.71 22.20
N LYS C 199 2.87 -42.19 23.50
CA LYS C 199 1.82 -42.27 24.56
C LYS C 199 2.47 -42.82 25.83
N THR C 200 3.10 -43.98 25.71
CA THR C 200 3.67 -44.57 26.91
C THR C 200 4.52 -43.58 27.69
N ILE C 201 5.15 -42.64 26.99
CA ILE C 201 6.01 -41.64 27.64
C ILE C 201 5.16 -40.69 28.47
N ALA C 209 1.21 -32.98 34.04
CA ALA C 209 2.27 -32.45 33.21
C ALA C 209 1.76 -31.37 32.27
N THR C 210 2.62 -30.40 31.94
CA THR C 210 2.27 -29.33 31.03
C THR C 210 2.52 -29.75 29.58
N LEU C 211 1.89 -29.03 28.65
CA LEU C 211 2.07 -29.33 27.24
C LEU C 211 3.52 -29.16 26.80
N GLU C 212 4.21 -28.17 27.38
CA GLU C 212 5.63 -27.99 27.05
C GLU C 212 6.45 -29.20 27.49
N GLU C 213 6.16 -29.73 28.67
CA GLU C 213 6.83 -30.95 29.12
C GLU C 213 6.43 -32.14 28.25
N MET C 214 5.18 -32.17 27.81
CA MET C 214 4.70 -33.31 27.01
C MET C 214 5.32 -33.30 25.61
N MET C 215 5.50 -32.12 25.03
CA MET C 215 6.09 -32.06 23.70
C MET C 215 7.61 -32.21 23.74
N THR C 216 8.25 -31.71 24.81
CA THR C 216 9.69 -31.93 24.97
C THR C 216 10.02 -33.39 25.26
N ALA C 217 9.07 -34.15 25.81
CA ALA C 217 9.24 -35.56 26.10
C ALA C 217 9.00 -36.46 24.89
N CYS C 218 8.40 -35.95 23.83
CA CYS C 218 8.15 -36.72 22.61
C CYS C 218 8.80 -35.97 21.45
N GLN C 219 10.12 -36.07 21.38
CA GLN C 219 10.90 -35.33 20.38
C GLN C 219 10.51 -35.71 18.95
N PRO D 1 -4.51 -0.15 19.45
CA PRO D 1 -3.52 0.31 20.43
C PRO D 1 -3.89 1.65 21.03
N ILE D 2 -3.13 2.07 22.05
CA ILE D 2 -3.29 3.39 22.65
C ILE D 2 -2.23 4.30 22.05
N VAL D 3 -2.65 5.28 21.25
CA VAL D 3 -1.74 6.17 20.56
C VAL D 3 -2.04 7.61 20.94
N GLN D 4 -1.04 8.47 20.76
CA GLN D 4 -1.20 9.90 20.97
C GLN D 4 -1.56 10.54 19.63
N ASN D 5 -2.70 11.22 19.58
CA ASN D 5 -3.14 11.86 18.37
C ASN D 5 -2.38 13.18 18.15
N LEU D 6 -2.79 13.91 17.11
CA LEU D 6 -2.14 15.18 16.80
C LEU D 6 -2.42 16.24 17.86
N GLN D 7 -3.52 16.11 18.61
CA GLN D 7 -3.82 17.05 19.69
C GLN D 7 -2.99 16.80 20.94
N GLY D 8 -2.31 15.66 21.04
CA GLY D 8 -1.43 15.37 22.16
C GLY D 8 -2.03 14.52 23.26
N GLN D 9 -3.25 14.02 23.08
N GLN D 9 -3.26 14.02 23.09
CA GLN D 9 -3.91 13.18 24.07
CA GLN D 9 -3.90 13.19 24.10
C GLN D 9 -3.72 11.71 23.72
C GLN D 9 -3.75 11.71 23.73
N MET D 10 -3.53 10.89 24.75
CA MET D 10 -3.41 9.44 24.56
C MET D 10 -4.80 8.85 24.42
N VAL D 11 -5.13 8.36 23.22
CA VAL D 11 -6.45 7.84 22.93
C VAL D 11 -6.34 6.44 22.35
N HIS D 12 -7.40 5.68 22.51
CA HIS D 12 -7.47 4.36 21.91
C HIS D 12 -7.68 4.48 20.40
N GLN D 13 -7.21 3.48 19.68
CA GLN D 13 -7.37 3.44 18.23
C GLN D 13 -7.55 1.98 17.82
N CYS D 14 -8.38 1.75 16.82
CA CYS D 14 -8.60 0.39 16.34
C CYS D 14 -7.32 -0.17 15.74
N ILE D 15 -7.06 -1.45 16.02
CA ILE D 15 -5.91 -2.10 15.41
C ILE D 15 -6.10 -2.13 13.90
N SER D 16 -5.09 -1.67 13.18
CA SER D 16 -5.25 -1.42 11.76
C SER D 16 -5.24 -2.71 10.94
N PRO D 17 -5.94 -2.73 9.80
CA PRO D 17 -5.89 -3.92 8.94
C PRO D 17 -4.49 -4.23 8.45
N ARG D 18 -3.67 -3.20 8.22
CA ARG D 18 -2.30 -3.43 7.80
C ARG D 18 -1.50 -4.13 8.90
N THR D 19 -1.78 -3.79 10.16
CA THR D 19 -1.10 -4.47 11.26
C THR D 19 -1.62 -5.89 11.44
N LEU D 20 -2.93 -6.08 11.27
CA LEU D 20 -3.51 -7.41 11.39
C LEU D 20 -2.94 -8.36 10.35
N ASN D 21 -3.05 -8.00 9.07
N ASN D 21 -3.04 -7.99 9.07
CA ASN D 21 -2.58 -8.89 8.01
CA ASN D 21 -2.59 -8.90 8.01
C ASN D 21 -1.08 -9.09 8.05
C ASN D 21 -1.08 -9.08 8.04
N ALA D 22 -0.33 -8.06 8.49
CA ALA D 22 1.12 -8.21 8.61
C ALA D 22 1.47 -9.25 9.66
N TRP D 23 0.69 -9.31 10.74
CA TRP D 23 0.93 -10.32 11.77
C TRP D 23 0.49 -11.70 11.29
N VAL D 24 -0.60 -11.77 10.54
CA VAL D 24 -1.07 -13.05 10.05
C VAL D 24 -0.09 -13.63 9.03
N LYS D 25 0.41 -12.79 8.12
CA LYS D 25 1.32 -13.29 7.08
C LYS D 25 2.68 -13.64 7.64
N VAL D 26 3.16 -12.91 8.66
CA VAL D 26 4.46 -13.22 9.24
C VAL D 26 4.42 -14.49 10.07
N VAL D 27 3.24 -14.89 10.54
CA VAL D 27 3.12 -16.19 11.20
C VAL D 27 2.96 -17.29 10.17
N GLU D 28 2.26 -17.00 9.07
CA GLU D 28 2.11 -17.98 8.01
C GLU D 28 3.45 -18.26 7.33
N GLU D 29 4.27 -17.23 7.13
CA GLU D 29 5.49 -17.41 6.37
C GLU D 29 6.65 -17.88 7.24
N LYS D 30 6.83 -17.27 8.42
CA LYS D 30 7.98 -17.57 9.25
C LYS D 30 7.64 -18.42 10.47
N ALA D 31 6.39 -18.87 10.60
CA ALA D 31 5.99 -19.75 11.69
C ALA D 31 6.57 -19.10 12.95
N PHE D 32 7.36 -19.86 13.70
CA PHE D 32 8.01 -19.38 14.91
C PHE D 32 9.53 -19.35 14.85
N SER D 33 10.06 -18.63 13.86
CA SER D 33 11.48 -18.35 13.80
C SER D 33 11.83 -17.32 14.87
N PRO D 34 13.12 -17.17 15.20
CA PRO D 34 13.48 -16.18 16.24
C PRO D 34 13.08 -14.75 15.92
N GLU D 35 12.91 -14.40 14.64
CA GLU D 35 12.63 -13.01 14.27
C GLU D 35 11.14 -12.69 14.24
N VAL D 36 10.24 -13.63 14.56
CA VAL D 36 8.83 -13.24 14.70
C VAL D 36 8.54 -12.69 16.08
N ILE D 37 9.48 -12.83 17.01
CA ILE D 37 9.33 -12.28 18.36
C ILE D 37 9.36 -10.76 18.30
N PRO D 38 10.37 -10.13 17.69
CA PRO D 38 10.34 -8.66 17.62
C PRO D 38 9.29 -8.12 16.67
N MET D 39 8.98 -8.85 15.59
CA MET D 39 7.90 -8.42 14.69
C MET D 39 6.57 -8.36 15.43
N PHE D 40 6.31 -9.33 16.31
CA PHE D 40 5.11 -9.27 17.14
C PHE D 40 5.16 -8.06 18.07
N SER D 41 6.31 -7.85 18.72
CA SER D 41 6.45 -6.72 19.63
C SER D 41 6.28 -5.40 18.90
N ALA D 42 6.75 -5.33 17.65
CA ALA D 42 6.63 -4.09 16.88
C ALA D 42 5.19 -3.86 16.43
N LEU D 43 4.55 -4.90 15.90
CA LEU D 43 3.16 -4.76 15.47
C LEU D 43 2.21 -4.54 16.65
N SER D 44 2.58 -4.99 17.84
CA SER D 44 1.78 -4.80 19.05
C SER D 44 2.23 -3.59 19.85
N CYS D 45 2.85 -2.61 19.20
CA CYS D 45 3.32 -1.43 19.90
C CYS D 45 2.15 -0.62 20.43
N GLY D 46 2.16 -0.37 21.74
CA GLY D 46 1.06 0.33 22.36
C GLY D 46 -0.24 -0.43 22.42
N ALA D 47 -0.22 -1.72 22.11
CA ALA D 47 -1.45 -2.50 22.06
C ALA D 47 -2.00 -2.72 23.45
N THR D 48 -3.33 -2.76 23.53
CA THR D 48 -4.04 -3.12 24.74
C THR D 48 -4.10 -4.65 24.86
N PRO D 49 -4.36 -5.17 26.06
CA PRO D 49 -4.59 -6.62 26.18
C PRO D 49 -5.68 -7.13 25.26
N GLN D 50 -6.66 -6.29 24.93
CA GLN D 50 -7.66 -6.69 23.93
C GLN D 50 -7.04 -6.80 22.55
N ASP D 51 -6.17 -5.85 22.19
CA ASP D 51 -5.50 -5.93 20.90
C ASP D 51 -4.51 -7.08 20.84
N LEU D 52 -3.87 -7.40 21.97
CA LEU D 52 -2.97 -8.55 22.00
C LEU D 52 -3.73 -9.85 21.79
N ASN D 53 -4.85 -10.03 22.51
CA ASN D 53 -5.66 -11.23 22.32
C ASN D 53 -6.16 -11.33 20.89
N THR D 54 -6.49 -10.20 20.27
CA THR D 54 -6.94 -10.23 18.89
C THR D 54 -5.86 -10.74 17.95
N MET D 55 -4.62 -10.30 18.15
CA MET D 55 -3.53 -10.78 17.30
C MET D 55 -3.34 -12.29 17.46
N LEU D 56 -3.41 -12.78 18.69
CA LEU D 56 -3.22 -14.21 18.91
C LEU D 56 -4.40 -15.02 18.39
N ASN D 57 -5.63 -14.51 18.56
CA ASN D 57 -6.78 -15.24 18.07
C ASN D 57 -6.82 -15.31 16.55
N THR D 58 -6.31 -14.28 15.87
CA THR D 58 -6.26 -14.31 14.41
C THR D 58 -5.29 -15.36 13.87
N VAL D 59 -4.44 -15.93 14.71
CA VAL D 59 -3.46 -16.91 14.27
C VAL D 59 -4.19 -18.23 14.03
N GLY D 60 -4.24 -18.66 12.77
CA GLY D 60 -4.83 -19.94 12.43
C GLY D 60 -3.78 -21.04 12.42
N GLY D 61 -4.15 -22.21 12.96
CA GLY D 61 -3.19 -23.27 13.10
C GLY D 61 -2.18 -22.97 14.20
N HIS D 62 -1.09 -23.74 14.18
CA HIS D 62 -0.04 -23.64 15.20
C HIS D 62 -0.62 -23.74 16.60
N GLN D 63 -1.73 -24.46 16.75
CA GLN D 63 -2.45 -24.50 18.01
C GLN D 63 -1.64 -25.13 19.13
N ALA D 64 -0.66 -25.97 18.80
CA ALA D 64 0.24 -26.50 19.83
C ALA D 64 1.01 -25.37 20.50
N ALA D 65 1.54 -24.45 19.69
CA ALA D 65 2.20 -23.27 20.23
C ALA D 65 1.20 -22.34 20.90
N ILE D 66 -0.01 -22.23 20.34
CA ILE D 66 -1.03 -21.38 20.94
C ILE D 66 -1.39 -21.88 22.33
N GLN D 67 -1.47 -23.20 22.49
N GLN D 67 -1.47 -23.21 22.50
CA GLN D 67 -1.80 -23.76 23.81
CA GLN D 67 -1.80 -23.76 23.81
C GLN D 67 -0.64 -23.63 24.77
C GLN D 67 -0.64 -23.64 24.78
N MET D 68 0.59 -23.82 24.27
CA MET D 68 1.76 -23.61 25.13
C MET D 68 1.89 -22.15 25.53
N LEU D 69 1.43 -21.24 24.67
CA LEU D 69 1.40 -19.82 25.02
C LEU D 69 0.34 -19.56 26.08
N LYS D 70 -0.79 -20.26 26.02
CA LYS D 70 -1.84 -20.10 27.02
C LYS D 70 -1.37 -20.58 28.38
N GLU D 71 -0.71 -21.74 28.43
CA GLU D 71 -0.24 -22.27 29.70
C GLU D 71 0.88 -21.42 30.28
N THR D 72 1.66 -20.74 29.43
CA THR D 72 2.62 -19.78 29.94
C THR D 72 1.92 -18.57 30.53
N ILE D 73 0.90 -18.06 29.85
CA ILE D 73 0.12 -16.94 30.38
C ILE D 73 -0.52 -17.33 31.71
N ASN D 74 -0.97 -18.59 31.83
CA ASN D 74 -1.55 -19.05 33.08
C ASN D 74 -0.51 -19.01 34.20
N GLU D 75 0.74 -19.39 33.90
CA GLU D 75 1.78 -19.40 34.92
C GLU D 75 2.13 -17.98 35.35
N GLU D 76 2.35 -17.09 34.38
CA GLU D 76 2.72 -15.72 34.71
C GLU D 76 1.56 -14.98 35.37
N ALA D 77 0.32 -15.30 35.00
CA ALA D 77 -0.83 -14.65 35.62
C ALA D 77 -1.03 -15.16 37.05
N ALA D 78 -0.84 -16.46 37.26
CA ALA D 78 -0.91 -17.01 38.62
C ALA D 78 0.22 -16.47 39.50
N GLU D 79 1.38 -16.19 38.90
CA GLU D 79 2.46 -15.57 39.66
C GLU D 79 2.13 -14.12 39.99
N TRP D 80 1.46 -13.42 39.07
CA TRP D 80 1.05 -12.05 39.33
C TRP D 80 0.04 -11.98 40.47
N ASP D 81 -0.90 -12.92 40.51
CA ASP D 81 -1.87 -12.95 41.60
C ASP D 81 -1.22 -13.32 42.92
N ARG D 82 -0.12 -14.07 42.89
CA ARG D 82 0.61 -14.38 44.11
C ARG D 82 1.41 -13.18 44.58
N LEU D 83 1.94 -12.38 43.66
CA LEU D 83 2.69 -11.18 44.01
C LEU D 83 1.79 -9.98 44.31
N HIS D 84 0.56 -9.95 43.79
CA HIS D 84 -0.32 -8.80 43.95
C HIS D 84 -1.67 -9.26 44.47
N PRO D 85 -1.79 -9.46 45.79
CA PRO D 85 -3.12 -9.72 46.38
C PRO D 85 -3.95 -8.44 46.39
N VAL D 86 -5.14 -8.50 45.78
CA VAL D 86 -5.99 -7.33 45.67
C VAL D 86 -7.14 -7.41 46.66
N PRO D 90 -13.67 0.03 48.75
CA PRO D 90 -13.88 0.42 47.36
C PRO D 90 -12.67 1.14 46.77
N ILE D 91 -12.59 1.19 45.44
CA ILE D 91 -11.50 1.89 44.78
C ILE D 91 -11.67 3.40 44.99
N ALA D 92 -10.55 4.09 45.23
CA ALA D 92 -10.58 5.52 45.47
C ALA D 92 -11.14 6.25 44.24
N PRO D 93 -11.78 7.41 44.45
CA PRO D 93 -12.49 8.07 43.33
C PRO D 93 -11.58 8.56 42.20
N GLY D 94 -10.27 8.59 42.39
CA GLY D 94 -9.38 8.98 41.33
C GLY D 94 -8.48 7.84 40.88
N GLN D 95 -8.80 6.63 41.34
CA GLN D 95 -7.98 5.46 41.09
C GLN D 95 -8.80 4.37 40.42
N MET D 96 -8.12 3.32 39.98
CA MET D 96 -8.74 2.13 39.45
C MET D 96 -8.33 0.92 40.29
N ARG D 97 -9.17 -0.11 40.28
CA ARG D 97 -8.89 -1.31 41.04
C ARG D 97 -7.58 -1.95 40.57
N GLU D 98 -6.85 -2.53 41.52
CA GLU D 98 -5.57 -3.16 41.21
C GLU D 98 -5.79 -4.34 40.27
N PRO D 99 -5.22 -4.32 39.06
CA PRO D 99 -5.54 -5.37 38.08
C PRO D 99 -4.98 -6.72 38.47
N ARG D 100 -5.83 -7.73 38.48
CA ARG D 100 -5.41 -9.11 38.72
C ARG D 100 -4.84 -9.71 37.44
N GLY D 101 -4.33 -10.93 37.57
CA GLY D 101 -3.73 -11.59 36.41
C GLY D 101 -4.72 -11.78 35.27
N SER D 102 -5.96 -12.16 35.60
CA SER D 102 -6.97 -12.34 34.56
C SER D 102 -7.35 -11.02 33.91
N ASP D 103 -7.19 -9.90 34.62
CA ASP D 103 -7.50 -8.58 34.06
C ASP D 103 -6.40 -8.11 33.12
N ILE D 104 -5.14 -8.44 33.43
CA ILE D 104 -4.04 -8.11 32.52
C ILE D 104 -4.15 -8.93 31.24
N ALA D 105 -4.61 -10.18 31.36
CA ALA D 105 -4.80 -11.03 30.20
C ALA D 105 -5.99 -10.59 29.34
N GLY D 106 -6.83 -9.68 29.83
CA GLY D 106 -7.95 -9.23 29.05
C GLY D 106 -9.16 -10.15 29.06
N THR D 107 -9.20 -11.12 29.97
CA THR D 107 -10.33 -12.03 30.05
C THR D 107 -11.43 -11.53 30.99
N THR D 108 -11.05 -10.97 32.14
CA THR D 108 -12.01 -10.45 33.11
C THR D 108 -12.02 -8.93 33.17
N SER D 109 -11.49 -8.27 32.15
CA SER D 109 -11.41 -6.81 32.13
C SER D 109 -11.99 -6.27 30.84
N THR D 110 -12.79 -5.21 30.96
CA THR D 110 -13.34 -4.54 29.79
C THR D 110 -12.27 -3.64 29.16
N LEU D 111 -12.50 -3.27 27.90
CA LEU D 111 -11.58 -2.36 27.22
C LEU D 111 -11.51 -1.01 27.94
N GLN D 112 -12.61 -0.56 28.52
CA GLN D 112 -12.59 0.66 29.32
C GLN D 112 -11.65 0.52 30.51
N GLU D 113 -11.67 -0.64 31.17
CA GLU D 113 -10.78 -0.84 32.32
C GLU D 113 -9.33 -0.89 31.89
N GLN D 114 -9.04 -1.52 30.76
CA GLN D 114 -7.66 -1.61 30.28
C GLN D 114 -7.11 -0.24 29.91
N ILE D 115 -7.89 0.55 29.17
CA ILE D 115 -7.44 1.88 28.78
C ILE D 115 -7.16 2.72 30.02
N GLY D 116 -8.01 2.61 31.03
CA GLY D 116 -7.83 3.40 32.25
C GLY D 116 -6.57 3.02 33.01
N TRP D 117 -6.19 1.75 32.97
CA TRP D 117 -4.94 1.33 33.60
C TRP D 117 -3.72 1.82 32.81
N MET D 118 -3.83 1.87 31.49
CA MET D 118 -2.68 2.28 30.68
C MET D 118 -2.54 3.79 30.64
N THR D 119 -3.65 4.52 30.57
CA THR D 119 -3.61 5.98 30.52
C THR D 119 -3.57 6.63 31.90
N HIS D 120 -3.64 5.85 32.97
CA HIS D 120 -3.56 6.39 34.32
C HIS D 120 -2.23 7.12 34.53
N ASN D 121 -2.21 7.99 35.52
CA ASN D 121 -0.99 8.67 35.95
C ASN D 121 -0.90 8.62 37.47
N PRO D 122 -0.02 7.79 38.05
CA PRO D 122 0.92 6.89 37.35
C PRO D 122 0.24 5.70 36.68
N PRO D 123 0.77 5.28 35.53
CA PRO D 123 0.09 4.24 34.74
C PRO D 123 0.36 2.83 35.25
N ILE D 124 -0.51 1.92 34.82
CA ILE D 124 -0.30 0.48 34.97
C ILE D 124 -0.33 -0.11 33.57
N PRO D 125 0.82 -0.25 32.91
CA PRO D 125 0.81 -0.66 31.49
C PRO D 125 0.42 -2.12 31.32
N VAL D 126 -0.87 -2.42 31.51
CA VAL D 126 -1.35 -3.79 31.39
C VAL D 126 -1.10 -4.33 29.98
N GLY D 127 -1.02 -3.44 28.99
CA GLY D 127 -0.65 -3.88 27.65
C GLY D 127 0.77 -4.41 27.61
N GLU D 128 1.70 -3.71 28.26
CA GLU D 128 3.10 -4.15 28.23
C GLU D 128 3.36 -5.30 29.19
N ILE D 129 2.59 -5.41 30.28
CA ILE D 129 2.74 -6.55 31.17
C ILE D 129 2.23 -7.81 30.50
N TYR D 130 1.07 -7.74 29.85
CA TYR D 130 0.54 -8.89 29.13
C TYR D 130 1.38 -9.23 27.92
N LYS D 131 2.02 -8.24 27.31
CA LYS D 131 2.93 -8.53 26.20
C LYS D 131 4.21 -9.19 26.69
N ARG D 132 4.63 -8.91 27.92
CA ARG D 132 5.80 -9.60 28.47
C ARG D 132 5.52 -11.09 28.64
N TRP D 133 4.31 -11.43 29.09
CA TRP D 133 3.95 -12.84 29.23
C TRP D 133 3.86 -13.53 27.88
N ILE D 134 3.34 -12.83 26.87
CA ILE D 134 3.24 -13.42 25.53
C ILE D 134 4.63 -13.64 24.94
N ILE D 135 5.49 -12.62 24.98
CA ILE D 135 6.84 -12.75 24.44
C ILE D 135 7.60 -13.86 25.16
N LEU D 136 7.41 -13.98 26.47
CA LEU D 136 8.09 -15.04 27.23
C LEU D 136 7.67 -16.42 26.73
N GLY D 137 6.38 -16.62 26.52
CA GLY D 137 5.91 -17.90 26.02
C GLY D 137 6.31 -18.15 24.58
N LEU D 138 6.40 -17.10 23.77
CA LEU D 138 6.83 -17.25 22.39
C LEU D 138 8.30 -17.63 22.30
N ASN D 139 9.12 -17.19 23.26
CA ASN D 139 10.52 -17.60 23.29
C ASN D 139 10.65 -19.08 23.64
N LYS D 140 9.78 -19.58 24.52
CA LYS D 140 9.76 -21.01 24.80
C LYS D 140 9.35 -21.79 23.56
N ILE D 141 8.44 -21.24 22.75
CA ILE D 141 8.02 -21.90 21.54
C ILE D 141 9.15 -21.95 20.52
N VAL D 142 9.82 -20.81 20.30
CA VAL D 142 10.93 -20.75 19.36
C VAL D 142 12.07 -21.65 19.82
N ARG D 143 12.33 -21.69 21.12
CA ARG D 143 13.35 -22.59 21.64
C ARG D 143 12.96 -24.05 21.41
N MET D 144 11.68 -24.38 21.61
CA MET D 144 11.21 -25.74 21.37
C MET D 144 11.18 -26.06 19.87
N TYR D 145 10.88 -25.08 19.02
CA TYR D 145 10.80 -25.31 17.59
C TYR D 145 12.15 -25.23 16.89
N SER D 146 13.24 -25.00 17.62
CA SER D 146 14.56 -25.00 17.01
C SER D 146 14.91 -26.42 16.56
N PRO D 147 15.18 -26.64 15.27
CA PRO D 147 15.37 -28.01 14.78
C PRO D 147 16.66 -28.67 15.24
N THR D 148 17.79 -28.00 15.04
CA THR D 148 19.10 -28.57 15.30
C THR D 148 19.75 -27.89 16.50
N SER D 149 20.68 -28.63 17.12
CA SER D 149 21.46 -28.09 18.23
C SER D 149 22.69 -27.38 17.71
N ILE D 150 23.27 -26.54 18.56
CA ILE D 150 24.48 -25.82 18.17
C ILE D 150 25.67 -26.77 18.07
N LEU D 151 25.65 -27.88 18.82
CA LEU D 151 26.71 -28.86 18.72
C LEU D 151 26.65 -29.65 17.41
N ASP D 152 25.49 -29.68 16.76
CA ASP D 152 25.31 -30.39 15.50
C ASP D 152 25.49 -29.50 14.29
N ILE D 153 26.12 -28.34 14.46
CA ILE D 153 26.36 -27.40 13.36
C ILE D 153 27.84 -27.45 13.04
N ARG D 154 28.18 -28.17 11.97
CA ARG D 154 29.55 -28.27 11.49
C ARG D 154 29.60 -27.79 10.04
N GLN D 155 30.74 -27.21 9.67
CA GLN D 155 30.89 -26.68 8.33
C GLN D 155 30.92 -27.80 7.30
N GLY D 156 30.16 -27.64 6.22
CA GLY D 156 30.11 -28.61 5.16
C GLY D 156 31.44 -28.78 4.47
N PRO D 157 31.56 -29.81 3.61
CA PRO D 157 32.85 -30.10 2.96
C PRO D 157 33.42 -28.91 2.21
N LYS D 158 32.63 -28.35 1.29
CA LYS D 158 33.01 -27.15 0.56
C LYS D 158 32.06 -26.00 0.84
N GLU D 159 31.35 -26.05 1.97
CA GLU D 159 30.44 -24.98 2.33
C GLU D 159 31.23 -23.72 2.66
N PRO D 160 30.90 -22.56 2.10
CA PRO D 160 31.63 -21.34 2.41
C PRO D 160 31.53 -21.00 3.90
N PHE D 161 32.60 -20.41 4.42
CA PHE D 161 32.64 -20.06 5.84
C PHE D 161 31.53 -19.07 6.20
N ARG D 162 31.12 -18.23 5.25
CA ARG D 162 30.00 -17.33 5.50
C ARG D 162 28.71 -18.11 5.75
N ASP D 163 28.42 -19.09 4.88
CA ASP D 163 27.20 -19.88 5.05
C ASP D 163 27.26 -20.72 6.32
N TYR D 164 28.45 -21.12 6.75
CA TYR D 164 28.58 -21.88 7.98
C TYR D 164 28.31 -21.01 9.21
N VAL D 165 28.89 -19.80 9.24
CA VAL D 165 28.65 -18.91 10.35
C VAL D 165 27.19 -18.47 10.39
N ASP D 166 26.59 -18.28 9.20
CA ASP D 166 25.17 -17.94 9.16
C ASP D 166 24.32 -19.01 9.84
N ARG D 167 24.53 -20.27 9.48
CA ARG D 167 23.80 -21.35 10.13
C ARG D 167 24.16 -21.46 11.60
N PHE D 168 25.39 -21.09 11.97
CA PHE D 168 25.82 -21.21 13.36
C PHE D 168 25.02 -20.28 14.26
N TYR D 169 25.11 -18.97 14.00
CA TYR D 169 24.41 -18.01 14.84
C TYR D 169 22.90 -18.02 14.61
N LYS D 170 22.44 -18.61 13.50
CA LYS D 170 21.00 -18.81 13.33
C LYS D 170 20.48 -19.86 14.30
N THR D 171 21.15 -21.01 14.37
CA THR D 171 20.77 -22.03 15.35
C THR D 171 21.07 -21.58 16.77
N LEU D 172 22.16 -20.82 16.97
CA LEU D 172 22.46 -20.29 18.30
C LEU D 172 21.39 -19.32 18.76
N ARG D 173 20.89 -18.48 17.84
CA ARG D 173 19.84 -17.54 18.20
C ARG D 173 18.55 -18.26 18.56
N ALA D 174 18.24 -19.35 17.86
CA ALA D 174 16.99 -20.06 18.10
C ALA D 174 17.04 -20.83 19.42
N GLU D 175 18.17 -21.46 19.72
CA GLU D 175 18.27 -22.29 20.92
C GLU D 175 18.42 -21.46 22.19
N GLN D 176 19.04 -20.29 22.10
CA GLN D 176 19.23 -19.39 23.24
C GLN D 176 19.98 -20.08 24.38
N ALA D 184 27.56 -19.42 25.66
CA ALA D 184 28.79 -19.38 26.44
C ALA D 184 29.99 -19.78 25.60
N ALA D 185 29.98 -21.01 25.10
CA ALA D 185 31.08 -21.54 24.28
C ALA D 185 30.96 -21.13 22.82
N THR D 186 30.64 -19.87 22.55
CA THR D 186 30.43 -19.42 21.18
C THR D 186 31.75 -19.32 20.42
N GLU D 187 32.77 -18.75 21.05
CA GLU D 187 34.03 -18.53 20.36
C GLU D 187 34.77 -19.83 20.09
N THR D 188 34.66 -20.81 20.99
CA THR D 188 35.40 -22.05 20.87
C THR D 188 34.71 -23.08 19.97
N LEU D 189 33.37 -23.16 20.04
CA LEU D 189 32.68 -24.15 19.22
C LEU D 189 32.63 -23.75 17.75
N LEU D 190 32.68 -22.44 17.47
CA LEU D 190 32.67 -21.98 16.08
C LEU D 190 33.91 -22.44 15.34
N VAL D 191 35.09 -22.21 15.94
CA VAL D 191 36.34 -22.64 15.30
C VAL D 191 36.48 -24.15 15.34
N GLN D 192 35.90 -24.80 16.35
CA GLN D 192 36.06 -26.25 16.49
C GLN D 192 35.23 -27.03 15.47
N ASN D 193 34.17 -26.45 14.92
CA ASN D 193 33.29 -27.13 13.98
C ASN D 193 33.45 -26.62 12.56
N ALA D 194 34.58 -25.99 12.25
CA ALA D 194 34.87 -25.57 10.88
C ALA D 194 35.64 -26.66 10.15
N ASN D 195 35.74 -26.51 8.82
CA ASN D 195 36.53 -27.43 8.02
C ASN D 195 38.01 -27.31 8.39
N PRO D 196 38.75 -28.43 8.35
CA PRO D 196 40.19 -28.38 8.63
C PRO D 196 40.91 -27.34 7.78
N ASP D 197 40.32 -27.00 6.64
CA ASP D 197 40.85 -25.91 5.82
C ASP D 197 40.77 -24.58 6.58
N CYS D 198 39.56 -24.19 6.99
CA CYS D 198 39.40 -22.92 7.70
C CYS D 198 39.75 -23.05 9.18
N LYS D 199 39.54 -24.23 9.77
CA LYS D 199 39.82 -24.42 11.19
C LYS D 199 41.29 -24.16 11.51
N THR D 200 42.19 -24.65 10.65
CA THR D 200 43.61 -24.40 10.86
C THR D 200 43.93 -22.91 10.74
N ILE D 201 43.25 -22.21 9.84
CA ILE D 201 43.47 -20.77 9.69
C ILE D 201 42.99 -20.04 10.94
N LEU D 202 41.81 -20.42 11.45
CA LEU D 202 41.27 -19.74 12.62
C LEU D 202 42.13 -20.00 13.86
N LYS D 203 42.55 -21.25 14.05
CA LYS D 203 43.43 -21.55 15.18
C LYS D 203 44.75 -20.80 15.08
N ALA D 204 45.20 -20.50 13.85
CA ALA D 204 46.46 -19.78 13.68
C ALA D 204 46.34 -18.34 14.16
N LEU D 205 45.18 -17.71 13.96
CA LEU D 205 45.00 -16.34 14.42
C LEU D 205 44.96 -16.26 15.95
N GLY D 206 44.48 -17.31 16.61
CA GLY D 206 44.44 -17.36 18.04
C GLY D 206 43.21 -16.69 18.62
N PRO D 207 43.00 -16.84 19.93
CA PRO D 207 41.85 -16.19 20.57
C PRO D 207 42.01 -14.68 20.57
N GLY D 208 40.88 -14.00 20.71
CA GLY D 208 40.85 -12.55 20.64
C GLY D 208 40.57 -11.99 19.26
N ALA D 209 40.46 -12.83 18.23
CA ALA D 209 40.14 -12.37 16.90
C ALA D 209 38.63 -12.15 16.76
N THR D 210 38.27 -11.14 15.98
CA THR D 210 36.88 -10.80 15.77
C THR D 210 36.29 -11.65 14.64
N LEU D 211 34.95 -11.69 14.60
CA LEU D 211 34.29 -12.44 13.53
C LEU D 211 34.59 -11.85 12.16
N GLU D 212 34.80 -10.53 12.08
CA GLU D 212 35.19 -9.92 10.83
C GLU D 212 36.55 -10.43 10.37
N GLU D 213 37.51 -10.51 11.29
CA GLU D 213 38.84 -11.03 10.94
C GLU D 213 38.76 -12.52 10.61
N MET D 214 37.92 -13.27 11.33
CA MET D 214 37.81 -14.70 11.07
C MET D 214 37.18 -14.97 9.71
N MET D 215 36.15 -14.21 9.34
CA MET D 215 35.49 -14.45 8.05
C MET D 215 36.34 -13.94 6.89
N THR D 216 37.06 -12.83 7.08
CA THR D 216 37.98 -12.39 6.04
C THR D 216 39.16 -13.34 5.89
N ALA D 217 39.46 -14.14 6.91
CA ALA D 217 40.52 -15.12 6.84
C ALA D 217 40.11 -16.41 6.14
N CYS D 218 38.82 -16.61 5.90
CA CYS D 218 38.31 -17.82 5.24
C CYS D 218 37.40 -17.45 4.07
N GLN D 219 37.89 -16.56 3.21
CA GLN D 219 37.16 -16.20 2.00
C GLN D 219 37.74 -16.96 0.79
N PRO E 1 9.52 5.72 15.88
CA PRO E 1 10.39 6.92 15.86
C PRO E 1 9.79 8.09 16.63
N ILE E 2 10.50 9.20 16.69
CA ILE E 2 10.05 10.42 17.36
C ILE E 2 9.82 11.47 16.28
N VAL E 3 8.59 11.96 16.18
CA VAL E 3 8.19 12.90 15.14
C VAL E 3 7.49 14.09 15.77
N GLN E 4 7.46 15.19 15.01
CA GLN E 4 6.79 16.41 15.43
C GLN E 4 5.36 16.40 14.91
N ASN E 5 4.40 16.42 15.83
CA ASN E 5 2.98 16.36 15.46
C ASN E 5 2.53 17.71 14.91
N LEU E 6 1.25 17.78 14.54
CA LEU E 6 0.69 19.04 14.05
C LEU E 6 0.73 20.11 15.12
N GLN E 7 0.62 19.73 16.39
CA GLN E 7 0.72 20.69 17.49
C GLN E 7 2.12 21.27 17.63
N GLY E 8 3.13 20.66 17.01
CA GLY E 8 4.48 21.17 17.05
C GLY E 8 5.38 20.55 18.10
N GLN E 9 4.89 19.57 18.86
CA GLN E 9 5.65 18.93 19.91
C GLN E 9 6.29 17.64 19.39
N MET E 10 7.49 17.35 19.91
CA MET E 10 8.19 16.12 19.56
C MET E 10 7.61 14.97 20.38
N VAL E 11 7.02 13.98 19.70
CA VAL E 11 6.30 12.90 20.36
C VAL E 11 6.67 11.58 19.71
N HIS E 12 6.74 10.52 20.52
CA HIS E 12 7.01 9.19 20.00
C HIS E 12 5.80 8.63 19.26
N GLN E 13 6.07 7.78 18.28
CA GLN E 13 5.05 7.04 17.57
C GLN E 13 5.58 5.64 17.28
N CYS E 14 4.67 4.71 17.07
CA CYS E 14 5.05 3.33 16.82
C CYS E 14 5.62 3.17 15.43
N ILE E 15 6.63 2.30 15.30
CA ILE E 15 7.22 2.05 13.99
C ILE E 15 6.19 1.36 13.10
N SER E 16 5.99 1.91 11.90
CA SER E 16 4.86 1.49 11.09
C SER E 16 5.10 0.13 10.46
N PRO E 17 4.05 -0.65 10.24
CA PRO E 17 4.21 -1.92 9.52
C PRO E 17 4.73 -1.74 8.12
N ARG E 18 4.44 -0.60 7.48
CA ARG E 18 5.03 -0.34 6.17
C ARG E 18 6.54 -0.18 6.27
N THR E 19 7.01 0.53 7.30
CA THR E 19 8.45 0.66 7.50
C THR E 19 9.07 -0.66 7.90
N LEU E 20 8.42 -1.41 8.78
CA LEU E 20 8.92 -2.71 9.18
C LEU E 20 9.11 -3.63 7.99
N ASN E 21 8.05 -3.83 7.19
CA ASN E 21 8.14 -4.77 6.08
C ASN E 21 9.06 -4.26 4.97
N ALA E 22 9.12 -2.94 4.77
CA ALA E 22 10.03 -2.41 3.75
C ALA E 22 11.48 -2.71 4.10
N TRP E 23 11.82 -2.64 5.39
CA TRP E 23 13.18 -2.98 5.81
C TRP E 23 13.44 -4.47 5.69
N VAL E 24 12.45 -5.30 6.03
CA VAL E 24 12.64 -6.74 5.93
C VAL E 24 12.84 -7.16 4.48
N LYS E 25 12.05 -6.60 3.57
CA LYS E 25 12.14 -6.99 2.17
C LYS E 25 13.42 -6.46 1.52
N VAL E 26 13.87 -5.27 1.91
CA VAL E 26 15.11 -4.73 1.36
C VAL E 26 16.29 -5.60 1.78
N VAL E 27 16.29 -6.09 3.01
CA VAL E 27 17.32 -7.03 3.43
C VAL E 27 17.14 -8.37 2.72
N GLU E 28 15.89 -8.78 2.50
CA GLU E 28 15.66 -10.05 1.82
C GLU E 28 16.09 -9.97 0.36
N GLU E 29 15.82 -8.85 -0.31
CA GLU E 29 16.08 -8.78 -1.74
C GLU E 29 17.52 -8.38 -2.03
N LYS E 30 18.01 -7.34 -1.35
CA LYS E 30 19.32 -6.78 -1.63
C LYS E 30 20.41 -7.24 -0.67
N ALA E 31 20.08 -8.09 0.31
CA ALA E 31 21.05 -8.60 1.27
C ALA E 31 21.82 -7.39 1.78
N PHE E 32 23.14 -7.41 1.64
CA PHE E 32 24.00 -6.32 2.06
C PHE E 32 24.75 -5.65 0.92
N SER E 33 24.00 -5.22 -0.09
CA SER E 33 24.55 -4.38 -1.14
C SER E 33 24.79 -2.97 -0.60
N PRO E 34 25.60 -2.17 -1.29
CA PRO E 34 25.87 -0.81 -0.78
C PRO E 34 24.62 0.04 -0.60
N GLU E 35 23.62 -0.11 -1.46
CA GLU E 35 22.43 0.72 -1.39
C GLU E 35 21.48 0.31 -0.27
N VAL E 36 21.84 -0.70 0.52
CA VAL E 36 21.03 -1.04 1.69
C VAL E 36 21.38 -0.14 2.88
N ILE E 37 22.56 0.47 2.88
CA ILE E 37 22.96 1.36 3.95
C ILE E 37 22.06 2.60 3.98
N PRO E 38 21.91 3.36 2.88
CA PRO E 38 21.02 4.53 2.95
C PRO E 38 19.56 4.15 3.12
N MET E 39 19.16 2.99 2.61
CA MET E 39 17.79 2.53 2.82
C MET E 39 17.51 2.27 4.29
N PHE E 40 18.49 1.74 5.02
CA PHE E 40 18.33 1.57 6.45
C PHE E 40 18.27 2.92 7.16
N SER E 41 19.13 3.85 6.76
CA SER E 41 19.15 5.16 7.41
C SER E 41 17.88 5.94 7.14
N ALA E 42 17.32 5.78 5.93
CA ALA E 42 16.09 6.49 5.60
C ALA E 42 14.90 5.90 6.34
N LEU E 43 14.79 4.58 6.35
CA LEU E 43 13.69 3.93 7.07
C LEU E 43 13.80 4.09 8.58
N SER E 44 14.99 4.38 9.09
CA SER E 44 15.19 4.60 10.52
C SER E 44 15.26 6.08 10.85
N CYS E 45 14.63 6.92 10.03
CA CYS E 45 14.66 8.36 10.25
C CYS E 45 13.92 8.69 11.52
N GLY E 46 14.63 9.30 12.47
CA GLY E 46 14.05 9.65 13.76
C GLY E 46 13.80 8.49 14.68
N ALA E 47 14.35 7.32 14.37
CA ALA E 47 14.07 6.12 15.16
C ALA E 47 14.77 6.18 16.51
N THR E 48 14.09 5.63 17.52
CA THR E 48 14.68 5.47 18.83
C THR E 48 15.60 4.25 18.84
N PRO E 49 16.47 4.12 19.85
CA PRO E 49 17.26 2.90 19.97
C PRO E 49 16.41 1.64 20.07
N GLN E 50 15.19 1.75 20.60
CA GLN E 50 14.30 0.60 20.63
C GLN E 50 13.83 0.25 19.22
N ASP E 51 13.47 1.26 18.42
CA ASP E 51 13.07 1.01 17.03
C ASP E 51 14.23 0.45 16.22
N LEU E 52 15.44 0.95 16.44
CA LEU E 52 16.60 0.41 15.75
C LEU E 52 16.81 -1.05 16.11
N ASN E 53 16.78 -1.37 17.40
CA ASN E 53 16.86 -2.76 17.82
C ASN E 53 15.78 -3.59 17.16
N THR E 54 14.58 -3.03 17.02
CA THR E 54 13.49 -3.76 16.38
C THR E 54 13.78 -4.01 14.90
N MET E 55 14.33 -3.04 14.20
CA MET E 55 14.64 -3.24 12.78
C MET E 55 15.70 -4.31 12.60
N LEU E 56 16.70 -4.34 13.48
CA LEU E 56 17.74 -5.34 13.37
C LEU E 56 17.24 -6.72 13.80
N ASN E 57 16.40 -6.76 14.84
CA ASN E 57 15.91 -8.05 15.32
C ASN E 57 14.91 -8.67 14.35
N THR E 58 14.25 -7.87 13.51
CA THR E 58 13.33 -8.42 12.53
C THR E 58 14.05 -9.05 11.34
N VAL E 59 15.37 -8.91 11.26
CA VAL E 59 16.15 -9.46 10.15
C VAL E 59 16.36 -10.95 10.42
N GLY E 60 15.68 -11.79 9.63
CA GLY E 60 15.90 -13.22 9.70
C GLY E 60 17.04 -13.64 8.79
N GLY E 61 17.83 -14.61 9.25
CA GLY E 61 19.02 -15.00 8.52
C GLY E 61 20.09 -13.91 8.62
N HIS E 62 21.12 -14.05 7.78
CA HIS E 62 22.24 -13.12 7.77
C HIS E 62 22.87 -12.98 9.15
N GLN E 63 22.79 -14.04 9.94
CA GLN E 63 23.22 -13.97 11.33
C GLN E 63 24.72 -13.74 11.48
N ALA E 64 25.51 -14.08 10.46
CA ALA E 64 26.91 -13.68 10.48
C ALA E 64 27.04 -12.17 10.49
N ALA E 65 26.36 -11.50 9.55
CA ALA E 65 26.36 -10.04 9.53
C ALA E 65 25.77 -9.48 10.80
N ILE E 66 24.69 -10.09 11.30
CA ILE E 66 24.08 -9.65 12.55
C ILE E 66 25.09 -9.72 13.70
N GLN E 67 25.85 -10.81 13.74
CA GLN E 67 26.82 -10.96 14.83
C GLN E 67 27.99 -9.99 14.66
N MET E 68 28.45 -9.78 13.43
CA MET E 68 29.47 -8.77 13.20
C MET E 68 28.95 -7.38 13.56
N LEU E 69 27.66 -7.14 13.28
CA LEU E 69 27.05 -5.88 13.67
C LEU E 69 27.01 -5.72 15.18
N LYS E 70 26.72 -6.81 15.90
CA LYS E 70 26.71 -6.77 17.36
C LYS E 70 28.10 -6.46 17.90
N GLU E 71 29.13 -7.12 17.37
CA GLU E 71 30.48 -6.90 17.85
C GLU E 71 30.98 -5.50 17.53
N THR E 72 30.52 -4.91 16.42
CA THR E 72 30.86 -3.52 16.14
C THR E 72 30.18 -2.59 17.13
N ILE E 73 28.93 -2.86 17.47
CA ILE E 73 28.23 -2.07 18.48
C ILE E 73 28.93 -2.19 19.83
N ASN E 74 29.42 -3.40 20.16
CA ASN E 74 30.14 -3.59 21.41
C ASN E 74 31.40 -2.73 21.45
N GLU E 75 32.10 -2.61 20.31
CA GLU E 75 33.32 -1.81 20.28
C GLU E 75 33.02 -0.32 20.42
N GLU E 76 32.00 0.18 19.72
CA GLU E 76 31.67 1.60 19.81
C GLU E 76 31.06 1.95 21.16
N ALA E 77 30.31 1.03 21.76
CA ALA E 77 29.76 1.28 23.09
C ALA E 77 30.85 1.25 24.14
N ALA E 78 31.78 0.30 24.04
CA ALA E 78 32.92 0.28 24.95
C ALA E 78 33.79 1.51 24.77
N GLU E 79 33.87 2.03 23.54
CA GLU E 79 34.57 3.29 23.33
C GLU E 79 33.79 4.46 23.92
N TRP E 80 32.46 4.43 23.81
CA TRP E 80 31.65 5.47 24.42
C TRP E 80 31.76 5.45 25.94
N ASP E 81 31.82 4.25 26.54
CA ASP E 81 32.01 4.16 27.97
C ASP E 81 33.42 4.59 28.37
N ARG E 82 34.39 4.45 27.47
CA ARG E 82 35.73 4.95 27.76
C ARG E 82 35.76 6.47 27.72
N LEU E 83 34.96 7.08 26.84
CA LEU E 83 34.92 8.54 26.71
C LEU E 83 33.91 9.20 27.64
N HIS E 84 32.89 8.48 28.08
CA HIS E 84 31.85 9.04 28.96
C HIS E 84 31.61 8.14 30.16
N PRO E 85 32.56 8.10 31.11
CA PRO E 85 32.25 7.49 32.42
C PRO E 85 31.44 8.47 33.24
N VAL E 86 30.25 8.05 33.64
CA VAL E 86 29.30 8.95 34.28
C VAL E 86 29.72 9.18 35.73
N HIS E 87 29.77 10.45 36.12
CA HIS E 87 30.01 10.82 37.52
C HIS E 87 28.65 10.78 38.22
N ALA E 88 28.30 9.60 38.72
CA ALA E 88 26.96 9.33 39.22
C ALA E 88 26.67 10.16 40.47
N GLY E 89 25.40 10.17 40.85
CA GLY E 89 24.93 10.94 41.98
C GLY E 89 23.48 11.32 41.80
N PRO E 90 23.04 12.36 42.51
CA PRO E 90 21.65 12.80 42.35
C PRO E 90 21.47 13.61 41.06
N ILE E 91 21.04 12.94 39.99
CA ILE E 91 20.85 13.63 38.72
C ILE E 91 19.79 14.72 38.88
N ALA E 92 20.04 15.86 38.25
CA ALA E 92 19.30 17.07 38.56
C ALA E 92 17.82 16.94 38.16
N PRO E 93 16.91 17.52 38.95
CA PRO E 93 15.48 17.45 38.62
C PRO E 93 15.18 18.31 37.39
N GLY E 94 14.71 17.67 36.32
CA GLY E 94 14.58 18.30 35.04
C GLY E 94 15.68 17.94 34.05
N GLN E 95 16.71 17.22 34.49
CA GLN E 95 17.79 16.76 33.65
C GLN E 95 17.79 15.24 33.61
N MET E 96 18.61 14.70 32.71
CA MET E 96 18.69 13.26 32.49
C MET E 96 20.07 12.75 32.87
N ARG E 97 20.13 11.53 33.35
CA ARG E 97 21.42 10.89 33.63
C ARG E 97 22.19 10.68 32.33
N GLU E 98 23.50 10.87 32.39
CA GLU E 98 24.33 10.75 31.19
C GLU E 98 24.24 9.33 30.65
N PRO E 99 23.85 9.15 29.38
CA PRO E 99 23.64 7.79 28.87
C PRO E 99 24.97 7.07 28.62
N ARG E 100 25.09 5.89 29.20
CA ARG E 100 26.24 5.03 28.93
C ARG E 100 26.07 4.35 27.57
N GLY E 101 27.06 3.55 27.19
CA GLY E 101 27.00 2.88 25.90
C GLY E 101 25.85 1.89 25.81
N SER E 102 25.63 1.13 26.88
CA SER E 102 24.54 0.16 26.88
C SER E 102 23.18 0.83 26.82
N ASP E 103 23.06 2.06 27.34
CA ASP E 103 21.81 2.80 27.24
C ASP E 103 21.57 3.30 25.82
N ILE E 104 22.63 3.69 25.12
CA ILE E 104 22.46 4.13 23.73
C ILE E 104 22.06 2.96 22.85
N ALA E 105 22.55 1.75 23.16
CA ALA E 105 22.17 0.56 22.41
C ALA E 105 20.75 0.10 22.72
N GLY E 106 20.10 0.65 23.73
CA GLY E 106 18.76 0.25 24.08
C GLY E 106 18.64 -0.96 24.97
N THR E 107 19.77 -1.49 25.46
CA THR E 107 19.74 -2.70 26.27
C THR E 107 19.43 -2.39 27.74
N THR E 108 20.02 -1.33 28.27
CA THR E 108 19.86 -0.97 29.68
C THR E 108 19.02 0.30 29.88
N SER E 109 18.31 0.74 28.84
CA SER E 109 17.51 1.95 28.92
C SER E 109 16.08 1.65 28.50
N THR E 110 15.13 2.24 29.21
CA THR E 110 13.73 2.12 28.85
C THR E 110 13.40 3.08 27.71
N LEU E 111 12.24 2.85 27.08
CA LEU E 111 11.79 3.75 26.03
C LEU E 111 11.56 5.15 26.58
N GLN E 112 11.09 5.27 27.82
N GLN E 112 11.10 5.27 27.82
CA GLN E 112 10.91 6.58 28.43
CA GLN E 112 10.92 6.60 28.41
C GLN E 112 12.25 7.31 28.55
C GLN E 112 12.25 7.32 28.57
N GLU E 113 13.31 6.59 28.93
CA GLU E 113 14.62 7.23 29.05
C GLU E 113 15.17 7.64 27.70
N GLN E 114 15.00 6.80 26.67
CA GLN E 114 15.48 7.15 25.35
C GLN E 114 14.74 8.37 24.79
N ILE E 115 13.42 8.42 25.00
CA ILE E 115 12.65 9.58 24.56
C ILE E 115 13.11 10.83 25.30
N GLY E 116 13.40 10.70 26.60
CA GLY E 116 13.81 11.86 27.38
C GLY E 116 15.14 12.43 26.91
N TRP E 117 16.05 11.56 26.48
CA TRP E 117 17.34 12.03 25.98
C TRP E 117 17.20 12.72 24.62
N MET E 118 16.36 12.16 23.76
CA MET E 118 16.24 12.68 22.40
C MET E 118 15.42 13.97 22.35
N THR E 119 14.39 14.07 23.18
CA THR E 119 13.55 15.25 23.25
C THR E 119 14.08 16.29 24.24
N HIS E 120 15.18 16.01 24.91
CA HIS E 120 15.78 16.97 25.83
C HIS E 120 16.17 18.25 25.08
N ASN E 121 16.31 19.34 25.85
CA ASN E 121 16.75 20.63 25.32
C ASN E 121 17.84 21.16 26.24
N PRO E 122 19.13 21.02 25.88
CA PRO E 122 19.66 20.45 24.65
C PRO E 122 19.56 18.92 24.57
N PRO E 123 19.37 18.39 23.37
CA PRO E 123 19.12 16.95 23.24
C PRO E 123 20.39 16.11 23.27
N ILE E 124 20.19 14.83 23.56
CA ILE E 124 21.23 13.80 23.43
C ILE E 124 20.69 12.76 22.44
N PRO E 125 20.89 12.95 21.14
CA PRO E 125 20.24 12.06 20.17
C PRO E 125 20.78 10.64 20.22
N VAL E 126 20.42 9.90 21.26
CA VAL E 126 20.85 8.51 21.38
C VAL E 126 20.38 7.70 20.19
N GLY E 127 19.30 8.12 19.54
CA GLY E 127 18.86 7.44 18.35
C GLY E 127 19.85 7.58 17.20
N GLU E 128 20.39 8.79 17.01
CA GLU E 128 21.36 8.98 15.94
C GLU E 128 22.74 8.47 16.33
N ILE E 129 23.07 8.46 17.63
CA ILE E 129 24.35 7.90 18.07
C ILE E 129 24.35 6.39 17.87
N TYR E 130 23.25 5.73 18.23
CA TYR E 130 23.19 4.28 18.05
C TYR E 130 23.08 3.93 16.57
N LYS E 131 22.38 4.75 15.79
CA LYS E 131 22.32 4.54 14.34
C LYS E 131 23.69 4.71 13.71
N ARG E 132 24.50 5.62 14.24
CA ARG E 132 25.87 5.77 13.75
C ARG E 132 26.66 4.47 13.94
N TRP E 133 26.49 3.82 15.09
CA TRP E 133 27.18 2.57 15.33
C TRP E 133 26.68 1.46 14.40
N ILE E 134 25.39 1.45 14.11
CA ILE E 134 24.83 0.42 13.24
C ILE E 134 25.31 0.62 11.80
N ILE E 135 25.27 1.86 11.32
CA ILE E 135 25.71 2.15 9.95
C ILE E 135 27.19 1.81 9.80
N LEU E 136 27.99 2.04 10.84
CA LEU E 136 29.40 1.72 10.78
C LEU E 136 29.62 0.22 10.61
N GLY E 137 28.96 -0.60 11.43
CA GLY E 137 29.09 -2.04 11.29
C GLY E 137 28.55 -2.56 9.98
N LEU E 138 27.47 -1.96 9.48
CA LEU E 138 26.92 -2.37 8.19
C LEU E 138 27.89 -2.06 7.06
N ASN E 139 28.63 -0.95 7.17
CA ASN E 139 29.65 -0.65 6.16
C ASN E 139 30.74 -1.70 6.16
N LYS E 140 31.09 -2.23 7.34
CA LYS E 140 32.05 -3.32 7.38
C LYS E 140 31.45 -4.59 6.80
N ILE E 141 30.13 -4.77 6.91
CA ILE E 141 29.48 -5.94 6.37
C ILE E 141 29.42 -5.87 4.84
N VAL E 142 29.06 -4.70 4.30
CA VAL E 142 29.01 -4.52 2.87
C VAL E 142 30.41 -4.64 2.26
N ARG E 143 31.41 -4.07 2.94
CA ARG E 143 32.80 -4.22 2.50
C ARG E 143 33.21 -5.69 2.43
N MET E 144 32.84 -6.47 3.45
CA MET E 144 33.18 -7.89 3.46
C MET E 144 32.44 -8.66 2.36
N TYR E 145 31.15 -8.37 2.18
CA TYR E 145 30.34 -9.10 1.23
C TYR E 145 30.56 -8.65 -0.22
N SER E 146 31.50 -7.76 -0.46
CA SER E 146 31.81 -7.37 -1.84
C SER E 146 32.42 -8.56 -2.57
N PRO E 147 31.79 -9.06 -3.64
CA PRO E 147 32.24 -10.33 -4.23
C PRO E 147 33.59 -10.22 -4.91
N THR E 148 33.75 -9.25 -5.81
CA THR E 148 34.95 -9.12 -6.64
C THR E 148 35.75 -7.89 -6.24
N SER E 149 37.02 -7.89 -6.63
CA SER E 149 37.91 -6.76 -6.39
C SER E 149 37.93 -5.84 -7.60
N ILE E 150 38.31 -4.58 -7.34
CA ILE E 150 38.40 -3.61 -8.43
C ILE E 150 39.52 -3.98 -9.39
N LEU E 151 40.54 -4.70 -8.92
CA LEU E 151 41.63 -5.14 -9.79
C LEU E 151 41.20 -6.24 -10.75
N ASP E 152 40.12 -6.96 -10.43
CA ASP E 152 39.64 -8.05 -11.27
C ASP E 152 38.52 -7.62 -12.22
N ILE E 153 38.32 -6.31 -12.40
CA ILE E 153 37.27 -5.80 -13.27
C ILE E 153 37.95 -5.31 -14.56
N ARG E 154 37.88 -6.14 -15.59
CA ARG E 154 38.37 -5.79 -16.91
C ARG E 154 37.23 -5.87 -17.92
N GLN E 155 37.28 -5.00 -18.92
CA GLN E 155 36.20 -4.95 -19.90
C GLN E 155 36.17 -6.22 -20.72
N GLY E 156 34.98 -6.80 -20.86
CA GLY E 156 34.79 -8.01 -21.63
C GLY E 156 35.13 -7.82 -23.09
N PRO E 157 35.20 -8.92 -23.85
CA PRO E 157 35.61 -8.84 -25.26
C PRO E 157 34.78 -7.87 -26.08
N LYS E 158 33.47 -8.07 -26.11
CA LYS E 158 32.54 -7.17 -26.78
C LYS E 158 31.58 -6.52 -25.78
N GLU E 159 31.98 -6.44 -24.52
CA GLU E 159 31.14 -5.81 -23.50
C GLU E 159 31.10 -4.31 -23.73
N PRO E 160 29.92 -3.69 -23.74
CA PRO E 160 29.84 -2.24 -23.93
C PRO E 160 30.56 -1.49 -22.82
N PHE E 161 31.15 -0.35 -23.20
CA PHE E 161 31.89 0.45 -22.23
C PHE E 161 31.00 0.92 -21.09
N ARG E 162 29.71 1.11 -21.36
CA ARG E 162 28.78 1.50 -20.29
C ARG E 162 28.66 0.41 -19.24
N ASP E 163 28.40 -0.83 -19.69
CA ASP E 163 28.26 -1.94 -18.74
C ASP E 163 29.55 -2.19 -17.97
N TYR E 164 30.70 -1.94 -18.61
CA TYR E 164 31.97 -2.10 -17.90
C TYR E 164 32.12 -1.04 -16.81
N VAL E 165 31.82 0.22 -17.13
CA VAL E 165 31.92 1.27 -16.13
C VAL E 165 30.90 1.07 -15.02
N ASP E 166 29.72 0.54 -15.35
CA ASP E 166 28.74 0.20 -14.32
C ASP E 166 29.29 -0.84 -13.35
N ARG E 167 29.92 -1.90 -13.88
CA ARG E 167 30.53 -2.90 -13.02
C ARG E 167 31.75 -2.35 -12.30
N PHE E 168 32.42 -1.36 -12.89
CA PHE E 168 33.60 -0.79 -12.27
C PHE E 168 33.25 -0.04 -10.98
N TYR E 169 32.42 1.00 -11.10
CA TYR E 169 32.07 1.80 -9.94
C TYR E 169 31.12 1.09 -8.99
N LYS E 170 30.43 0.04 -9.44
CA LYS E 170 29.64 -0.77 -8.51
C LYS E 170 30.56 -1.55 -7.57
N THR E 171 31.58 -2.21 -8.14
CA THR E 171 32.57 -2.88 -7.30
C THR E 171 33.42 -1.87 -6.53
N LEU E 172 33.68 -0.70 -7.12
CA LEU E 172 34.39 0.36 -6.40
C LEU E 172 33.56 0.90 -5.25
N ARG E 173 32.23 0.90 -5.38
CA ARG E 173 31.39 1.38 -4.31
C ARG E 173 31.33 0.39 -3.15
N ALA E 174 31.29 -0.91 -3.45
CA ALA E 174 31.21 -1.91 -2.40
C ALA E 174 32.53 -2.04 -1.64
N GLU E 175 33.65 -1.92 -2.35
CA GLU E 175 34.96 -2.03 -1.72
C GLU E 175 35.46 -0.67 -1.26
N GLN E 176 36.18 -0.67 -0.14
CA GLN E 176 36.78 0.54 0.40
C GLN E 176 37.75 0.21 1.54
N ASN E 183 39.99 3.97 -3.46
CA ASN E 183 39.69 4.43 -4.80
C ASN E 183 40.80 5.35 -5.32
N ALA E 184 42.05 5.00 -5.00
CA ALA E 184 43.18 5.84 -5.40
C ALA E 184 43.34 5.84 -6.92
N ALA E 185 43.46 4.67 -7.53
CA ALA E 185 43.69 4.56 -8.97
C ALA E 185 42.40 4.47 -9.77
N THR E 186 41.38 5.26 -9.40
CA THR E 186 40.10 5.15 -10.07
C THR E 186 40.18 5.62 -11.52
N GLU E 187 40.94 6.67 -11.80
CA GLU E 187 41.07 7.16 -13.16
C GLU E 187 42.13 6.40 -13.95
N THR E 188 43.09 5.78 -13.27
CA THR E 188 44.13 5.02 -13.97
C THR E 188 43.65 3.60 -14.27
N LEU E 189 43.05 2.93 -13.27
CA LEU E 189 42.67 1.54 -13.44
C LEU E 189 41.51 1.40 -14.42
N LEU E 190 40.64 2.41 -14.50
CA LEU E 190 39.51 2.35 -15.41
C LEU E 190 39.97 2.28 -16.87
N VAL E 191 40.78 3.25 -17.29
CA VAL E 191 41.26 3.27 -18.67
C VAL E 191 42.19 2.09 -18.93
N GLN E 192 42.85 1.58 -17.89
CA GLN E 192 43.83 0.51 -18.08
C GLN E 192 43.16 -0.83 -18.32
N ASN E 193 42.00 -1.08 -17.70
CA ASN E 193 41.32 -2.35 -17.81
C ASN E 193 40.24 -2.37 -18.87
N ALA E 194 40.19 -1.36 -19.73
CA ALA E 194 39.26 -1.37 -20.84
C ALA E 194 39.76 -2.30 -21.94
N ASN E 195 38.92 -2.51 -22.95
CA ASN E 195 39.36 -3.24 -24.13
C ASN E 195 40.35 -2.40 -24.92
N PRO E 196 41.32 -3.05 -25.57
CA PRO E 196 42.26 -2.31 -26.43
C PRO E 196 41.58 -1.41 -27.44
N ASP E 197 40.36 -1.75 -27.86
CA ASP E 197 39.59 -0.86 -28.72
C ASP E 197 39.30 0.46 -28.01
N CYS E 198 38.76 0.40 -26.80
CA CYS E 198 38.42 1.61 -26.06
C CYS E 198 39.61 2.15 -25.26
N LYS E 199 40.53 1.28 -24.84
CA LYS E 199 41.70 1.73 -24.08
C LYS E 199 42.54 2.72 -24.89
N THR E 200 42.73 2.43 -26.19
CA THR E 200 43.51 3.34 -27.03
C THR E 200 42.79 4.67 -27.20
N ILE E 201 41.46 4.66 -27.27
CA ILE E 201 40.71 5.90 -27.39
C ILE E 201 40.82 6.71 -26.10
N LEU E 202 40.68 6.05 -24.96
CA LEU E 202 40.79 6.76 -23.68
C LEU E 202 42.20 7.29 -23.46
N LYS E 203 43.22 6.51 -23.83
CA LYS E 203 44.60 6.99 -23.70
C LYS E 203 44.88 8.15 -24.64
N ALA E 204 44.15 8.23 -25.76
CA ALA E 204 44.33 9.35 -26.68
C ALA E 204 43.79 10.65 -26.12
N LEU E 205 42.71 10.58 -25.32
CA LEU E 205 42.15 11.78 -24.73
C LEU E 205 43.05 12.34 -23.63
N GLY E 206 43.80 11.49 -22.95
CA GLY E 206 44.70 11.93 -21.92
C GLY E 206 44.02 12.11 -20.58
N THR E 210 36.47 13.70 -18.94
CA THR E 210 35.46 13.46 -17.90
C THR E 210 34.81 12.12 -18.16
N LEU E 211 34.32 11.45 -17.12
CA LEU E 211 33.63 10.21 -17.45
C LEU E 211 32.58 10.43 -18.54
N GLU E 212 31.96 11.62 -18.57
CA GLU E 212 31.05 11.96 -19.66
C GLU E 212 31.77 11.90 -20.99
N GLU E 213 32.97 12.49 -21.06
CA GLU E 213 33.76 12.43 -22.28
C GLU E 213 34.28 11.03 -22.55
N MET E 214 34.58 10.26 -21.49
CA MET E 214 35.11 8.91 -21.69
C MET E 214 34.07 7.96 -22.27
N MET E 215 32.80 8.12 -21.89
CA MET E 215 31.76 7.22 -22.35
C MET E 215 31.18 7.61 -23.71
N THR E 216 31.13 8.91 -24.02
CA THR E 216 30.79 9.33 -25.37
C THR E 216 31.87 8.98 -26.38
N ALA E 217 33.10 8.74 -25.91
CA ALA E 217 34.19 8.37 -26.80
C ALA E 217 34.23 6.88 -27.11
N CYS E 218 33.51 6.06 -26.34
CA CYS E 218 33.48 4.61 -26.55
C CYS E 218 32.02 4.15 -26.67
N GLN E 219 31.32 4.71 -27.65
CA GLN E 219 29.95 4.31 -27.95
C GLN E 219 29.94 3.26 -29.05
N PRO F 1 11.35 15.61 3.41
CA PRO F 1 11.10 16.94 2.84
C PRO F 1 10.59 17.93 3.87
N ILE F 2 10.48 19.21 3.48
CA ILE F 2 9.91 20.26 4.32
C ILE F 2 8.52 20.55 3.80
N VAL F 3 7.51 20.33 4.65
CA VAL F 3 6.11 20.46 4.27
C VAL F 3 5.39 21.34 5.28
N GLN F 4 4.19 21.77 4.90
CA GLN F 4 3.30 22.51 5.78
C GLN F 4 2.31 21.54 6.41
N ASN F 5 2.30 21.45 7.74
CA ASN F 5 1.40 20.56 8.44
C ASN F 5 -0.01 21.13 8.47
N LEU F 6 -0.93 20.39 9.10
CA LEU F 6 -2.31 20.85 9.19
C LEU F 6 -2.43 22.15 9.98
N GLN F 7 -1.56 22.35 10.97
CA GLN F 7 -1.57 23.59 11.74
C GLN F 7 -1.02 24.77 10.94
N GLY F 8 -0.39 24.53 9.81
CA GLY F 8 0.04 25.61 8.93
C GLY F 8 1.49 26.01 9.02
N GLN F 9 2.31 25.29 9.80
CA GLN F 9 3.72 25.62 9.94
C GLN F 9 4.57 24.75 9.01
N MET F 10 5.62 25.35 8.46
CA MET F 10 6.59 24.62 7.66
C MET F 10 7.52 23.85 8.60
N VAL F 11 7.53 22.53 8.48
CA VAL F 11 8.28 21.67 9.38
C VAL F 11 8.88 20.53 8.58
N HIS F 12 10.05 20.05 9.01
CA HIS F 12 10.68 18.92 8.35
C HIS F 12 9.95 17.62 8.67
N GLN F 13 9.89 16.73 7.68
CA GLN F 13 9.34 15.40 7.86
C GLN F 13 10.25 14.39 7.16
N CYS F 14 10.33 13.19 7.73
CA CYS F 14 11.15 12.16 7.17
C CYS F 14 10.64 11.77 5.79
N ILE F 15 11.56 11.45 4.88
CA ILE F 15 11.14 10.98 3.57
C ILE F 15 10.40 9.67 3.73
N SER F 16 9.28 9.53 3.01
CA SER F 16 8.37 8.43 3.26
C SER F 16 8.83 7.14 2.56
N PRO F 17 8.56 5.99 3.17
CA PRO F 17 8.88 4.72 2.50
C PRO F 17 8.18 4.57 1.16
N ARG F 18 6.99 5.14 1.01
CA ARG F 18 6.32 5.14 -0.29
C ARG F 18 7.15 5.90 -1.33
N THR F 19 7.67 7.06 -0.94
CA THR F 19 8.48 7.85 -1.87
C THR F 19 9.82 7.16 -2.14
N LEU F 20 10.39 6.53 -1.11
CA LEU F 20 11.68 5.86 -1.27
C LEU F 20 11.56 4.70 -2.27
N ASN F 21 10.62 3.80 -2.04
CA ASN F 21 10.47 2.65 -2.92
C ASN F 21 10.04 3.07 -4.33
N ALA F 22 9.18 4.09 -4.43
CA ALA F 22 8.74 4.57 -5.74
C ALA F 22 9.93 5.07 -6.55
N TRP F 23 10.91 5.69 -5.90
CA TRP F 23 12.09 6.16 -6.60
C TRP F 23 13.04 5.01 -6.95
N VAL F 24 13.19 4.05 -6.03
CA VAL F 24 14.05 2.91 -6.32
C VAL F 24 13.50 2.12 -7.51
N LYS F 25 12.20 1.88 -7.51
CA LYS F 25 11.61 1.04 -8.55
C LYS F 25 11.56 1.76 -9.89
N VAL F 26 11.36 3.07 -9.90
CA VAL F 26 11.34 3.80 -11.16
C VAL F 26 12.73 3.88 -11.77
N VAL F 27 13.79 3.75 -10.95
CA VAL F 27 15.14 3.66 -11.49
C VAL F 27 15.44 2.25 -11.94
N GLU F 28 14.93 1.25 -11.22
CA GLU F 28 15.14 -0.13 -11.64
C GLU F 28 14.40 -0.43 -12.94
N GLU F 29 13.18 0.09 -13.09
CA GLU F 29 12.38 -0.25 -14.26
C GLU F 29 12.73 0.61 -15.46
N LYS F 30 12.73 1.94 -15.28
CA LYS F 30 12.92 2.86 -16.40
C LYS F 30 14.36 3.33 -16.55
N ALA F 31 15.27 2.91 -15.66
CA ALA F 31 16.69 3.25 -15.75
C ALA F 31 16.65 4.77 -15.92
N PHE F 32 17.34 5.28 -16.94
CA PHE F 32 17.37 6.71 -17.23
C PHE F 32 16.67 7.13 -18.52
N SER F 33 15.40 6.79 -18.64
CA SER F 33 14.57 7.31 -19.71
C SER F 33 14.24 8.78 -19.43
N PRO F 34 13.82 9.53 -20.46
CA PRO F 34 13.49 10.94 -20.22
C PRO F 34 12.44 11.18 -19.14
N GLU F 35 11.46 10.29 -19.01
CA GLU F 35 10.40 10.48 -18.01
C GLU F 35 10.87 10.17 -16.59
N VAL F 36 12.12 9.76 -16.39
CA VAL F 36 12.64 9.62 -15.04
C VAL F 36 13.02 10.98 -14.44
N ILE F 37 13.28 11.98 -15.30
CA ILE F 37 13.61 13.31 -14.79
C ILE F 37 12.46 13.93 -14.03
N PRO F 38 11.24 14.04 -14.58
CA PRO F 38 10.17 14.67 -13.81
C PRO F 38 9.67 13.80 -12.67
N MET F 39 9.82 12.47 -12.77
CA MET F 39 9.46 11.61 -11.66
C MET F 39 10.38 11.82 -10.47
N PHE F 40 11.67 12.06 -10.73
CA PHE F 40 12.57 12.43 -9.65
C PHE F 40 12.18 13.78 -9.05
N SER F 41 11.83 14.74 -9.92
CA SER F 41 11.51 16.08 -9.43
C SER F 41 10.24 16.06 -8.60
N ALA F 42 9.28 15.21 -8.97
CA ALA F 42 8.01 15.18 -8.26
C ALA F 42 8.09 14.39 -6.96
N LEU F 43 8.85 13.30 -6.94
CA LEU F 43 9.08 12.56 -5.72
C LEU F 43 9.95 13.33 -4.72
N SER F 44 10.72 14.30 -5.21
CA SER F 44 11.61 15.10 -4.37
C SER F 44 11.01 16.47 -4.06
N CYS F 45 9.69 16.59 -4.10
CA CYS F 45 9.06 17.88 -3.90
C CYS F 45 9.25 18.35 -2.46
N GLY F 46 9.85 19.52 -2.30
CA GLY F 46 10.16 20.04 -0.98
C GLY F 46 11.28 19.33 -0.27
N ALA F 47 12.04 18.50 -0.97
CA ALA F 47 13.08 17.72 -0.32
C ALA F 47 14.27 18.60 0.07
N THR F 48 14.89 18.27 1.19
CA THR F 48 16.12 18.90 1.61
C THR F 48 17.30 18.27 0.87
N PRO F 49 18.45 18.95 0.84
CA PRO F 49 19.65 18.31 0.27
C PRO F 49 19.97 16.97 0.90
N GLN F 50 19.65 16.80 2.18
CA GLN F 50 19.82 15.49 2.82
C GLN F 50 18.88 14.46 2.21
N ASP F 51 17.63 14.85 1.94
CA ASP F 51 16.69 13.95 1.30
C ASP F 51 17.10 13.63 -0.13
N LEU F 52 17.62 14.63 -0.84
CA LEU F 52 18.10 14.39 -2.20
C LEU F 52 19.26 13.42 -2.21
N ASN F 53 20.22 13.59 -1.29
CA ASN F 53 21.33 12.65 -1.19
C ASN F 53 20.83 11.25 -0.87
N THR F 54 19.82 11.15 0.00
CA THR F 54 19.29 9.83 0.34
C THR F 54 18.68 9.14 -0.87
N MET F 55 17.97 9.90 -1.72
CA MET F 55 17.39 9.29 -2.90
C MET F 55 18.47 8.78 -3.86
N LEU F 56 19.52 9.57 -4.06
CA LEU F 56 20.60 9.15 -4.95
C LEU F 56 21.39 8.00 -4.36
N ASN F 57 21.60 8.01 -3.03
CA ASN F 57 22.33 6.92 -2.40
C ASN F 57 21.55 5.62 -2.46
N THR F 58 20.23 5.69 -2.44
CA THR F 58 19.41 4.48 -2.46
C THR F 58 19.47 3.78 -3.82
N VAL F 59 19.93 4.48 -4.85
CA VAL F 59 20.01 3.90 -6.19
C VAL F 59 21.12 2.87 -6.20
N GLY F 60 20.75 1.59 -6.33
CA GLY F 60 21.72 0.53 -6.52
C GLY F 60 22.03 0.34 -8.00
N GLY F 61 23.30 0.08 -8.30
CA GLY F 61 23.69 -0.02 -9.68
C GLY F 61 23.69 1.36 -10.35
N HIS F 62 23.81 1.33 -11.68
CA HIS F 62 23.88 2.54 -12.49
C HIS F 62 24.96 3.49 -11.99
N GLN F 63 26.03 2.92 -11.41
CA GLN F 63 27.06 3.73 -10.78
C GLN F 63 27.81 4.61 -11.78
N ALA F 64 27.80 4.24 -13.06
CA ALA F 64 28.33 5.14 -14.09
C ALA F 64 27.55 6.44 -14.12
N ALA F 65 26.22 6.34 -14.17
CA ALA F 65 25.38 7.53 -14.14
C ALA F 65 25.50 8.25 -12.80
N ILE F 66 25.65 7.49 -11.72
CA ILE F 66 25.82 8.10 -10.40
C ILE F 66 27.10 8.94 -10.37
N GLN F 67 28.18 8.41 -10.95
CA GLN F 67 29.45 9.14 -10.94
C GLN F 67 29.40 10.35 -11.85
N MET F 68 28.80 10.21 -13.03
CA MET F 68 28.58 11.37 -13.89
C MET F 68 27.73 12.42 -13.18
N LEU F 69 26.74 11.96 -12.42
CA LEU F 69 25.94 12.88 -11.62
C LEU F 69 26.79 13.56 -10.56
N LYS F 70 27.71 12.82 -9.94
CA LYS F 70 28.61 13.42 -8.96
C LYS F 70 29.47 14.50 -9.59
N GLU F 71 30.11 14.18 -10.73
CA GLU F 71 31.00 15.13 -11.38
C GLU F 71 30.26 16.37 -11.86
N THR F 72 29.01 16.21 -12.29
CA THR F 72 28.21 17.37 -12.64
C THR F 72 27.92 18.22 -11.41
N ILE F 73 27.62 17.57 -10.28
CA ILE F 73 27.43 18.31 -9.03
C ILE F 73 28.70 19.05 -8.64
N ASN F 74 29.85 18.41 -8.85
CA ASN F 74 31.12 19.08 -8.57
C ASN F 74 31.28 20.32 -9.42
N GLU F 75 30.92 20.25 -10.70
CA GLU F 75 31.06 21.41 -11.58
C GLU F 75 30.09 22.52 -11.19
N GLU F 76 28.85 22.17 -10.85
CA GLU F 76 27.88 23.19 -10.49
C GLU F 76 28.16 23.78 -9.11
N ALA F 77 28.74 22.99 -8.21
CA ALA F 77 29.13 23.52 -6.91
C ALA F 77 30.36 24.42 -7.03
N ALA F 78 31.31 24.06 -7.89
CA ALA F 78 32.48 24.88 -8.12
C ALA F 78 32.12 26.21 -8.76
N GLU F 79 31.09 26.23 -9.62
CA GLU F 79 30.65 27.48 -10.22
C GLU F 79 29.85 28.32 -9.24
N TRP F 80 29.15 27.68 -8.28
CA TRP F 80 28.47 28.43 -7.23
C TRP F 80 29.46 29.11 -6.31
N ASP F 81 30.57 28.43 -5.99
CA ASP F 81 31.61 29.04 -5.16
C ASP F 81 32.32 30.17 -5.91
N ARG F 82 32.37 30.10 -7.24
CA ARG F 82 32.94 31.19 -8.02
C ARG F 82 32.00 32.40 -8.05
N LEU F 83 30.69 32.14 -8.16
CA LEU F 83 29.71 33.22 -8.19
C LEU F 83 29.38 33.77 -6.81
N HIS F 84 29.62 32.99 -5.75
CA HIS F 84 29.32 33.40 -4.38
C HIS F 84 30.54 33.16 -3.51
N PRO F 85 31.56 34.03 -3.61
CA PRO F 85 32.77 33.88 -2.80
C PRO F 85 32.55 34.20 -1.32
N ARG F 97 24.78 32.59 7.66
CA ARG F 97 25.92 32.33 6.80
C ARG F 97 25.46 31.94 5.40
N GLU F 98 26.04 32.56 4.38
CA GLU F 98 25.70 32.23 3.01
C GLU F 98 26.14 30.81 2.69
N PRO F 99 25.25 29.95 2.20
CA PRO F 99 25.61 28.54 1.98
C PRO F 99 26.58 28.40 0.81
N ARG F 100 27.70 27.72 1.07
CA ARG F 100 28.64 27.42 0.01
C ARG F 100 28.13 26.24 -0.82
N GLY F 101 28.87 25.93 -1.89
CA GLY F 101 28.44 24.86 -2.79
C GLY F 101 28.36 23.51 -2.11
N SER F 102 29.34 23.20 -1.26
CA SER F 102 29.30 21.94 -0.51
C SER F 102 28.13 21.91 0.46
N ASP F 103 27.72 23.08 0.97
CA ASP F 103 26.56 23.12 1.86
C ASP F 103 25.28 22.82 1.12
N ILE F 104 25.17 23.30 -0.12
CA ILE F 104 23.97 23.03 -0.93
C ILE F 104 23.91 21.55 -1.31
N ALA F 105 25.07 20.95 -1.58
CA ALA F 105 25.13 19.52 -1.85
C ALA F 105 24.86 18.67 -0.61
N GLY F 106 24.81 19.27 0.57
CA GLY F 106 24.51 18.55 1.79
C GLY F 106 25.68 17.85 2.43
N THR F 107 26.89 18.00 1.87
CA THR F 107 28.08 17.34 2.38
C THR F 107 28.74 18.09 3.52
N THR F 108 28.65 19.42 3.54
CA THR F 108 29.25 20.23 4.58
C THR F 108 28.21 20.98 5.40
N SER F 109 26.94 20.58 5.33
CA SER F 109 25.87 21.25 6.04
C SER F 109 25.03 20.23 6.80
N THR F 110 24.66 20.57 8.03
CA THR F 110 23.78 19.72 8.82
C THR F 110 22.34 19.89 8.34
N LEU F 111 21.48 18.96 8.77
CA LEU F 111 20.06 19.09 8.45
C LEU F 111 19.46 20.34 9.07
N GLN F 112 19.95 20.73 10.24
CA GLN F 112 19.49 21.97 10.87
C GLN F 112 19.82 23.19 10.03
N GLU F 113 21.04 23.24 9.49
CA GLU F 113 21.43 24.37 8.65
C GLU F 113 20.62 24.41 7.36
N GLN F 114 20.41 23.24 6.74
CA GLN F 114 19.61 23.19 5.51
C GLN F 114 18.19 23.65 5.75
N ILE F 115 17.58 23.20 6.85
CA ILE F 115 16.23 23.63 7.20
C ILE F 115 16.21 25.13 7.44
N GLY F 116 17.26 25.66 8.09
CA GLY F 116 17.32 27.09 8.34
C GLY F 116 17.36 27.91 7.07
N TRP F 117 18.10 27.43 6.05
CA TRP F 117 18.17 28.16 4.80
C TRP F 117 16.85 28.10 4.03
N MET F 118 16.17 26.95 4.08
CA MET F 118 14.94 26.81 3.31
C MET F 118 13.77 27.53 3.98
N THR F 119 13.71 27.51 5.31
CA THR F 119 12.63 28.16 6.04
C THR F 119 12.91 29.62 6.35
N HIS F 120 14.08 30.13 5.97
CA HIS F 120 14.42 31.53 6.16
C HIS F 120 13.39 32.42 5.46
N ASN F 121 13.26 33.65 5.95
CA ASN F 121 12.47 34.70 5.30
C ASN F 121 13.34 35.93 5.17
N PRO F 122 13.90 36.22 3.98
CA PRO F 122 13.73 35.49 2.72
C PRO F 122 14.47 34.15 2.67
N PRO F 123 13.91 33.17 1.96
CA PRO F 123 14.48 31.82 1.97
C PRO F 123 15.63 31.65 0.99
N ILE F 124 16.50 30.70 1.32
CA ILE F 124 17.53 30.22 0.41
C ILE F 124 17.18 28.77 0.08
N PRO F 125 16.46 28.52 -1.01
CA PRO F 125 15.99 27.14 -1.29
C PRO F 125 17.12 26.21 -1.72
N VAL F 126 17.99 25.85 -0.78
CA VAL F 126 19.10 24.95 -1.09
C VAL F 126 18.60 23.60 -1.58
N GLY F 127 17.37 23.22 -1.23
CA GLY F 127 16.80 22.01 -1.77
C GLY F 127 16.56 22.12 -3.27
N GLU F 128 16.01 23.24 -3.72
CA GLU F 128 15.75 23.43 -5.14
C GLU F 128 17.01 23.74 -5.93
N ILE F 129 17.98 24.42 -5.32
CA ILE F 129 19.25 24.68 -5.98
C ILE F 129 20.00 23.36 -6.19
N TYR F 130 20.07 22.53 -5.16
CA TYR F 130 20.73 21.24 -5.28
C TYR F 130 19.95 20.31 -6.22
N LYS F 131 18.62 20.38 -6.18
CA LYS F 131 17.82 19.59 -7.11
C LYS F 131 18.05 20.03 -8.54
N ARG F 132 18.24 21.34 -8.75
N ARG F 132 18.26 21.33 -8.75
CA ARG F 132 18.56 21.84 -10.09
CA ARG F 132 18.55 21.82 -10.09
C ARG F 132 19.83 21.20 -10.61
C ARG F 132 19.86 21.27 -10.62
N TRP F 133 20.83 21.05 -9.74
CA TRP F 133 22.09 20.43 -10.17
C TRP F 133 21.88 18.96 -10.48
N ILE F 134 21.06 18.27 -9.68
CA ILE F 134 20.82 16.85 -9.91
C ILE F 134 20.04 16.65 -11.21
N ILE F 135 19.00 17.45 -11.42
CA ILE F 135 18.23 17.36 -12.67
C ILE F 135 19.13 17.62 -13.87
N LEU F 136 20.06 18.58 -13.74
CA LEU F 136 20.95 18.92 -14.85
C LEU F 136 21.85 17.74 -15.19
N GLY F 137 22.47 17.14 -14.18
CA GLY F 137 23.30 15.97 -14.43
C GLY F 137 22.52 14.79 -14.95
N LEU F 138 21.27 14.63 -14.49
CA LEU F 138 20.42 13.55 -14.99
C LEU F 138 20.04 13.77 -16.46
N ASN F 139 19.92 15.03 -16.89
CA ASN F 139 19.68 15.29 -18.30
C ASN F 139 20.88 14.92 -19.15
N LYS F 140 22.10 15.11 -18.61
CA LYS F 140 23.28 14.64 -19.32
C LYS F 140 23.31 13.11 -19.39
N ILE F 141 22.86 12.44 -18.34
CA ILE F 141 22.82 10.99 -18.36
C ILE F 141 21.80 10.49 -19.38
N VAL F 142 20.61 11.10 -19.39
CA VAL F 142 19.57 10.69 -20.34
C VAL F 142 20.02 10.93 -21.77
N ARG F 143 20.62 12.10 -22.03
CA ARG F 143 21.10 12.39 -23.37
C ARG F 143 22.18 11.41 -23.80
N MET F 144 23.00 10.95 -22.85
CA MET F 144 24.04 9.99 -23.16
C MET F 144 23.48 8.61 -23.42
N TYR F 145 22.55 8.16 -22.56
CA TYR F 145 21.97 6.83 -22.69
C TYR F 145 21.00 6.72 -23.86
N SER F 146 20.73 7.82 -24.55
CA SER F 146 19.91 7.78 -25.76
C SER F 146 20.61 6.91 -26.80
N PRO F 147 20.01 5.79 -27.20
CA PRO F 147 20.72 4.85 -28.07
C PRO F 147 21.00 5.40 -29.46
N THR F 148 20.00 5.98 -30.10
CA THR F 148 20.11 6.46 -31.47
C THR F 148 20.09 7.98 -31.52
N SER F 149 20.50 8.52 -32.66
CA SER F 149 20.43 9.94 -32.95
C SER F 149 19.17 10.24 -33.75
N ILE F 150 18.69 11.48 -33.63
CA ILE F 150 17.47 11.88 -34.34
C ILE F 150 17.71 11.84 -35.85
N LEU F 151 18.96 12.02 -36.29
CA LEU F 151 19.28 11.91 -37.70
C LEU F 151 19.22 10.46 -38.19
N ASP F 152 19.34 9.49 -37.29
CA ASP F 152 19.29 8.08 -37.63
C ASP F 152 17.90 7.49 -37.48
N ILE F 153 16.87 8.32 -37.33
CA ILE F 153 15.50 7.87 -37.18
C ILE F 153 14.81 8.06 -38.52
N ARG F 154 14.63 6.97 -39.26
CA ARG F 154 13.93 6.97 -40.53
C ARG F 154 12.79 5.98 -40.47
N GLN F 155 11.69 6.32 -41.16
CA GLN F 155 10.53 5.45 -41.17
C GLN F 155 10.86 4.16 -41.93
N GLY F 156 10.46 3.02 -41.37
CA GLY F 156 10.72 1.74 -41.97
C GLY F 156 10.01 1.58 -43.30
N PRO F 157 10.20 0.42 -43.93
CA PRO F 157 9.53 0.20 -45.23
C PRO F 157 8.02 0.18 -45.11
N LYS F 158 7.49 -0.66 -44.23
CA LYS F 158 6.06 -0.70 -43.97
C LYS F 158 5.74 -0.33 -42.52
N GLU F 159 6.67 0.36 -41.85
CA GLU F 159 6.43 0.79 -40.47
C GLU F 159 5.32 1.83 -40.45
N PRO F 160 4.35 1.71 -39.55
CA PRO F 160 3.27 2.70 -39.49
C PRO F 160 3.81 4.07 -39.15
N PHE F 161 3.16 5.10 -39.69
CA PHE F 161 3.61 6.47 -39.44
C PHE F 161 3.48 6.86 -37.97
N ARG F 162 2.59 6.19 -37.23
CA ARG F 162 2.49 6.45 -35.80
C ARG F 162 3.72 5.92 -35.06
N ASP F 163 4.11 4.67 -35.34
CA ASP F 163 5.31 4.12 -34.73
C ASP F 163 6.54 4.95 -35.08
N TYR F 164 6.61 5.45 -36.31
CA TYR F 164 7.75 6.28 -36.71
C TYR F 164 7.78 7.60 -35.93
N VAL F 165 6.62 8.25 -35.78
CA VAL F 165 6.60 9.50 -35.04
C VAL F 165 6.83 9.25 -33.55
N ASP F 166 6.35 8.11 -33.04
CA ASP F 166 6.64 7.76 -31.65
C ASP F 166 8.14 7.63 -31.41
N ARG F 167 8.83 6.92 -32.31
CA ARG F 167 10.28 6.79 -32.17
C ARG F 167 10.99 8.11 -32.42
N PHE F 168 10.42 8.96 -33.28
CA PHE F 168 11.04 10.24 -33.59
C PHE F 168 11.09 11.13 -32.35
N TYR F 169 9.93 11.44 -31.78
CA TYR F 169 9.89 12.37 -30.66
C TYR F 169 10.34 11.73 -29.35
N LYS F 170 10.42 10.40 -29.30
CA LYS F 170 11.06 9.77 -28.14
C LYS F 170 12.57 9.93 -28.22
N THR F 171 13.15 9.77 -29.41
CA THR F 171 14.56 10.07 -29.59
C THR F 171 14.83 11.56 -29.44
N LEU F 172 13.95 12.40 -29.99
CA LEU F 172 14.13 13.84 -29.88
C LEU F 172 14.09 14.28 -28.42
N ARG F 173 13.19 13.68 -27.63
CA ARG F 173 13.08 14.06 -26.23
C ARG F 173 14.34 13.66 -25.45
N ALA F 174 14.88 12.47 -25.73
CA ALA F 174 16.03 11.99 -24.99
C ALA F 174 17.29 12.77 -25.35
N GLU F 175 17.47 13.08 -26.62
CA GLU F 175 18.67 13.77 -27.06
C GLU F 175 18.65 15.27 -26.77
N GLN F 176 17.48 15.83 -26.44
CA GLN F 176 17.36 17.22 -26.04
C GLN F 176 17.94 18.18 -27.07
N SER F 178 19.01 23.55 -27.50
CA SER F 178 18.03 22.51 -27.24
C SER F 178 16.74 22.77 -28.01
N GLN F 179 16.29 24.02 -28.02
CA GLN F 179 15.01 24.37 -28.62
C GLN F 179 15.15 24.71 -30.10
N GLU F 180 16.14 25.53 -30.46
CA GLU F 180 16.31 25.90 -31.86
C GLU F 180 16.58 24.66 -32.71
N VAL F 181 17.35 23.72 -32.18
CA VAL F 181 17.65 22.51 -32.94
C VAL F 181 16.44 21.57 -32.97
N LYS F 182 15.67 21.54 -31.87
CA LYS F 182 14.50 20.65 -31.83
C LYS F 182 13.39 21.17 -32.75
N ASN F 183 13.14 22.48 -32.73
CA ASN F 183 12.09 23.05 -33.57
C ASN F 183 12.44 22.94 -35.06
N ALA F 184 13.73 23.08 -35.39
CA ALA F 184 14.14 22.97 -36.79
C ALA F 184 14.13 21.51 -37.24
N ALA F 185 14.62 20.60 -36.41
CA ALA F 185 14.61 19.19 -36.76
C ALA F 185 13.18 18.65 -36.86
N THR F 186 12.27 19.20 -36.06
CA THR F 186 10.88 18.75 -36.13
C THR F 186 10.26 19.06 -37.50
N GLU F 187 10.32 20.32 -37.91
CA GLU F 187 9.66 20.72 -39.15
C GLU F 187 10.32 20.12 -40.38
N THR F 188 11.62 19.85 -40.32
CA THR F 188 12.37 19.38 -41.48
C THR F 188 12.61 17.87 -41.45
N LEU F 189 13.28 17.37 -40.40
CA LEU F 189 13.73 15.98 -40.39
C LEU F 189 12.55 15.01 -40.41
N LEU F 190 11.45 15.36 -39.72
CA LEU F 190 10.34 14.43 -39.59
C LEU F 190 9.76 14.05 -40.95
N VAL F 191 9.39 15.06 -41.74
CA VAL F 191 8.91 14.78 -43.09
C VAL F 191 10.04 14.25 -43.96
N GLN F 192 11.27 14.69 -43.72
CA GLN F 192 12.40 14.31 -44.58
C GLN F 192 12.76 12.84 -44.45
N ASN F 193 12.50 12.23 -43.30
CA ASN F 193 12.88 10.85 -43.05
C ASN F 193 11.70 9.88 -43.13
N ALA F 194 10.51 10.35 -43.51
CA ALA F 194 9.41 9.44 -43.76
C ALA F 194 9.63 8.69 -45.08
N ASN F 195 9.01 7.52 -45.18
CA ASN F 195 9.12 6.75 -46.41
C ASN F 195 8.44 7.50 -47.56
N PRO F 196 8.90 7.30 -48.80
CA PRO F 196 8.37 8.08 -49.93
C PRO F 196 6.86 8.02 -50.09
N ASP F 197 6.23 6.97 -49.55
CA ASP F 197 4.77 6.90 -49.58
C ASP F 197 4.15 8.00 -48.72
N CYS F 198 4.55 8.09 -47.46
CA CYS F 198 4.04 9.14 -46.59
C CYS F 198 4.77 10.46 -46.80
N LYS F 199 6.04 10.41 -47.23
CA LYS F 199 6.81 11.64 -47.37
C LYS F 199 6.23 12.54 -48.45
N THR F 200 5.75 11.96 -49.55
CA THR F 200 5.12 12.78 -50.58
C THR F 200 3.79 13.33 -50.10
N ILE F 201 3.13 12.65 -49.15
CA ILE F 201 1.88 13.17 -48.62
C ILE F 201 2.14 14.34 -47.68
N LEU F 202 3.14 14.21 -46.82
CA LEU F 202 3.43 15.27 -45.85
C LEU F 202 3.91 16.55 -46.55
N LYS F 203 4.71 16.40 -47.61
CA LYS F 203 5.15 17.57 -48.36
C LYS F 203 4.00 18.22 -49.11
N ALA F 204 2.98 17.44 -49.48
CA ALA F 204 1.82 18.02 -50.15
C ALA F 204 1.00 18.86 -49.19
N LEU F 205 0.87 18.42 -47.93
CA LEU F 205 0.20 19.24 -46.93
C LEU F 205 1.06 20.44 -46.55
N GLY F 206 2.39 20.26 -46.52
CA GLY F 206 3.31 21.34 -46.30
C GLY F 206 3.37 21.79 -44.86
N PRO F 207 4.30 22.69 -44.55
CA PRO F 207 4.41 23.21 -43.18
C PRO F 207 3.15 23.99 -42.80
N GLY F 208 2.96 24.14 -41.50
CA GLY F 208 1.73 24.69 -40.97
C GLY F 208 0.66 23.67 -40.66
N ALA F 209 0.83 22.43 -41.10
CA ALA F 209 -0.10 21.37 -40.73
C ALA F 209 0.27 20.82 -39.36
N THR F 210 -0.76 20.42 -38.62
CA THR F 210 -0.54 19.86 -37.29
C THR F 210 -0.20 18.37 -37.39
N LEU F 211 0.41 17.86 -36.31
CA LEU F 211 0.73 16.43 -36.27
C LEU F 211 -0.52 15.58 -36.33
N GLU F 212 -1.63 16.07 -35.79
CA GLU F 212 -2.90 15.35 -35.92
C GLU F 212 -3.32 15.22 -37.38
N GLU F 213 -3.12 16.28 -38.16
CA GLU F 213 -3.42 16.21 -39.59
C GLU F 213 -2.39 15.38 -40.34
N MET F 214 -1.14 15.41 -39.91
CA MET F 214 -0.10 14.64 -40.59
C MET F 214 -0.29 13.15 -40.39
N MET F 215 -0.76 12.74 -39.21
CA MET F 215 -0.91 11.32 -38.91
C MET F 215 -2.22 10.75 -39.46
N THR F 216 -3.29 11.56 -39.50
CA THR F 216 -4.50 11.14 -40.21
C THR F 216 -4.27 11.06 -41.71
N ALA F 217 -3.29 11.78 -42.24
CA ALA F 217 -2.97 11.70 -43.65
C ALA F 217 -2.14 10.48 -44.00
N CYS F 218 -1.49 9.86 -43.02
CA CYS F 218 -0.67 8.67 -43.27
C CYS F 218 -1.15 7.49 -42.42
N GLN F 219 -2.45 7.24 -42.39
CA GLN F 219 -3.02 6.07 -41.72
C GLN F 219 -3.11 4.88 -42.66
N GLY F 220 -2.12 4.72 -43.53
CA GLY F 220 -2.10 3.61 -44.48
C GLY F 220 -0.89 3.63 -45.38
N PRO G 1 3.55 29.51 -30.44
CA PRO G 1 3.65 28.22 -29.75
C PRO G 1 4.05 28.34 -28.28
N VAL G 2 3.10 28.08 -27.39
CA VAL G 2 3.40 28.07 -25.96
C VAL G 2 4.33 26.91 -25.62
N LEU G 3 4.03 25.72 -26.14
CA LEU G 3 4.87 24.54 -25.97
C LEU G 3 5.48 24.16 -27.31
N PHE G 4 6.80 23.97 -27.33
CA PHE G 4 7.54 23.69 -28.55
C PHE G 4 7.73 22.18 -28.73
N PRO G 5 7.96 21.73 -29.97
CA PRO G 5 8.21 20.30 -30.19
C PRO G 5 9.43 19.82 -29.42
N GLY G 6 9.26 18.69 -28.73
CA GLY G 6 10.33 18.10 -27.95
C GLY G 6 10.56 18.73 -26.60
N GLN G 7 10.19 19.99 -26.41
CA GLN G 7 10.38 20.64 -25.12
C GLN G 7 9.34 20.15 -24.13
N PRO G 8 9.73 19.93 -22.87
CA PRO G 8 8.79 19.39 -21.90
C PRO G 8 7.69 20.37 -21.55
N PHE G 9 6.66 19.85 -20.89
CA PHE G 9 5.59 20.72 -20.41
C PHE G 9 6.08 21.56 -19.24
N GLY G 10 5.67 22.82 -19.23
CA GLY G 10 6.20 23.76 -18.25
C GLY G 10 7.60 24.23 -18.53
N GLN G 11 8.05 24.13 -19.78
CA GLN G 11 9.39 24.58 -20.14
C GLN G 11 9.40 26.11 -20.23
N PRO G 12 10.25 26.79 -19.46
CA PRO G 12 10.35 28.25 -19.58
C PRO G 12 10.91 28.66 -20.92
N PRO G 13 10.16 29.43 -21.72
CA PRO G 13 10.64 29.80 -23.06
C PRO G 13 11.65 30.93 -23.03
N LEU G 14 11.92 31.52 -24.20
CA LEU G 14 12.83 32.66 -24.34
C LEU G 14 14.23 32.38 -23.79
N PRO H 1 -34.08 11.71 -22.04
CA PRO H 1 -32.83 11.06 -21.62
C PRO H 1 -31.78 12.04 -21.10
N VAL H 2 -31.54 12.02 -19.79
CA VAL H 2 -30.52 12.90 -19.20
C VAL H 2 -29.13 12.49 -19.68
N LEU H 3 -28.88 11.18 -19.79
CA LEU H 3 -27.64 10.65 -20.33
C LEU H 3 -27.95 9.85 -21.59
N PHE H 4 -27.20 10.13 -22.66
CA PHE H 4 -27.41 9.51 -23.96
C PHE H 4 -26.40 8.39 -24.19
N PRO H 5 -26.70 7.46 -25.10
CA PRO H 5 -25.76 6.36 -25.38
C PRO H 5 -24.41 6.87 -25.90
N GLY H 6 -23.34 6.45 -25.22
CA GLY H 6 -22.01 6.85 -25.59
C GLY H 6 -21.52 8.14 -24.95
N GLN H 7 -22.43 9.00 -24.48
CA GLN H 7 -22.05 10.26 -23.83
C GLN H 7 -21.59 9.99 -22.40
N PRO H 8 -20.52 10.63 -21.94
CA PRO H 8 -20.02 10.37 -20.60
C PRO H 8 -20.98 10.82 -19.52
N PHE H 9 -20.77 10.29 -18.32
CA PHE H 9 -21.54 10.73 -17.17
C PHE H 9 -21.16 12.16 -16.81
N GLY H 10 -22.17 12.95 -16.42
CA GLY H 10 -21.92 14.34 -16.13
C GLY H 10 -21.63 15.20 -17.34
N GLN H 11 -21.96 14.71 -18.54
CA GLN H 11 -21.70 15.47 -19.76
C GLN H 11 -22.73 16.58 -19.91
N PRO H 12 -22.30 17.83 -20.09
CA PRO H 12 -23.26 18.91 -20.34
C PRO H 12 -23.93 18.72 -21.69
N PRO H 13 -25.30 18.69 -21.76
CA PRO H 13 -26.01 18.42 -23.01
C PRO H 13 -25.15 18.53 -24.27
N PRO I 1 -39.12 -12.78 9.58
CA PRO I 1 -37.75 -12.71 9.06
C PRO I 1 -37.26 -11.29 8.84
N VAL I 2 -36.32 -10.85 9.67
CA VAL I 2 -35.73 -9.51 9.51
C VAL I 2 -34.96 -9.43 8.20
N LEU I 3 -34.25 -10.50 7.85
CA LEU I 3 -33.54 -10.59 6.58
C LEU I 3 -34.16 -11.72 5.76
N PHE I 4 -34.41 -11.46 4.49
CA PHE I 4 -35.07 -12.40 3.62
C PHE I 4 -34.06 -13.09 2.70
N PRO I 5 -34.37 -14.28 2.21
CA PRO I 5 -33.46 -14.97 1.29
C PRO I 5 -33.21 -14.14 0.04
N GLY I 6 -31.94 -14.09 -0.38
CA GLY I 6 -31.55 -13.33 -1.55
C GLY I 6 -31.44 -11.84 -1.37
N GLN I 7 -32.10 -11.28 -0.36
CA GLN I 7 -32.01 -9.84 -0.12
C GLN I 7 -30.74 -9.51 0.65
N PRO I 8 -30.13 -8.32 0.41
CA PRO I 8 -28.86 -8.00 1.01
C PRO I 8 -28.98 -7.53 2.46
N PHE I 9 -27.91 -7.72 3.23
CA PHE I 9 -27.91 -7.23 4.61
C PHE I 9 -28.09 -5.71 4.53
N GLY I 10 -29.00 -5.16 5.32
CA GLY I 10 -29.25 -3.72 5.28
C GLY I 10 -30.36 -3.40 4.31
N GLN I 11 -31.18 -4.39 4.00
CA GLN I 11 -32.21 -4.15 2.99
C GLN I 11 -33.47 -3.62 3.66
N PRO I 12 -33.98 -2.47 3.25
CA PRO I 12 -35.26 -1.98 3.80
C PRO I 12 -36.41 -2.87 3.37
N PRO I 13 -37.22 -3.35 4.31
CA PRO I 13 -38.28 -4.31 3.98
C PRO I 13 -39.46 -3.61 3.31
N LEU I 14 -40.41 -4.44 2.85
CA LEU I 14 -41.60 -3.97 2.14
C LEU I 14 -41.24 -3.15 0.89
N PRO J 1 -6.04 -21.43 36.39
CA PRO J 1 -5.77 -21.19 34.97
C PRO J 1 -6.64 -20.08 34.36
N VAL J 2 -5.99 -18.96 34.00
CA VAL J 2 -6.72 -17.85 33.40
C VAL J 2 -7.24 -18.23 32.02
N LEU J 3 -6.47 -19.01 31.27
CA LEU J 3 -6.88 -19.58 30.01
C LEU J 3 -6.80 -21.09 30.13
N PHE J 4 -7.94 -21.75 29.90
CA PHE J 4 -7.97 -23.21 29.98
C PHE J 4 -7.65 -23.76 28.59
N PRO J 5 -7.51 -25.08 28.44
CA PRO J 5 -7.30 -25.64 27.09
C PRO J 5 -8.50 -25.41 26.19
N GLY J 6 -8.25 -24.87 25.00
CA GLY J 6 -9.24 -24.82 23.95
C GLY J 6 -9.92 -23.48 23.73
N GLN J 7 -10.15 -22.69 24.78
CA GLN J 7 -10.88 -21.46 24.55
C GLN J 7 -10.00 -20.45 23.81
N PRO J 8 -10.60 -19.50 23.12
CA PRO J 8 -9.81 -18.42 22.52
C PRO J 8 -9.23 -17.53 23.60
N PHE J 9 -8.32 -16.66 23.17
CA PHE J 9 -7.77 -15.66 24.08
C PHE J 9 -8.82 -14.59 24.36
N GLY J 10 -8.82 -14.09 25.60
CA GLY J 10 -9.78 -13.07 25.98
C GLY J 10 -11.20 -13.55 26.15
N GLN J 11 -11.41 -14.86 26.28
CA GLN J 11 -12.75 -15.39 26.52
C GLN J 11 -13.09 -15.25 28.00
N PRO J 12 -14.20 -14.62 28.36
CA PRO J 12 -14.55 -14.46 29.77
C PRO J 12 -14.81 -15.81 30.42
N PRO J 13 -14.09 -16.12 31.51
CA PRO J 13 -14.24 -17.41 32.21
C PRO J 13 -15.52 -17.50 33.05
N PRO K 1 31.03 -6.82 26.99
CA PRO K 1 30.15 -6.96 25.83
C PRO K 1 28.73 -6.48 26.11
N VAL K 2 28.31 -5.40 25.44
CA VAL K 2 26.94 -4.92 25.58
C VAL K 2 25.96 -5.90 24.96
N LEU K 3 26.29 -6.43 23.78
CA LEU K 3 25.51 -7.45 23.11
C LEU K 3 26.30 -8.74 23.05
N PHE K 4 25.70 -9.84 23.50
CA PHE K 4 26.32 -11.15 23.54
C PHE K 4 25.96 -11.96 22.31
N PRO K 5 26.77 -12.96 21.96
CA PRO K 5 26.44 -13.79 20.79
C PRO K 5 25.12 -14.53 20.98
N GLY K 6 24.26 -14.45 19.97
CA GLY K 6 22.96 -15.09 20.01
C GLY K 6 21.88 -14.32 20.72
N GLN K 7 22.23 -13.38 21.59
CA GLN K 7 21.23 -12.58 22.29
C GLN K 7 20.71 -11.47 21.37
N PRO K 8 19.42 -11.16 21.43
CA PRO K 8 18.85 -10.16 20.52
C PRO K 8 19.30 -8.76 20.87
N PHE K 9 19.07 -7.85 19.93
CA PHE K 9 19.32 -6.43 20.17
C PHE K 9 18.33 -5.89 21.19
N GLY K 10 18.83 -5.09 22.13
CA GLY K 10 17.99 -4.60 23.21
C GLY K 10 17.73 -5.61 24.29
N GLN K 11 18.59 -6.62 24.44
CA GLN K 11 18.41 -7.64 25.46
C GLN K 11 18.89 -7.14 26.81
N PRO K 12 18.05 -7.15 27.84
CA PRO K 12 18.51 -6.77 29.18
C PRO K 12 19.49 -7.80 29.72
N PRO K 13 20.73 -7.39 30.02
CA PRO K 13 21.77 -8.30 30.50
C PRO K 13 21.49 -8.84 31.91
N PRO L 1 36.88 18.65 -5.89
CA PRO L 1 35.75 17.71 -5.91
C PRO L 1 35.02 17.63 -4.57
N VAL L 2 33.82 18.20 -4.52
CA VAL L 2 33.01 18.09 -3.30
C VAL L 2 32.55 16.65 -3.08
N LEU L 3 32.35 15.90 -4.17
CA LEU L 3 31.98 14.49 -4.10
C LEU L 3 33.05 13.68 -4.81
N PHE L 4 33.54 12.64 -4.14
CA PHE L 4 34.64 11.86 -4.64
C PHE L 4 34.14 10.55 -5.25
N PRO L 5 34.91 9.96 -6.17
CA PRO L 5 34.48 8.69 -6.78
C PRO L 5 34.29 7.61 -5.74
N GLY L 6 33.14 6.95 -5.79
CA GLY L 6 32.86 5.83 -4.92
C GLY L 6 32.23 6.25 -3.61
N GLN L 7 32.53 7.47 -3.16
CA GLN L 7 32.04 7.91 -1.87
C GLN L 7 30.59 8.37 -1.99
N PRO L 8 29.77 8.12 -0.97
CA PRO L 8 28.33 8.41 -1.08
C PRO L 8 28.04 9.89 -1.05
N PHE L 9 26.83 10.23 -1.50
CA PHE L 9 26.36 11.59 -1.42
C PHE L 9 26.15 11.99 0.04
N GLY L 10 26.31 13.27 0.35
CA GLY L 10 26.11 13.71 1.73
C GLY L 10 27.14 13.08 2.65
N GLN L 11 28.38 12.94 2.16
CA GLN L 11 29.49 12.38 2.96
C GLN L 11 30.38 13.50 3.48
N PRO L 12 30.68 13.57 4.80
CA PRO L 12 31.58 14.59 5.34
C PRO L 12 33.01 14.42 4.82
N PRO L 13 33.54 15.36 4.01
CA PRO L 13 34.87 15.23 3.41
C PRO L 13 36.00 15.40 4.41
N LEU L 14 37.24 15.49 3.90
CA LEU L 14 38.44 15.68 4.71
C LEU L 14 38.63 14.58 5.76
C1 IHP M . 2.88 -2.91 -4.08
C2 IHP M . 2.40 -3.45 -2.70
C3 IHP M . 2.29 -2.32 -1.65
C4 IHP M . 1.41 -1.16 -2.14
C5 IHP M . 2.00 -0.53 -3.41
C6 IHP M . 2.27 -1.56 -4.53
O11 IHP M . 4.29 -2.84 -4.11
P1 IHP M . 5.15 -4.12 -4.72
O21 IHP M . 6.37 -4.36 -3.86
O31 IHP M . 4.29 -5.36 -4.72
O41 IHP M . 5.59 -3.83 -6.13
O12 IHP M . 3.23 -4.52 -2.27
P2 IHP M . 4.49 -4.37 -1.21
O22 IHP M . 4.00 -4.40 0.22
O32 IHP M . 5.28 -3.10 -1.45
O42 IHP M . 5.42 -5.56 -1.39
O13 IHP M . 1.93 -2.82 -0.37
P3 IHP M . 0.38 -3.18 0.11
O23 IHP M . -0.34 -3.94 -0.99
O33 IHP M . 0.45 -4.05 1.34
O43 IHP M . -0.34 -1.90 0.44
O14 IHP M . 0.02 -1.47 -2.23
P4 IHP M . -0.90 -1.99 -3.52
O24 IHP M . -0.43 -3.34 -4.00
O34 IHP M . -2.33 -2.13 -3.07
O44 IHP M . -0.87 -1.01 -4.66
O15 IHP M . 1.11 0.49 -3.82
P5 IHP M . 0.84 1.87 -2.94
O25 IHP M . 2.10 2.71 -2.93
O35 IHP M . 0.42 1.57 -1.52
O45 IHP M . -0.28 2.65 -3.59
O16 IHP M . 3.10 -1.01 -5.52
P6 IHP M . 2.49 0.14 -6.55
O26 IHP M . 2.91 1.51 -6.06
O36 IHP M . 3.01 -0.10 -7.93
O46 IHP M . 0.98 0.07 -6.56
C1 IHP N . -1.70 7.14 6.73
C2 IHP N . -2.17 5.75 6.27
C3 IHP N . -2.35 5.68 4.74
C4 IHP N . -1.48 6.73 4.00
C5 IHP N . -1.98 8.14 4.38
C6 IHP N . -2.34 8.25 5.88
O11 IHP N . -1.98 7.40 8.09
P1 IHP N . -1.61 6.37 9.33
O21 IHP N . -2.88 5.72 9.81
O31 IHP N . -0.62 5.31 8.90
O41 IHP N . -1.01 7.17 10.46
O12 IHP N . -3.34 5.44 7.00
P2 IHP N . -4.69 4.72 6.39
O22 IHP N . -4.34 3.43 5.71
O32 IHP N . -5.39 5.66 5.44
O42 IHP N . -5.62 4.43 7.55
O13 IHP N . -2.12 4.38 4.27
P3 IHP N . -2.60 3.89 2.76
O23 IHP N . -1.55 2.95 2.19
O33 IHP N . -3.91 3.15 2.87
O43 IHP N . -2.76 5.06 1.82
O14 IHP N . -0.08 6.72 4.21
P4 IHP N . 0.92 5.44 4.58
O24 IHP N . 0.37 4.08 4.21
O34 IHP N . 2.20 5.60 3.79
O44 IHP N . 1.26 5.47 6.05
O15 IHP N . -1.00 9.10 4.05
P5 IHP N . -1.43 10.70 3.93
O25 IHP N . -1.67 11.28 5.31
O35 IHP N . -0.31 11.46 3.25
O45 IHP N . -2.69 10.83 3.11
O16 IHP N . -3.74 8.21 5.98
P6 IHP N . -4.50 8.77 7.34
O26 IHP N . -3.57 9.68 8.11
O36 IHP N . -4.90 7.59 8.19
O46 IHP N . -5.73 9.54 6.93
#